data_4GWI
# 
_entry.id   4GWI 
# 
_audit_conform.dict_name       mmcif_pdbx.dic 
_audit_conform.dict_version    5.388 
_audit_conform.dict_location   http://mmcif.pdb.org/dictionaries/ascii/mmcif_pdbx.dic 
# 
loop_
_database_2.database_id 
_database_2.database_code 
_database_2.pdbx_database_accession 
_database_2.pdbx_DOI 
PDB   4GWI         pdb_00004gwi 10.2210/pdb4gwi/pdb 
RCSB  RCSB074720   ?            ?                   
WWPDB D_1000074720 ?            ?                   
# 
loop_
_pdbx_audit_revision_history.ordinal 
_pdbx_audit_revision_history.data_content_type 
_pdbx_audit_revision_history.major_revision 
_pdbx_audit_revision_history.minor_revision 
_pdbx_audit_revision_history.revision_date 
1 'Structure model' 1 0 2012-11-21 
2 'Structure model' 1 1 2014-03-12 
3 'Structure model' 1 2 2017-11-15 
4 'Structure model' 2 0 2020-07-29 
5 'Structure model' 2 1 2024-03-20 
# 
loop_
_pdbx_audit_revision_details.ordinal 
_pdbx_audit_revision_details.revision_ordinal 
_pdbx_audit_revision_details.data_content_type 
_pdbx_audit_revision_details.provider 
_pdbx_audit_revision_details.type 
_pdbx_audit_revision_details.description 
_pdbx_audit_revision_details.details 
1 1 'Structure model' repository 'Initial release' ?                          ? 
2 4 'Structure model' repository Remediation       'Carbohydrate remediation' ? 
# 
loop_
_pdbx_audit_revision_group.ordinal 
_pdbx_audit_revision_group.revision_ordinal 
_pdbx_audit_revision_group.data_content_type 
_pdbx_audit_revision_group.group 
1  2 'Structure model' 'Database references'     
2  3 'Structure model' 'Refinement description'  
3  4 'Structure model' Advisory                  
4  4 'Structure model' 'Atomic model'            
5  4 'Structure model' 'Data collection'         
6  4 'Structure model' 'Database references'     
7  4 'Structure model' 'Derived calculations'    
8  4 'Structure model' 'Non-polymer description' 
9  4 'Structure model' 'Structure summary'       
10 5 'Structure model' 'Data collection'         
11 5 'Structure model' 'Database references'     
12 5 'Structure model' 'Structure summary'       
# 
loop_
_pdbx_audit_revision_category.ordinal 
_pdbx_audit_revision_category.revision_ordinal 
_pdbx_audit_revision_category.data_content_type 
_pdbx_audit_revision_category.category 
1  3 'Structure model' software                      
2  4 'Structure model' atom_site                     
3  4 'Structure model' chem_comp                     
4  4 'Structure model' entity                        
5  4 'Structure model' entity_name_com               
6  4 'Structure model' pdbx_branch_scheme            
7  4 'Structure model' pdbx_chem_comp_identifier     
8  4 'Structure model' pdbx_entity_branch            
9  4 'Structure model' pdbx_entity_branch_descriptor 
10 4 'Structure model' pdbx_entity_branch_link       
11 4 'Structure model' pdbx_entity_branch_list       
12 4 'Structure model' pdbx_entity_nonpoly           
13 4 'Structure model' pdbx_molecule_features        
14 4 'Structure model' pdbx_nonpoly_scheme           
15 4 'Structure model' pdbx_struct_conn_angle        
16 4 'Structure model' pdbx_validate_close_contact   
17 4 'Structure model' struct_asym                   
18 4 'Structure model' struct_conn                   
19 4 'Structure model' struct_conn_type              
20 4 'Structure model' struct_ref_seq_dif            
21 4 'Structure model' struct_site                   
22 4 'Structure model' struct_site_gen               
23 5 'Structure model' chem_comp                     
24 5 'Structure model' chem_comp_atom                
25 5 'Structure model' chem_comp_bond                
26 5 'Structure model' database_2                    
# 
loop_
_pdbx_audit_revision_item.ordinal 
_pdbx_audit_revision_item.revision_ordinal 
_pdbx_audit_revision_item.data_content_type 
_pdbx_audit_revision_item.item 
1  4 'Structure model' '_atom_site.B_iso_or_equiv'                   
2  4 'Structure model' '_atom_site.Cartn_x'                          
3  4 'Structure model' '_atom_site.Cartn_y'                          
4  4 'Structure model' '_atom_site.Cartn_z'                          
5  4 'Structure model' '_atom_site.auth_asym_id'                     
6  4 'Structure model' '_atom_site.auth_atom_id'                     
7  4 'Structure model' '_atom_site.auth_comp_id'                     
8  4 'Structure model' '_atom_site.auth_seq_id'                      
9  4 'Structure model' '_atom_site.label_asym_id'                    
10 4 'Structure model' '_atom_site.label_atom_id'                    
11 4 'Structure model' '_atom_site.label_comp_id'                    
12 4 'Structure model' '_atom_site.label_entity_id'                  
13 4 'Structure model' '_atom_site.occupancy'                        
14 4 'Structure model' '_atom_site.type_symbol'                      
15 4 'Structure model' '_chem_comp.formula'                          
16 4 'Structure model' '_chem_comp.formula_weight'                   
17 4 'Structure model' '_chem_comp.id'                               
18 4 'Structure model' '_chem_comp.mon_nstd_flag'                    
19 4 'Structure model' '_chem_comp.name'                             
20 4 'Structure model' '_chem_comp.pdbx_synonyms'                    
21 4 'Structure model' '_chem_comp.type'                             
22 4 'Structure model' '_entity.formula_weight'                      
23 4 'Structure model' '_entity.pdbx_description'                    
24 4 'Structure model' '_entity.pdbx_number_of_molecules'            
25 4 'Structure model' '_entity.src_method'                          
26 4 'Structure model' '_entity.type'                                
27 4 'Structure model' '_pdbx_struct_conn_angle.ptnr1_auth_comp_id'  
28 4 'Structure model' '_pdbx_struct_conn_angle.ptnr1_auth_seq_id'   
29 4 'Structure model' '_pdbx_struct_conn_angle.ptnr1_label_asym_id' 
30 4 'Structure model' '_pdbx_struct_conn_angle.ptnr1_label_atom_id' 
31 4 'Structure model' '_pdbx_struct_conn_angle.ptnr1_label_comp_id' 
32 4 'Structure model' '_pdbx_struct_conn_angle.ptnr1_label_seq_id'  
33 4 'Structure model' '_pdbx_struct_conn_angle.ptnr2_auth_comp_id'  
34 4 'Structure model' '_pdbx_struct_conn_angle.ptnr2_auth_seq_id'   
35 4 'Structure model' '_pdbx_struct_conn_angle.ptnr2_label_asym_id' 
36 4 'Structure model' '_pdbx_struct_conn_angle.ptnr2_label_atom_id' 
37 4 'Structure model' '_pdbx_struct_conn_angle.ptnr2_label_comp_id' 
38 4 'Structure model' '_pdbx_struct_conn_angle.ptnr3_auth_comp_id'  
39 4 'Structure model' '_pdbx_struct_conn_angle.ptnr3_auth_seq_id'   
40 4 'Structure model' '_pdbx_struct_conn_angle.ptnr3_label_asym_id' 
41 4 'Structure model' '_pdbx_struct_conn_angle.ptnr3_label_atom_id' 
42 4 'Structure model' '_pdbx_struct_conn_angle.ptnr3_label_comp_id' 
43 4 'Structure model' '_pdbx_struct_conn_angle.ptnr3_label_seq_id'  
44 4 'Structure model' '_pdbx_struct_conn_angle.value'               
45 4 'Structure model' '_struct_asym.entity_id'                      
46 4 'Structure model' '_struct_ref_seq_dif.details'                 
47 5 'Structure model' '_chem_comp.pdbx_synonyms'                    
48 5 'Structure model' '_database_2.pdbx_DOI'                        
49 5 'Structure model' '_database_2.pdbx_database_accession'         
# 
_pdbx_database_status.entry_id                        4GWI 
_pdbx_database_status.status_code                     REL 
_pdbx_database_status.methods_development_category    ? 
_pdbx_database_status.deposit_site                    RCSB 
_pdbx_database_status.process_site                    PDBJ 
_pdbx_database_status.recvd_initial_deposition_date   2012-09-03 
_pdbx_database_status.status_code_sf                  REL 
_pdbx_database_status.status_code_mr                  ? 
_pdbx_database_status.SG_entry                        ? 
_pdbx_database_status.status_code_cs                  ? 
_pdbx_database_status.pdb_format_compatible           Y 
_pdbx_database_status.status_code_nmr_data            ? 
# 
loop_
_pdbx_database_related.db_name 
_pdbx_database_related.db_id 
_pdbx_database_related.details 
_pdbx_database_related.content_type 
PDB 3LEK 'lectin binding domain complexed with Lewis B'  unspecified 
PDB 3LEG 'lectin binding domain complexed with Lewis Y'  unspecified 
PDB 3LEI 'lectin binding domain complexed with fucose'   unspecified 
PDB 3LEO 'lectin binding domain complexed with glycerol' unspecified 
PDB 3GWJ 'lectin binding domain complexed with lewis b'  unspecified 
# 
_audit_author.name           'Feil, S.C.' 
_audit_author.pdbx_ordinal   1 
# 
_citation.id                        primary 
_citation.title                     
'Manipulating the Lewis antigen specificity of the cholesterol-dependent cytolysin lectinolysin' 
_citation.journal_abbrev            'Front Immunol' 
_citation.journal_volume            3 
_citation.page_first                330 
_citation.page_last                 330 
_citation.year                      2012 
_citation.journal_id_ASTM           ? 
_citation.country                   CH 
_citation.journal_id_ISSN           1664-3224 
_citation.journal_id_CSD            ? 
_citation.book_publisher            ? 
_citation.pdbx_database_id_PubMed   23181061 
_citation.pdbx_database_id_DOI      10.3389/fimmu.2012.00330 
# 
loop_
_citation_author.citation_id 
_citation_author.name 
_citation_author.ordinal 
_citation_author.identifier_ORCID 
primary 'Lawrence, S.L.' 1 ? 
primary 'Feil, S.C.'     2 ? 
primary 'Holien, J.K.'   3 ? 
primary 'Kuiper, M.J.'   4 ? 
primary 'Doughty, L.'    5 ? 
primary 'Dolezal, O.'    6 ? 
primary 'Mulhern, T.D.'  7 ? 
primary 'Tweten, R.K.'   8 ? 
primary 'Parker, M.W.'   9 ? 
# 
loop_
_entity.id 
_entity.type 
_entity.src_method 
_entity.pdbx_description 
_entity.formula_weight 
_entity.pdbx_number_of_molecules 
_entity.pdbx_ec 
_entity.pdbx_mutation 
_entity.pdbx_fragment 
_entity.details 
1 polymer     man 'Platelet aggregation factor Sm-hPAF' 16842.453 1   ? 'Y62H, Q190C' 'lectin binding domain, UNP residues 38-190' 
? 
2 branched    man 
'alpha-L-fucopyranose-(1-2)-beta-D-galactopyranose-(1-4)-[alpha-L-fucopyranose-(1-3)]2-acetamido-2-deoxy-beta-D-glucopyranose' 
675.630   1   ? ?             ?                                            ? 
3 non-polymer syn 'MAGNESIUM ION' 24.305    2   ? ?             ?                                            ? 
4 non-polymer syn GLYCEROL 92.094    1   ? ?             ?                                            ? 
5 non-polymer syn 'CALCIUM ION' 40.078    1   ? ?             ?                                            ? 
6 water       nat water 18.015    140 ? ?             ?                                            ? 
# 
loop_
_entity_name_com.entity_id 
_entity_name_com.name 
1 lectinolysin                   
2 'Lewis Y antigen, beta anomer' 
# 
_entity_poly.entity_id                      1 
_entity_poly.type                           'polypeptide(L)' 
_entity_poly.nstd_linkage                   no 
_entity_poly.nstd_monomer                   no 
_entity_poly.pdbx_seq_one_letter_code       
;EQGNRPVETENIARGKQASQSSTAHGGAATRAVDGNVDSDYGHHSVTHTNFEDNAWWQVDLGKTENVGKVKLYNRGDGNV
ANRLSNFDVVLLNEAKQEVARQHFDSLNGKAELEVFFTAKDARYVKVELKTKNTPLSLAEVEVFRSATTQVGC
;
_entity_poly.pdbx_seq_one_letter_code_can   
;EQGNRPVETENIARGKQASQSSTAHGGAATRAVDGNVDSDYGHHSVTHTNFEDNAWWQVDLGKTENVGKVKLYNRGDGNV
ANRLSNFDVVLLNEAKQEVARQHFDSLNGKAELEVFFTAKDARYVKVELKTKNTPLSLAEVEVFRSATTQVGC
;
_entity_poly.pdbx_strand_id                 A 
_entity_poly.pdbx_target_identifier         ? 
# 
loop_
_pdbx_entity_nonpoly.entity_id 
_pdbx_entity_nonpoly.name 
_pdbx_entity_nonpoly.comp_id 
3 'MAGNESIUM ION' MG  
4 GLYCEROL        GOL 
5 'CALCIUM ION'   CA  
6 water           HOH 
# 
loop_
_entity_poly_seq.entity_id 
_entity_poly_seq.num 
_entity_poly_seq.mon_id 
_entity_poly_seq.hetero 
1 1   GLU n 
1 2   GLN n 
1 3   GLY n 
1 4   ASN n 
1 5   ARG n 
1 6   PRO n 
1 7   VAL n 
1 8   GLU n 
1 9   THR n 
1 10  GLU n 
1 11  ASN n 
1 12  ILE n 
1 13  ALA n 
1 14  ARG n 
1 15  GLY n 
1 16  LYS n 
1 17  GLN n 
1 18  ALA n 
1 19  SER n 
1 20  GLN n 
1 21  SER n 
1 22  SER n 
1 23  THR n 
1 24  ALA n 
1 25  HIS n 
1 26  GLY n 
1 27  GLY n 
1 28  ALA n 
1 29  ALA n 
1 30  THR n 
1 31  ARG n 
1 32  ALA n 
1 33  VAL n 
1 34  ASP n 
1 35  GLY n 
1 36  ASN n 
1 37  VAL n 
1 38  ASP n 
1 39  SER n 
1 40  ASP n 
1 41  TYR n 
1 42  GLY n 
1 43  HIS n 
1 44  HIS n 
1 45  SER n 
1 46  VAL n 
1 47  THR n 
1 48  HIS n 
1 49  THR n 
1 50  ASN n 
1 51  PHE n 
1 52  GLU n 
1 53  ASP n 
1 54  ASN n 
1 55  ALA n 
1 56  TRP n 
1 57  TRP n 
1 58  GLN n 
1 59  VAL n 
1 60  ASP n 
1 61  LEU n 
1 62  GLY n 
1 63  LYS n 
1 64  THR n 
1 65  GLU n 
1 66  ASN n 
1 67  VAL n 
1 68  GLY n 
1 69  LYS n 
1 70  VAL n 
1 71  LYS n 
1 72  LEU n 
1 73  TYR n 
1 74  ASN n 
1 75  ARG n 
1 76  GLY n 
1 77  ASP n 
1 78  GLY n 
1 79  ASN n 
1 80  VAL n 
1 81  ALA n 
1 82  ASN n 
1 83  ARG n 
1 84  LEU n 
1 85  SER n 
1 86  ASN n 
1 87  PHE n 
1 88  ASP n 
1 89  VAL n 
1 90  VAL n 
1 91  LEU n 
1 92  LEU n 
1 93  ASN n 
1 94  GLU n 
1 95  ALA n 
1 96  LYS n 
1 97  GLN n 
1 98  GLU n 
1 99  VAL n 
1 100 ALA n 
1 101 ARG n 
1 102 GLN n 
1 103 HIS n 
1 104 PHE n 
1 105 ASP n 
1 106 SER n 
1 107 LEU n 
1 108 ASN n 
1 109 GLY n 
1 110 LYS n 
1 111 ALA n 
1 112 GLU n 
1 113 LEU n 
1 114 GLU n 
1 115 VAL n 
1 116 PHE n 
1 117 PHE n 
1 118 THR n 
1 119 ALA n 
1 120 LYS n 
1 121 ASP n 
1 122 ALA n 
1 123 ARG n 
1 124 TYR n 
1 125 VAL n 
1 126 LYS n 
1 127 VAL n 
1 128 GLU n 
1 129 LEU n 
1 130 LYS n 
1 131 THR n 
1 132 LYS n 
1 133 ASN n 
1 134 THR n 
1 135 PRO n 
1 136 LEU n 
1 137 SER n 
1 138 LEU n 
1 139 ALA n 
1 140 GLU n 
1 141 VAL n 
1 142 GLU n 
1 143 VAL n 
1 144 PHE n 
1 145 ARG n 
1 146 SER n 
1 147 ALA n 
1 148 THR n 
1 149 THR n 
1 150 GLN n 
1 151 VAL n 
1 152 GLY n 
1 153 CYS n 
# 
_entity_src_gen.entity_id                          1 
_entity_src_gen.pdbx_src_id                        1 
_entity_src_gen.pdbx_alt_source_flag               sample 
_entity_src_gen.pdbx_seq_type                      ? 
_entity_src_gen.pdbx_beg_seq_num                   ? 
_entity_src_gen.pdbx_end_seq_num                   ? 
_entity_src_gen.gene_src_common_name               ? 
_entity_src_gen.gene_src_genus                     ? 
_entity_src_gen.pdbx_gene_src_gene                 samhpaf 
_entity_src_gen.gene_src_species                   ? 
_entity_src_gen.gene_src_strain                    Nm-65 
_entity_src_gen.gene_src_tissue                    ? 
_entity_src_gen.gene_src_tissue_fraction           ? 
_entity_src_gen.gene_src_details                   ? 
_entity_src_gen.pdbx_gene_src_fragment             ? 
_entity_src_gen.pdbx_gene_src_scientific_name      'Streptococcus mitis' 
_entity_src_gen.pdbx_gene_src_ncbi_taxonomy_id     28037 
_entity_src_gen.pdbx_gene_src_variant              ? 
_entity_src_gen.pdbx_gene_src_cell_line            ? 
_entity_src_gen.pdbx_gene_src_atcc                 ? 
_entity_src_gen.pdbx_gene_src_organ                ? 
_entity_src_gen.pdbx_gene_src_organelle            ? 
_entity_src_gen.pdbx_gene_src_cell                 ? 
_entity_src_gen.pdbx_gene_src_cellular_location    ? 
_entity_src_gen.host_org_common_name               ? 
_entity_src_gen.pdbx_host_org_scientific_name      'Escherichia coli' 
_entity_src_gen.pdbx_host_org_ncbi_taxonomy_id     562 
_entity_src_gen.host_org_genus                     ? 
_entity_src_gen.pdbx_host_org_gene                 ? 
_entity_src_gen.pdbx_host_org_organ                ? 
_entity_src_gen.host_org_species                   ? 
_entity_src_gen.pdbx_host_org_tissue               ? 
_entity_src_gen.pdbx_host_org_tissue_fraction      ? 
_entity_src_gen.pdbx_host_org_strain               'BL21(DE3)' 
_entity_src_gen.pdbx_host_org_variant              ? 
_entity_src_gen.pdbx_host_org_cell_line            ? 
_entity_src_gen.pdbx_host_org_atcc                 ? 
_entity_src_gen.pdbx_host_org_culture_collection   ? 
_entity_src_gen.pdbx_host_org_cell                 ? 
_entity_src_gen.pdbx_host_org_organelle            ? 
_entity_src_gen.pdbx_host_org_cellular_location    ? 
_entity_src_gen.pdbx_host_org_vector_type          plasmid 
_entity_src_gen.pdbx_host_org_vector               ? 
_entity_src_gen.host_org_details                   ? 
_entity_src_gen.expression_system_id               ? 
_entity_src_gen.plasmid_name                       pMSg67 
_entity_src_gen.plasmid_details                    ? 
_entity_src_gen.pdbx_description                   ? 
# 
_pdbx_entity_branch.entity_id   2 
_pdbx_entity_branch.type        oligosaccharide 
# 
loop_
_pdbx_entity_branch_descriptor.ordinal 
_pdbx_entity_branch_descriptor.entity_id 
_pdbx_entity_branch_descriptor.descriptor 
_pdbx_entity_branch_descriptor.type 
_pdbx_entity_branch_descriptor.program 
_pdbx_entity_branch_descriptor.program_version 
1 2 'LFucpa1-2DGalpb1-4[LFucpa1-3]DGlcpNAcb1-ROH'                                                       
'Glycam Condensed Sequence' GMML       1.0   
2 2 'WURCS=2.0/3,4,3/[a2122h-1b_1-5_2*NCC/3=O][a1221m-1a_1-5][a2112h-1b_1-5]/1-2-3-2/a3-b1_a4-c1_c2-d1' WURCS PDB2Glycan 1.1.0 
3 2 '[][b-D-GlcpNAc]{[(3+1)][a-L-Fucp]{}[(4+1)][b-D-Galp]{[(2+1)][a-L-Fucp]{}}}'                        LINUCS PDB-CARE   ?     
# 
loop_
_pdbx_entity_branch_link.link_id 
_pdbx_entity_branch_link.entity_id 
_pdbx_entity_branch_link.entity_branch_list_num_1 
_pdbx_entity_branch_link.comp_id_1 
_pdbx_entity_branch_link.atom_id_1 
_pdbx_entity_branch_link.leaving_atom_id_1 
_pdbx_entity_branch_link.entity_branch_list_num_2 
_pdbx_entity_branch_link.comp_id_2 
_pdbx_entity_branch_link.atom_id_2 
_pdbx_entity_branch_link.leaving_atom_id_2 
_pdbx_entity_branch_link.value_order 
_pdbx_entity_branch_link.details 
1 2 2 GAL C1 O1 1 NAG O4 HO4 sing ? 
2 2 3 FUC C1 O1 2 GAL O2 HO2 sing ? 
3 2 4 FUC C1 O1 1 NAG O3 HO3 sing ? 
# 
loop_
_chem_comp.id 
_chem_comp.type 
_chem_comp.mon_nstd_flag 
_chem_comp.name 
_chem_comp.pdbx_synonyms 
_chem_comp.formula 
_chem_comp.formula_weight 
ALA 'L-peptide linking'           y ALANINE                                  ? 'C3 H7 N O2'     89.093  
ARG 'L-peptide linking'           y ARGININE                                 ? 'C6 H15 N4 O2 1' 175.209 
ASN 'L-peptide linking'           y ASPARAGINE                               ? 'C4 H8 N2 O3'    132.118 
ASP 'L-peptide linking'           y 'ASPARTIC ACID'                          ? 'C4 H7 N O4'     133.103 
CA  non-polymer                   . 'CALCIUM ION'                            ? 'Ca 2'           40.078  
CYS 'L-peptide linking'           y CYSTEINE                                 ? 'C3 H7 N O2 S'   121.158 
FUC 'L-saccharide, alpha linking' . alpha-L-fucopyranose                     
'alpha-L-fucose; 6-deoxy-alpha-L-galactopyranose; L-fucose; fucose' 'C6 H12 O5'      164.156 
GAL 'D-saccharide, beta linking'  . beta-D-galactopyranose                   'beta-D-galactose; D-galactose; galactose' 
'C6 H12 O6'      180.156 
GLN 'L-peptide linking'           y GLUTAMINE                                ? 'C5 H10 N2 O3'   146.144 
GLU 'L-peptide linking'           y 'GLUTAMIC ACID'                          ? 'C5 H9 N O4'     147.129 
GLY 'peptide linking'             y GLYCINE                                  ? 'C2 H5 N O2'     75.067  
GOL non-polymer                   . GLYCEROL                                 'GLYCERIN; PROPANE-1,2,3-TRIOL' 'C3 H8 O3'       
92.094  
HIS 'L-peptide linking'           y HISTIDINE                                ? 'C6 H10 N3 O2 1' 156.162 
HOH non-polymer                   . WATER                                    ? 'H2 O'           18.015  
ILE 'L-peptide linking'           y ISOLEUCINE                               ? 'C6 H13 N O2'    131.173 
LEU 'L-peptide linking'           y LEUCINE                                  ? 'C6 H13 N O2'    131.173 
LYS 'L-peptide linking'           y LYSINE                                   ? 'C6 H15 N2 O2 1' 147.195 
MG  non-polymer                   . 'MAGNESIUM ION'                          ? 'Mg 2'           24.305  
NAG 'D-saccharide, beta linking'  . 2-acetamido-2-deoxy-beta-D-glucopyranose 
;N-acetyl-beta-D-glucosamine; 2-acetamido-2-deoxy-beta-D-glucose; 2-acetamido-2-deoxy-D-glucose; 2-acetamido-2-deoxy-glucose; N-ACETYL-D-GLUCOSAMINE
;
'C8 H15 N O6'    221.208 
PHE 'L-peptide linking'           y PHENYLALANINE                            ? 'C9 H11 N O2'    165.189 
PRO 'L-peptide linking'           y PROLINE                                  ? 'C5 H9 N O2'     115.130 
SER 'L-peptide linking'           y SERINE                                   ? 'C3 H7 N O3'     105.093 
THR 'L-peptide linking'           y THREONINE                                ? 'C4 H9 N O3'     119.119 
TRP 'L-peptide linking'           y TRYPTOPHAN                               ? 'C11 H12 N2 O2'  204.225 
TYR 'L-peptide linking'           y TYROSINE                                 ? 'C9 H11 N O3'    181.189 
VAL 'L-peptide linking'           y VALINE                                   ? 'C5 H11 N O2'    117.146 
# 
loop_
_pdbx_chem_comp_identifier.comp_id 
_pdbx_chem_comp_identifier.type 
_pdbx_chem_comp_identifier.program 
_pdbx_chem_comp_identifier.program_version 
_pdbx_chem_comp_identifier.identifier 
FUC 'CONDENSED IUPAC CARBOHYDRATE SYMBOL' GMML     1.0 LFucpa                         
FUC 'COMMON NAME'                         GMML     1.0 a-L-fucopyranose               
FUC 'IUPAC CARBOHYDRATE SYMBOL'           PDB-CARE 1.0 a-L-Fucp                       
FUC 'SNFG CARBOHYDRATE SYMBOL'            GMML     1.0 Fuc                            
GAL 'CONDENSED IUPAC CARBOHYDRATE SYMBOL' GMML     1.0 DGalpb                         
GAL 'COMMON NAME'                         GMML     1.0 b-D-galactopyranose            
GAL 'IUPAC CARBOHYDRATE SYMBOL'           PDB-CARE 1.0 b-D-Galp                       
GAL 'SNFG CARBOHYDRATE SYMBOL'            GMML     1.0 Gal                            
NAG 'CONDENSED IUPAC CARBOHYDRATE SYMBOL' GMML     1.0 DGlcpNAcb                      
NAG 'COMMON NAME'                         GMML     1.0 N-acetyl-b-D-glucopyranosamine 
NAG 'IUPAC CARBOHYDRATE SYMBOL'           PDB-CARE 1.0 b-D-GlcpNAc                    
NAG 'SNFG CARBOHYDRATE SYMBOL'            GMML     1.0 GlcNAc                         
# 
loop_
_pdbx_poly_seq_scheme.asym_id 
_pdbx_poly_seq_scheme.entity_id 
_pdbx_poly_seq_scheme.seq_id 
_pdbx_poly_seq_scheme.mon_id 
_pdbx_poly_seq_scheme.ndb_seq_num 
_pdbx_poly_seq_scheme.pdb_seq_num 
_pdbx_poly_seq_scheme.auth_seq_num 
_pdbx_poly_seq_scheme.pdb_mon_id 
_pdbx_poly_seq_scheme.auth_mon_id 
_pdbx_poly_seq_scheme.pdb_strand_id 
_pdbx_poly_seq_scheme.pdb_ins_code 
_pdbx_poly_seq_scheme.hetero 
A 1 1   GLU 1   38  ?   ?   ?   A . n 
A 1 2   GLN 2   39  ?   ?   ?   A . n 
A 1 3   GLY 3   40  ?   ?   ?   A . n 
A 1 4   ASN 4   41  41  ASN ASN A . n 
A 1 5   ARG 5   42  42  ARG ARG A . n 
A 1 6   PRO 6   43  43  PRO PRO A . n 
A 1 7   VAL 7   44  44  VAL VAL A . n 
A 1 8   GLU 8   45  45  GLU GLU A . n 
A 1 9   THR 9   46  46  THR THR A . n 
A 1 10  GLU 10  47  47  GLU GLU A . n 
A 1 11  ASN 11  48  48  ASN ASN A . n 
A 1 12  ILE 12  49  49  ILE ILE A . n 
A 1 13  ALA 13  50  50  ALA ALA A . n 
A 1 14  ARG 14  51  51  ARG ARG A . n 
A 1 15  GLY 15  52  52  GLY GLY A . n 
A 1 16  LYS 16  53  53  LYS LYS A . n 
A 1 17  GLN 17  54  54  GLN GLN A . n 
A 1 18  ALA 18  55  55  ALA ALA A . n 
A 1 19  SER 19  56  56  SER SER A . n 
A 1 20  GLN 20  57  57  GLN GLN A . n 
A 1 21  SER 21  58  58  SER SER A . n 
A 1 22  SER 22  59  59  SER SER A . n 
A 1 23  THR 23  60  60  THR THR A . n 
A 1 24  ALA 24  61  61  ALA ALA A . n 
A 1 25  HIS 25  62  62  HIS HIS A . n 
A 1 26  GLY 26  63  63  GLY GLY A . n 
A 1 27  GLY 27  64  64  GLY GLY A . n 
A 1 28  ALA 28  65  65  ALA ALA A . n 
A 1 29  ALA 29  66  66  ALA ALA A . n 
A 1 30  THR 30  67  67  THR THR A . n 
A 1 31  ARG 31  68  68  ARG ARG A . n 
A 1 32  ALA 32  69  69  ALA ALA A . n 
A 1 33  VAL 33  70  70  VAL VAL A . n 
A 1 34  ASP 34  71  71  ASP ASP A . n 
A 1 35  GLY 35  72  72  GLY GLY A . n 
A 1 36  ASN 36  73  73  ASN ASN A . n 
A 1 37  VAL 37  74  74  VAL VAL A . n 
A 1 38  ASP 38  75  75  ASP ASP A . n 
A 1 39  SER 39  76  76  SER SER A . n 
A 1 40  ASP 40  77  77  ASP ASP A . n 
A 1 41  TYR 41  78  78  TYR TYR A . n 
A 1 42  GLY 42  79  79  GLY GLY A . n 
A 1 43  HIS 43  80  80  HIS HIS A . n 
A 1 44  HIS 44  81  81  HIS HIS A . n 
A 1 45  SER 45  82  82  SER SER A . n 
A 1 46  VAL 46  83  83  VAL VAL A . n 
A 1 47  THR 47  84  84  THR THR A . n 
A 1 48  HIS 48  85  85  HIS HIS A . n 
A 1 49  THR 49  86  86  THR THR A . n 
A 1 50  ASN 50  87  87  ASN ASN A . n 
A 1 51  PHE 51  88  88  PHE PHE A . n 
A 1 52  GLU 52  89  89  GLU GLU A . n 
A 1 53  ASP 53  90  90  ASP ASP A . n 
A 1 54  ASN 54  91  91  ASN ASN A . n 
A 1 55  ALA 55  92  92  ALA ALA A . n 
A 1 56  TRP 56  93  93  TRP TRP A . n 
A 1 57  TRP 57  94  94  TRP TRP A . n 
A 1 58  GLN 58  95  95  GLN GLN A . n 
A 1 59  VAL 59  96  96  VAL VAL A . n 
A 1 60  ASP 60  97  97  ASP ASP A . n 
A 1 61  LEU 61  98  98  LEU LEU A . n 
A 1 62  GLY 62  99  99  GLY GLY A . n 
A 1 63  LYS 63  100 100 LYS LYS A . n 
A 1 64  THR 64  101 101 THR THR A . n 
A 1 65  GLU 65  102 102 GLU GLU A . n 
A 1 66  ASN 66  103 103 ASN ASN A . n 
A 1 67  VAL 67  104 104 VAL VAL A . n 
A 1 68  GLY 68  105 105 GLY GLY A . n 
A 1 69  LYS 69  106 106 LYS LYS A . n 
A 1 70  VAL 70  107 107 VAL VAL A . n 
A 1 71  LYS 71  108 108 LYS LYS A . n 
A 1 72  LEU 72  109 109 LEU LEU A . n 
A 1 73  TYR 73  110 110 TYR TYR A . n 
A 1 74  ASN 74  111 111 ASN ASN A . n 
A 1 75  ARG 75  112 112 ARG ARG A . n 
A 1 76  GLY 76  113 113 GLY GLY A . n 
A 1 77  ASP 77  114 114 ASP ASP A . n 
A 1 78  GLY 78  115 115 GLY GLY A . n 
A 1 79  ASN 79  116 116 ASN ASN A . n 
A 1 80  VAL 80  117 117 VAL VAL A . n 
A 1 81  ALA 81  118 118 ALA ALA A . n 
A 1 82  ASN 82  119 119 ASN ASN A . n 
A 1 83  ARG 83  120 120 ARG ARG A . n 
A 1 84  LEU 84  121 121 LEU LEU A . n 
A 1 85  SER 85  122 122 SER SER A . n 
A 1 86  ASN 86  123 123 ASN ASN A . n 
A 1 87  PHE 87  124 124 PHE PHE A . n 
A 1 88  ASP 88  125 125 ASP ASP A . n 
A 1 89  VAL 89  126 126 VAL VAL A . n 
A 1 90  VAL 90  127 127 VAL VAL A . n 
A 1 91  LEU 91  128 128 LEU LEU A . n 
A 1 92  LEU 92  129 129 LEU LEU A . n 
A 1 93  ASN 93  130 130 ASN ASN A . n 
A 1 94  GLU 94  131 131 GLU GLU A . n 
A 1 95  ALA 95  132 132 ALA ALA A . n 
A 1 96  LYS 96  133 133 LYS LYS A . n 
A 1 97  GLN 97  134 134 GLN GLN A . n 
A 1 98  GLU 98  135 135 GLU GLU A . n 
A 1 99  VAL 99  136 136 VAL VAL A . n 
A 1 100 ALA 100 137 137 ALA ALA A . n 
A 1 101 ARG 101 138 138 ARG ARG A . n 
A 1 102 GLN 102 139 139 GLN GLN A . n 
A 1 103 HIS 103 140 140 HIS HIS A . n 
A 1 104 PHE 104 141 141 PHE PHE A . n 
A 1 105 ASP 105 142 142 ASP ASP A . n 
A 1 106 SER 106 143 143 SER SER A . n 
A 1 107 LEU 107 144 144 LEU LEU A . n 
A 1 108 ASN 108 145 145 ASN ASN A . n 
A 1 109 GLY 109 146 146 GLY GLY A . n 
A 1 110 LYS 110 147 147 LYS LYS A . n 
A 1 111 ALA 111 148 148 ALA ALA A . n 
A 1 112 GLU 112 149 149 GLU GLU A . n 
A 1 113 LEU 113 150 150 LEU LEU A . n 
A 1 114 GLU 114 151 151 GLU GLU A . n 
A 1 115 VAL 115 152 152 VAL VAL A . n 
A 1 116 PHE 116 153 153 PHE PHE A . n 
A 1 117 PHE 117 154 154 PHE PHE A . n 
A 1 118 THR 118 155 155 THR THR A . n 
A 1 119 ALA 119 156 156 ALA ALA A . n 
A 1 120 LYS 120 157 157 LYS LYS A . n 
A 1 121 ASP 121 158 158 ASP ASP A . n 
A 1 122 ALA 122 159 159 ALA ALA A . n 
A 1 123 ARG 123 160 160 ARG ARG A . n 
A 1 124 TYR 124 161 161 TYR TYR A . n 
A 1 125 VAL 125 162 162 VAL VAL A . n 
A 1 126 LYS 126 163 163 LYS LYS A . n 
A 1 127 VAL 127 164 164 VAL VAL A . n 
A 1 128 GLU 128 165 165 GLU GLU A . n 
A 1 129 LEU 129 166 166 LEU LEU A . n 
A 1 130 LYS 130 167 167 LYS LYS A . n 
A 1 131 THR 131 168 168 THR THR A . n 
A 1 132 LYS 132 169 169 LYS LYS A . n 
A 1 133 ASN 133 170 170 ASN ASN A . n 
A 1 134 THR 134 171 171 THR THR A . n 
A 1 135 PRO 135 172 172 PRO PRO A . n 
A 1 136 LEU 136 173 173 LEU LEU A . n 
A 1 137 SER 137 174 174 SER SER A . n 
A 1 138 LEU 138 175 175 LEU LEU A . n 
A 1 139 ALA 139 176 176 ALA ALA A . n 
A 1 140 GLU 140 177 177 GLU GLU A . n 
A 1 141 VAL 141 178 178 VAL VAL A . n 
A 1 142 GLU 142 179 179 GLU GLU A . n 
A 1 143 VAL 143 180 180 VAL VAL A . n 
A 1 144 PHE 144 181 181 PHE PHE A . n 
A 1 145 ARG 145 182 182 ARG ARG A . n 
A 1 146 SER 146 183 183 SER SER A . n 
A 1 147 ALA 147 184 184 ALA ALA A . n 
A 1 148 THR 148 185 ?   ?   ?   A . n 
A 1 149 THR 149 186 ?   ?   ?   A . n 
A 1 150 GLN 150 187 ?   ?   ?   A . n 
A 1 151 VAL 151 188 ?   ?   ?   A . n 
A 1 152 GLY 152 189 ?   ?   ?   A . n 
A 1 153 CYS 153 190 ?   ?   ?   A . n 
# 
loop_
_pdbx_branch_scheme.asym_id 
_pdbx_branch_scheme.entity_id 
_pdbx_branch_scheme.mon_id 
_pdbx_branch_scheme.num 
_pdbx_branch_scheme.pdb_asym_id 
_pdbx_branch_scheme.pdb_mon_id 
_pdbx_branch_scheme.pdb_seq_num 
_pdbx_branch_scheme.auth_asym_id 
_pdbx_branch_scheme.auth_mon_id 
_pdbx_branch_scheme.auth_seq_num 
_pdbx_branch_scheme.hetero 
B 2 NAG 1 B NAG 1 B BDZ 1 n 
B 2 GAL 2 B GAL 2 B BDZ 1 n 
B 2 FUC 3 B FUC 3 B BDZ 1 n 
B 2 FUC 4 B FUC 4 B BDZ 1 n 
# 
loop_
_pdbx_nonpoly_scheme.asym_id 
_pdbx_nonpoly_scheme.entity_id 
_pdbx_nonpoly_scheme.mon_id 
_pdbx_nonpoly_scheme.ndb_seq_num 
_pdbx_nonpoly_scheme.pdb_seq_num 
_pdbx_nonpoly_scheme.auth_seq_num 
_pdbx_nonpoly_scheme.pdb_mon_id 
_pdbx_nonpoly_scheme.auth_mon_id 
_pdbx_nonpoly_scheme.pdb_strand_id 
_pdbx_nonpoly_scheme.pdb_ins_code 
C 3 MG  1   201  202  MG  MG  A . 
D 4 GOL 1   202  203  GOL GOL A . 
E 3 MG  1   203  204  MG  MG  A . 
F 5 CA  1   204  205  CA  CA  A . 
G 6 HOH 1   1101 1101 HOH HOH A . 
G 6 HOH 2   1102 1102 HOH HOH A . 
G 6 HOH 3   1103 1103 HOH HOH A . 
G 6 HOH 4   1104 1104 HOH HOH A . 
G 6 HOH 5   1105 1105 HOH HOH A . 
G 6 HOH 6   1106 1106 HOH HOH A . 
G 6 HOH 7   1107 1107 HOH HOH A . 
G 6 HOH 8   1108 1108 HOH HOH A . 
G 6 HOH 9   1109 1109 HOH HOH A . 
G 6 HOH 10  1110 1110 HOH HOH A . 
G 6 HOH 11  1111 1111 HOH HOH A . 
G 6 HOH 12  1112 1112 HOH HOH A . 
G 6 HOH 13  1113 1113 HOH HOH A . 
G 6 HOH 14  1114 1114 HOH HOH A . 
G 6 HOH 15  1115 1115 HOH HOH A . 
G 6 HOH 16  1116 1117 HOH HOH A . 
G 6 HOH 17  1117 1118 HOH HOH A . 
G 6 HOH 18  1118 1119 HOH HOH A . 
G 6 HOH 19  1119 1120 HOH HOH A . 
G 6 HOH 20  1120 1121 HOH HOH A . 
G 6 HOH 21  1121 1122 HOH HOH A . 
G 6 HOH 22  1122 1124 HOH HOH A . 
G 6 HOH 23  1123 1125 HOH HOH A . 
G 6 HOH 24  1124 1126 HOH HOH A . 
G 6 HOH 25  1125 1127 HOH HOH A . 
G 6 HOH 26  1126 1128 HOH HOH A . 
G 6 HOH 27  1127 1129 HOH HOH A . 
G 6 HOH 28  1128 1130 HOH HOH A . 
G 6 HOH 29  1129 1132 HOH HOH A . 
G 6 HOH 30  1130 1133 HOH HOH A . 
G 6 HOH 31  1131 1135 HOH HOH A . 
G 6 HOH 32  1132 1136 HOH HOH A . 
G 6 HOH 33  1133 1137 HOH HOH A . 
G 6 HOH 34  1134 1138 HOH HOH A . 
G 6 HOH 35  1135 1139 HOH HOH A . 
G 6 HOH 36  1136 1140 HOH HOH A . 
G 6 HOH 37  1137 1141 HOH HOH A . 
G 6 HOH 38  1138 1142 HOH HOH A . 
G 6 HOH 39  1139 1143 HOH HOH A . 
G 6 HOH 40  1140 1144 HOH HOH A . 
G 6 HOH 41  1141 1145 HOH HOH A . 
G 6 HOH 42  1142 1146 HOH HOH A . 
G 6 HOH 43  1143 1147 HOH HOH A . 
G 6 HOH 44  1144 1148 HOH HOH A . 
G 6 HOH 45  1145 1149 HOH HOH A . 
G 6 HOH 46  1146 1151 HOH HOH A . 
G 6 HOH 47  1147 1152 HOH HOH A . 
G 6 HOH 48  1148 1153 HOH HOH A . 
G 6 HOH 49  1149 1154 HOH HOH A . 
G 6 HOH 50  1150 1155 HOH HOH A . 
G 6 HOH 51  1151 1156 HOH HOH A . 
G 6 HOH 52  1152 1157 HOH HOH A . 
G 6 HOH 53  1153 1158 HOH HOH A . 
G 6 HOH 54  1154 1159 HOH HOH A . 
G 6 HOH 55  1155 1160 HOH HOH A . 
G 6 HOH 56  1156 1161 HOH HOH A . 
G 6 HOH 57  1157 1162 HOH HOH A . 
G 6 HOH 58  1158 1163 HOH HOH A . 
G 6 HOH 59  1159 1164 HOH HOH A . 
G 6 HOH 60  1160 1165 HOH HOH A . 
G 6 HOH 61  1161 1166 HOH HOH A . 
G 6 HOH 62  1162 1167 HOH HOH A . 
G 6 HOH 63  1163 1168 HOH HOH A . 
G 6 HOH 64  1164 1169 HOH HOH A . 
G 6 HOH 65  1165 1170 HOH HOH A . 
G 6 HOH 66  1166 1171 HOH HOH A . 
G 6 HOH 67  1167 1172 HOH HOH A . 
G 6 HOH 68  1168 1173 HOH HOH A . 
G 6 HOH 69  1169 1174 HOH HOH A . 
G 6 HOH 70  1170 1175 HOH HOH A . 
G 6 HOH 71  1171 1176 HOH HOH A . 
G 6 HOH 72  1172 1177 HOH HOH A . 
G 6 HOH 73  1173 1178 HOH HOH A . 
G 6 HOH 74  1174 1179 HOH HOH A . 
G 6 HOH 75  1175 1180 HOH HOH A . 
G 6 HOH 76  1176 1181 HOH HOH A . 
G 6 HOH 77  1177 1182 HOH HOH A . 
G 6 HOH 78  1178 1183 HOH HOH A . 
G 6 HOH 79  1179 1184 HOH HOH A . 
G 6 HOH 80  1180 1185 HOH HOH A . 
G 6 HOH 81  1181 1186 HOH HOH A . 
G 6 HOH 82  1182 1187 HOH HOH A . 
G 6 HOH 83  1183 1188 HOH HOH A . 
G 6 HOH 84  1184 1189 HOH HOH A . 
G 6 HOH 85  1185 1190 HOH HOH A . 
G 6 HOH 86  1186 1191 HOH HOH A . 
G 6 HOH 87  1187 1192 HOH HOH A . 
G 6 HOH 88  1188 1193 HOH HOH A . 
G 6 HOH 89  1189 1194 HOH HOH A . 
G 6 HOH 90  1190 1195 HOH HOH A . 
G 6 HOH 91  1191 1196 HOH HOH A . 
G 6 HOH 92  1192 1197 HOH HOH A . 
G 6 HOH 93  1193 1198 HOH HOH A . 
G 6 HOH 94  1194 1199 HOH HOH A . 
G 6 HOH 95  1195 1200 HOH HOH A . 
G 6 HOH 96  1196 1201 HOH HOH A . 
G 6 HOH 97  1197 1202 HOH HOH A . 
G 6 HOH 98  1198 1203 HOH HOH A . 
G 6 HOH 99  1199 1204 HOH HOH A . 
G 6 HOH 100 1200 1205 HOH HOH A . 
G 6 HOH 101 1201 1206 HOH HOH A . 
G 6 HOH 102 1202 1207 HOH HOH A . 
G 6 HOH 103 1203 1208 HOH HOH A . 
G 6 HOH 104 1204 1209 HOH HOH A . 
G 6 HOH 105 1205 1210 HOH HOH A . 
G 6 HOH 106 1206 1211 HOH HOH A . 
G 6 HOH 107 1207 1212 HOH HOH A . 
G 6 HOH 108 1208 1213 HOH HOH A . 
G 6 HOH 109 1209 1214 HOH HOH A . 
G 6 HOH 110 1210 1215 HOH HOH A . 
G 6 HOH 111 1211 1216 HOH HOH A . 
G 6 HOH 112 1212 1217 HOH HOH A . 
G 6 HOH 113 1213 1218 HOH HOH A . 
G 6 HOH 114 1214 1219 HOH HOH A . 
G 6 HOH 115 1215 1220 HOH HOH A . 
G 6 HOH 116 1216 1221 HOH HOH A . 
G 6 HOH 117 1217 1222 HOH HOH A . 
G 6 HOH 118 1218 1223 HOH HOH A . 
G 6 HOH 119 1219 1224 HOH HOH A . 
G 6 HOH 120 1220 1225 HOH HOH A . 
G 6 HOH 121 1221 1226 HOH HOH A . 
G 6 HOH 122 1222 1227 HOH HOH A . 
G 6 HOH 123 1223 1228 HOH HOH A . 
G 6 HOH 124 1224 1229 HOH HOH A . 
G 6 HOH 125 1225 1230 HOH HOH A . 
G 6 HOH 126 1226 1231 HOH HOH A . 
G 6 HOH 127 1227 1232 HOH HOH A . 
G 6 HOH 128 1228 1233 HOH HOH A . 
G 6 HOH 129 1229 1234 HOH HOH A . 
G 6 HOH 130 1230 1235 HOH HOH A . 
G 6 HOH 131 1231 1236 HOH HOH A . 
G 6 HOH 132 1232 1237 HOH HOH A . 
G 6 HOH 133 1233 1238 HOH HOH A . 
G 6 HOH 134 1234 1239 HOH HOH A . 
G 6 HOH 135 1235 1240 HOH HOH A . 
G 6 HOH 136 1236 1241 HOH HOH A . 
G 6 HOH 137 1237 1242 HOH HOH A . 
G 6 HOH 138 1238 1243 HOH HOH A . 
G 6 HOH 139 1239 1244 HOH HOH A . 
G 6 HOH 140 1240 1245 HOH HOH A . 
# 
loop_
_software.pdbx_ordinal 
_software.name 
_software.version 
_software.date 
_software.type 
_software.contact_author 
_software.contact_author_email 
_software.classification 
_software.location 
_software.language 
_software.citation_id 
1 DENZO       .    ?                package 'Zbyszek Otwinowski' hkl@hkl-xray.com         'data reduction'  
http://www.hkl-xray.com/                     ?          ? 
2 SCALEPACK   .    ?                package 'Zbyszek Otwinowski' hkl@hkl-xray.com         'data scaling'    
http://www.hkl-xray.com/                     ?          ? 
3 REFMAC      .    ?                program 'Garib N. Murshudov' garib@ysbl.york.ac.uk    refinement        
http://www.ccp4.ac.uk/dist/html/refmac5.html Fortran_77 ? 
4 PDB_EXTRACT 3.11 'April 22, 2011' package PDB                  deposit@deposit.rcsb.org 'data extraction' 
http://sw-tools.pdb.org/apps/PDB_EXTRACT/    C++        ? 
5 HKL-2000    .    ?                ?       ?                    ?                        'data collection' ? ?          ? 
# 
_cell.entry_id           4GWI 
_cell.length_a           67.097 
_cell.length_b           67.097 
_cell.length_c           99.432 
_cell.angle_alpha        90.00 
_cell.angle_beta         90.00 
_cell.angle_gamma        90.00 
_cell.Z_PDB              8 
_cell.pdbx_unique_axis   ? 
_cell.length_a_esd       ? 
_cell.length_b_esd       ? 
_cell.length_c_esd       ? 
_cell.angle_alpha_esd    ? 
_cell.angle_beta_esd     ? 
_cell.angle_gamma_esd    ? 
# 
_symmetry.entry_id                         4GWI 
_symmetry.space_group_name_H-M             'P 43 21 2' 
_symmetry.pdbx_full_space_group_name_H-M   ? 
_symmetry.cell_setting                     ? 
_symmetry.Int_Tables_number                96 
_symmetry.space_group_name_Hall            ? 
# 
_exptl.entry_id          4GWI 
_exptl.method            'X-RAY DIFFRACTION' 
_exptl.crystals_number   1 
# 
_exptl_crystal.id                    1 
_exptl_crystal.density_meas          ? 
_exptl_crystal.density_Matthews      3.32 
_exptl_crystal.density_percent_sol   62.98 
_exptl_crystal.description           ? 
_exptl_crystal.F_000                 ? 
_exptl_crystal.preparation           ? 
# 
_exptl_crystal_grow.crystal_id      1 
_exptl_crystal_grow.method          'VAPOR DIFFUSION, HANGING DROP' 
_exptl_crystal_grow.temp            294 
_exptl_crystal_grow.temp_details    ? 
_exptl_crystal_grow.pH              8.75 
_exptl_crystal_grow.pdbx_pH_range   ? 
_exptl_crystal_grow.pdbx_details    '2.4M MgSO4, 0.1M KCl, 0.1M Tris, pH 8.75, VAPOR DIFFUSION, HANGING DROP, temperature 294K' 
# 
_diffrn.id                     1 
_diffrn.ambient_temp           100 
_diffrn.ambient_temp_details   ? 
_diffrn.crystal_id             1 
# 
_diffrn_detector.diffrn_id              1 
_diffrn_detector.detector               CCD 
_diffrn_detector.type                   'ADSC QUANTUM 210r' 
_diffrn_detector.pdbx_collection_date   2012-06-01 
_diffrn_detector.details                mirrors 
# 
_diffrn_radiation.diffrn_id                        1 
_diffrn_radiation.wavelength_id                    1 
_diffrn_radiation.pdbx_monochromatic_or_laue_m_l   M 
_diffrn_radiation.monochromator                    ? 
_diffrn_radiation.pdbx_diffrn_protocol             'SINGLE WAVELENGTH' 
_diffrn_radiation.pdbx_scattering_type             x-ray 
# 
_diffrn_radiation_wavelength.id           1 
_diffrn_radiation_wavelength.wavelength   0.99 
_diffrn_radiation_wavelength.wt           1.0 
# 
_diffrn_source.diffrn_id                   1 
_diffrn_source.source                      SYNCHROTRON 
_diffrn_source.type                        'AUSTRALIAN SYNCHROTRON BEAMLINE MX2' 
_diffrn_source.pdbx_synchrotron_site       'Australian Synchrotron' 
_diffrn_source.pdbx_synchrotron_beamline   MX2 
_diffrn_source.pdbx_wavelength             ? 
_diffrn_source.pdbx_wavelength_list        0.99 
# 
_reflns.pdbx_diffrn_id               1 
_reflns.pdbx_ordinal                 1 
_reflns.entry_id                     4GWI 
_reflns.observed_criterion_sigma_I   2.0 
_reflns.observed_criterion_sigma_F   2.0 
_reflns.d_resolution_low             50.000 
_reflns.d_resolution_high            1.600 
_reflns.number_obs                   30563 
_reflns.number_all                   30717 
_reflns.percent_possible_obs         99.200 
_reflns.pdbx_Rmerge_I_obs            0.106 
_reflns.pdbx_Rsym_value              ? 
_reflns.pdbx_netI_over_sigmaI        17.400 
_reflns.B_iso_Wilson_estimate        ? 
_reflns.pdbx_redundancy              14.000 
_reflns.R_free_details               ? 
_reflns.limit_h_max                  ? 
_reflns.limit_h_min                  ? 
_reflns.limit_k_max                  ? 
_reflns.limit_k_min                  ? 
_reflns.limit_l_max                  ? 
_reflns.limit_l_min                  ? 
_reflns.observed_criterion_F_max     ? 
_reflns.observed_criterion_F_min     ? 
_reflns.pdbx_chi_squared             ? 
_reflns.pdbx_scaling_rejects         ? 
# 
loop_
_reflns_shell.pdbx_diffrn_id 
_reflns_shell.pdbx_ordinal 
_reflns_shell.d_res_high 
_reflns_shell.d_res_low 
_reflns_shell.percent_possible_all 
_reflns_shell.Rmerge_I_obs 
_reflns_shell.pdbx_Rsym_value 
_reflns_shell.meanI_over_sigI_obs 
_reflns_shell.pdbx_redundancy 
_reflns_shell.percent_possible_obs 
_reflns_shell.number_unique_all 
_reflns_shell.number_measured_all 
_reflns_shell.number_measured_obs 
_reflns_shell.number_unique_obs 
_reflns_shell.pdbx_chi_squared 
1 1  1.600 1.660  99.700  0.458 ? ? 13.500 ? ? ? ? ? ? 
1 2  1.660 1.720  100.000 0.335 ? ? 14.400 ? ? ? ? ? ? 
1 3  1.720 1.800  100.000 0.236 ? ? 14.400 ? ? ? ? ? ? 
1 4  1.800 1.900  100.000 0.160 ? ? 14.400 ? ? ? ? ? ? 
1 5  1.900 2.020  100.000 0.115 ? ? 14.400 ? ? ? ? ? ? 
1 6  2.020 2.170  100.000 0.089 ? ? 14.300 ? ? ? ? ? ? 
1 7  2.170 2.390  100.000 0.071 ? ? 14.300 ? ? ? ? ? ? 
1 8  2.390 2.740  100.000 0.074 ? ? 14.300 ? ? ? ? ? ? 
1 9  2.740 3.450  99.500  0.097 ? ? 13.700 ? ? ? ? ? ? 
1 10 3.450 50.000 93.700  0.115 ? ? 12.000 ? ? ? ? ? ? 
# 
_refine.pdbx_refine_id                           'X-RAY DIFFRACTION' 
_refine.entry_id                                 4GWI 
_refine.pdbx_diffrn_id                           1 
_refine.pdbx_TLS_residual_ADP_flag               ? 
_refine.ls_number_reflns_obs                     28960 
_refine.ls_number_reflns_all                     30496 
_refine.pdbx_ls_sigma_I                          ? 
_refine.pdbx_ls_sigma_F                          ? 
_refine.pdbx_data_cutoff_high_absF               ? 
_refine.pdbx_data_cutoff_low_absF                ? 
_refine.pdbx_data_cutoff_high_rms_absF           ? 
_refine.ls_d_res_low                             39.95 
_refine.ls_d_res_high                            1.60 
_refine.ls_percent_reflns_obs                    99.12 
_refine.ls_R_factor_obs                          0.16950 
_refine.ls_R_factor_all                          ? 
_refine.ls_R_factor_R_work                       0.16843 
_refine.ls_R_factor_R_free                       0.19017 
_refine.ls_R_factor_R_free_error                 ? 
_refine.ls_R_factor_R_free_error_details         ? 
_refine.ls_percent_reflns_R_free                 5.0 
_refine.ls_number_reflns_R_free                  1536 
_refine.ls_number_parameters                     ? 
_refine.ls_number_restraints                     ? 
_refine.occupancy_min                            0.500 
_refine.occupancy_max                            1.000 
_refine.correlation_coeff_Fo_to_Fc               0.968 
_refine.correlation_coeff_Fo_to_Fc_free          0.964 
_refine.B_iso_mean                               27.544 
_refine.aniso_B[1][1]                            -0.58 
_refine.aniso_B[2][2]                            -0.58 
_refine.aniso_B[3][3]                            1.15 
_refine.aniso_B[1][2]                            0.00 
_refine.aniso_B[1][3]                            0.00 
_refine.aniso_B[2][3]                            0.00 
_refine.solvent_model_details                    MASK 
_refine.solvent_model_param_ksol                 ? 
_refine.solvent_model_param_bsol                 ? 
_refine.pdbx_solvent_vdw_probe_radii             1.20 
_refine.pdbx_solvent_ion_probe_radii             0.80 
_refine.pdbx_solvent_shrinkage_radii             0.80 
_refine.pdbx_ls_cross_valid_method               THROUGHOUT 
_refine.details                                  'HYDROGENS HAVE BEEN USED IF PRESENT IN THE INPUT' 
_refine.pdbx_starting_model                      ? 
_refine.pdbx_method_to_determine_struct          'MOLECULAR REPLACEMENT' 
_refine.pdbx_isotropic_thermal_model             ? 
_refine.pdbx_stereochemistry_target_values       'MAXIMUM LIKELIHOOD' 
_refine.pdbx_stereochem_target_val_spec_case     ? 
_refine.pdbx_R_Free_selection_details            RANDOM 
_refine.pdbx_overall_ESU_R                       0.065 
_refine.pdbx_overall_ESU_R_Free                  0.066 
_refine.overall_SU_ML                            0.038 
_refine.pdbx_overall_phase_error                 ? 
_refine.overall_SU_B                             1.074 
_refine.overall_SU_R_Cruickshank_DPI             0.0649 
_refine.pdbx_overall_SU_R_free_Cruickshank_DPI   ? 
_refine.pdbx_overall_SU_R_Blow_DPI               ? 
_refine.pdbx_overall_SU_R_free_Blow_DPI          ? 
_refine.ls_redundancy_reflns_obs                 ? 
_refine.B_iso_min                                ? 
_refine.B_iso_max                                ? 
_refine.overall_SU_R_free                        ? 
_refine.ls_wR_factor_R_free                      ? 
_refine.ls_wR_factor_R_work                      ? 
_refine.overall_FOM_free_R_set                   ? 
_refine.overall_FOM_work_R_set                   ? 
# 
_refine_hist.pdbx_refine_id                   'X-RAY DIFFRACTION' 
_refine_hist.cycle_id                         LAST 
_refine_hist.pdbx_number_atoms_protein        1124 
_refine_hist.pdbx_number_atoms_nucleic_acid   0 
_refine_hist.pdbx_number_atoms_ligand         55 
_refine_hist.number_atoms_solvent             140 
_refine_hist.number_atoms_total               1319 
_refine_hist.d_res_high                       1.60 
_refine_hist.d_res_low                        39.95 
# 
loop_
_refine_ls_restr.type 
_refine_ls_restr.dev_ideal 
_refine_ls_restr.dev_ideal_target 
_refine_ls_restr.weight 
_refine_ls_restr.number 
_refine_ls_restr.pdbx_refine_id 
_refine_ls_restr.pdbx_restraint_function 
r_bond_refined_d             0.027  0.020  ? 1197 'X-RAY DIFFRACTION' ? 
r_bond_other_d               ?      ?      ? ?    'X-RAY DIFFRACTION' ? 
r_angle_refined_deg          2.539  1.996  ? 1624 'X-RAY DIFFRACTION' ? 
r_angle_other_deg            ?      ?      ? ?    'X-RAY DIFFRACTION' ? 
r_dihedral_angle_1_deg       6.339  5.000  ? 143  'X-RAY DIFFRACTION' ? 
r_dihedral_angle_2_deg       32.197 24.839 ? 62   'X-RAY DIFFRACTION' ? 
r_dihedral_angle_3_deg       11.418 15.000 ? 190  'X-RAY DIFFRACTION' ? 
r_dihedral_angle_4_deg       7.683  15.000 ? 8    'X-RAY DIFFRACTION' ? 
r_chiral_restr               0.190  0.200  ? 191  'X-RAY DIFFRACTION' ? 
r_gen_planes_refined         0.013  0.020  ? 893  'X-RAY DIFFRACTION' ? 
r_gen_planes_other           ?      ?      ? ?    'X-RAY DIFFRACTION' ? 
r_nbd_refined                ?      ?      ? ?    'X-RAY DIFFRACTION' ? 
r_nbd_other                  ?      ?      ? ?    'X-RAY DIFFRACTION' ? 
r_nbtor_refined              ?      ?      ? ?    'X-RAY DIFFRACTION' ? 
r_nbtor_other                ?      ?      ? ?    'X-RAY DIFFRACTION' ? 
r_xyhbond_nbd_refined        ?      ?      ? ?    'X-RAY DIFFRACTION' ? 
r_xyhbond_nbd_other          ?      ?      ? ?    'X-RAY DIFFRACTION' ? 
r_metal_ion_refined          ?      ?      ? ?    'X-RAY DIFFRACTION' ? 
r_metal_ion_other            ?      ?      ? ?    'X-RAY DIFFRACTION' ? 
r_symmetry_vdw_refined       ?      ?      ? ?    'X-RAY DIFFRACTION' ? 
r_symmetry_vdw_other         ?      ?      ? ?    'X-RAY DIFFRACTION' ? 
r_symmetry_hbond_refined     ?      ?      ? ?    'X-RAY DIFFRACTION' ? 
r_symmetry_hbond_other       ?      ?      ? ?    'X-RAY DIFFRACTION' ? 
r_symmetry_metal_ion_refined ?      ?      ? ?    'X-RAY DIFFRACTION' ? 
r_symmetry_metal_ion_other   ?      ?      ? ?    'X-RAY DIFFRACTION' ? 
r_mcbond_it                  ?      ?      ? ?    'X-RAY DIFFRACTION' ? 
r_mcbond_other               ?      ?      ? ?    'X-RAY DIFFRACTION' ? 
r_mcangle_it                 ?      ?      ? ?    'X-RAY DIFFRACTION' ? 
r_scbond_it                  ?      ?      ? ?    'X-RAY DIFFRACTION' ? 
r_scangle_it                 ?      ?      ? ?    'X-RAY DIFFRACTION' ? 
r_rigid_bond_restr           ?      ?      ? ?    'X-RAY DIFFRACTION' ? 
r_sphericity_free            ?      ?      ? ?    'X-RAY DIFFRACTION' ? 
r_sphericity_bonded          ?      ?      ? ?    'X-RAY DIFFRACTION' ? 
# 
_refine_ls_shell.pdbx_refine_id                   'X-RAY DIFFRACTION' 
_refine_ls_shell.pdbx_total_number_of_bins_used   20 
_refine_ls_shell.d_res_high                       1.598 
_refine_ls_shell.d_res_low                        1.640 
_refine_ls_shell.number_reflns_R_work             1885 
_refine_ls_shell.R_factor_R_work                  0.238 
_refine_ls_shell.percent_reflns_obs               98.56 
_refine_ls_shell.R_factor_R_free                  0.259 
_refine_ls_shell.R_factor_R_free_error            ? 
_refine_ls_shell.percent_reflns_R_free            ? 
_refine_ls_shell.number_reflns_R_free             96 
_refine_ls_shell.number_reflns_all                ? 
_refine_ls_shell.R_factor_all                     ? 
_refine_ls_shell.redundancy_reflns_obs            ? 
_refine_ls_shell.number_reflns_obs                ? 
# 
_struct.entry_id                  4GWI 
_struct.title                     'His 62 mutant of the lectin binding domain of lectinolysin complexed with Lewis y' 
_struct.pdbx_model_details        ? 
_struct.pdbx_CASP_flag            ? 
_struct.pdbx_model_type_details   ? 
# 
_struct_keywords.entry_id        4GWI 
_struct_keywords.text            
'cholesterol-dependent cytolysins, lewis antigens, F-type lectin fold, glycan binding, SUGAR BINDING PROTEIN' 
_struct_keywords.pdbx_keywords   'SUGAR BINDING PROTEIN' 
# 
loop_
_struct_asym.id 
_struct_asym.pdbx_blank_PDB_chainid_flag 
_struct_asym.pdbx_modified 
_struct_asym.entity_id 
_struct_asym.details 
A N N 1 ? 
B N N 2 ? 
C N N 3 ? 
D N N 4 ? 
E N N 3 ? 
F N N 5 ? 
G N N 6 ? 
# 
_struct_ref.id                         1 
_struct_ref.db_name                    UNP 
_struct_ref.db_code                    Q2PHL4_STRMT 
_struct_ref.pdbx_db_accession          Q2PHL4 
_struct_ref.entity_id                  1 
_struct_ref.pdbx_seq_one_letter_code   
;EQGNRPVETENIARGKQASQSSTAYGGAAARAVDGNVDSDYGHHSVTHTNFEDNAWWQVDLGKTENVGKVKLYNRGDGNV
ANRLSNFDVVLLNEAKQEVARQHFDSLNGKAELEVFFTAKAARYVKVELKTKNTPLSLAEVEVFRSATTQVGQ
;
_struct_ref.pdbx_align_begin           38 
_struct_ref.pdbx_db_isoform            ? 
# 
_struct_ref_seq.align_id                      1 
_struct_ref_seq.ref_id                        1 
_struct_ref_seq.pdbx_PDB_id_code              4GWI 
_struct_ref_seq.pdbx_strand_id                A 
_struct_ref_seq.seq_align_beg                 1 
_struct_ref_seq.pdbx_seq_align_beg_ins_code   ? 
_struct_ref_seq.seq_align_end                 153 
_struct_ref_seq.pdbx_seq_align_end_ins_code   ? 
_struct_ref_seq.pdbx_db_accession             Q2PHL4 
_struct_ref_seq.db_align_beg                  38 
_struct_ref_seq.pdbx_db_align_beg_ins_code    ? 
_struct_ref_seq.db_align_end                  190 
_struct_ref_seq.pdbx_db_align_end_ins_code    ? 
_struct_ref_seq.pdbx_auth_seq_align_beg       38 
_struct_ref_seq.pdbx_auth_seq_align_end       190 
# 
loop_
_struct_ref_seq_dif.align_id 
_struct_ref_seq_dif.pdbx_pdb_id_code 
_struct_ref_seq_dif.mon_id 
_struct_ref_seq_dif.pdbx_pdb_strand_id 
_struct_ref_seq_dif.seq_num 
_struct_ref_seq_dif.pdbx_pdb_ins_code 
_struct_ref_seq_dif.pdbx_seq_db_name 
_struct_ref_seq_dif.pdbx_seq_db_accession_code 
_struct_ref_seq_dif.db_mon_id 
_struct_ref_seq_dif.pdbx_seq_db_seq_num 
_struct_ref_seq_dif.details 
_struct_ref_seq_dif.pdbx_auth_seq_num 
_struct_ref_seq_dif.pdbx_ordinal 
1 4GWI HIS A 25  ? UNP Q2PHL4 TYR 62  'engineered mutation' 62  1 
1 4GWI THR A 30  ? UNP Q2PHL4 ALA 67  'SEE REMARK 999'      67  2 
1 4GWI ASP A 121 ? UNP Q2PHL4 ALA 158 'SEE REMARK 999'      158 3 
1 4GWI CYS A 153 ? UNP Q2PHL4 GLN 190 'engineered mutation' 190 4 
# 
_pdbx_struct_assembly.id                   1 
_pdbx_struct_assembly.details              author_and_software_defined_assembly 
_pdbx_struct_assembly.method_details       PISA 
_pdbx_struct_assembly.oligomeric_details   monomeric 
_pdbx_struct_assembly.oligomeric_count     1 
# 
_pdbx_struct_assembly_gen.assembly_id       1 
_pdbx_struct_assembly_gen.oper_expression   1 
_pdbx_struct_assembly_gen.asym_id_list      A,B,C,D,E,F,G 
# 
_pdbx_struct_oper_list.id                   1 
_pdbx_struct_oper_list.type                 'identity operation' 
_pdbx_struct_oper_list.name                 1_555 
_pdbx_struct_oper_list.symmetry_operation   x,y,z 
_pdbx_struct_oper_list.matrix[1][1]         1.0000000000 
_pdbx_struct_oper_list.matrix[1][2]         0.0000000000 
_pdbx_struct_oper_list.matrix[1][3]         0.0000000000 
_pdbx_struct_oper_list.vector[1]            0.0000000000 
_pdbx_struct_oper_list.matrix[2][1]         0.0000000000 
_pdbx_struct_oper_list.matrix[2][2]         1.0000000000 
_pdbx_struct_oper_list.matrix[2][3]         0.0000000000 
_pdbx_struct_oper_list.vector[2]            0.0000000000 
_pdbx_struct_oper_list.matrix[3][1]         0.0000000000 
_pdbx_struct_oper_list.matrix[3][2]         0.0000000000 
_pdbx_struct_oper_list.matrix[3][3]         1.0000000000 
_pdbx_struct_oper_list.vector[3]            0.0000000000 
# 
_struct_biol.id        1 
_struct_biol.details   ? 
# 
loop_
_struct_conf.conf_type_id 
_struct_conf.id 
_struct_conf.pdbx_PDB_helix_id 
_struct_conf.beg_label_comp_id 
_struct_conf.beg_label_asym_id 
_struct_conf.beg_label_seq_id 
_struct_conf.pdbx_beg_PDB_ins_code 
_struct_conf.end_label_comp_id 
_struct_conf.end_label_asym_id 
_struct_conf.end_label_seq_id 
_struct_conf.pdbx_end_PDB_ins_code 
_struct_conf.beg_auth_comp_id 
_struct_conf.beg_auth_asym_id 
_struct_conf.beg_auth_seq_id 
_struct_conf.end_auth_comp_id 
_struct_conf.end_auth_asym_id 
_struct_conf.end_auth_seq_id 
_struct_conf.pdbx_PDB_helix_class 
_struct_conf.details 
_struct_conf.pdbx_PDB_helix_length 
HELX_P HELX_P1 1 ALA A 28 ? ASP A 34 ? ALA A 65  ASP A 71  5 ? 7 
HELX_P HELX_P2 2 ASP A 40 ? HIS A 44 ? ASP A 77  HIS A 81  5 ? 5 
HELX_P HELX_P3 3 VAL A 80 ? LEU A 84 ? VAL A 117 LEU A 121 5 ? 5 
# 
_struct_conf_type.id          HELX_P 
_struct_conf_type.criteria    ? 
_struct_conf_type.reference   ? 
# 
loop_
_struct_conn.id 
_struct_conn.conn_type_id 
_struct_conn.pdbx_leaving_atom_flag 
_struct_conn.pdbx_PDB_id 
_struct_conn.ptnr1_label_asym_id 
_struct_conn.ptnr1_label_comp_id 
_struct_conn.ptnr1_label_seq_id 
_struct_conn.ptnr1_label_atom_id 
_struct_conn.pdbx_ptnr1_label_alt_id 
_struct_conn.pdbx_ptnr1_PDB_ins_code 
_struct_conn.pdbx_ptnr1_standard_comp_id 
_struct_conn.ptnr1_symmetry 
_struct_conn.ptnr2_label_asym_id 
_struct_conn.ptnr2_label_comp_id 
_struct_conn.ptnr2_label_seq_id 
_struct_conn.ptnr2_label_atom_id 
_struct_conn.pdbx_ptnr2_label_alt_id 
_struct_conn.pdbx_ptnr2_PDB_ins_code 
_struct_conn.ptnr1_auth_asym_id 
_struct_conn.ptnr1_auth_comp_id 
_struct_conn.ptnr1_auth_seq_id 
_struct_conn.ptnr2_auth_asym_id 
_struct_conn.ptnr2_auth_comp_id 
_struct_conn.ptnr2_auth_seq_id 
_struct_conn.ptnr2_symmetry 
_struct_conn.pdbx_ptnr3_label_atom_id 
_struct_conn.pdbx_ptnr3_label_seq_id 
_struct_conn.pdbx_ptnr3_label_comp_id 
_struct_conn.pdbx_ptnr3_label_asym_id 
_struct_conn.pdbx_ptnr3_label_alt_id 
_struct_conn.pdbx_ptnr3_PDB_ins_code 
_struct_conn.details 
_struct_conn.pdbx_dist_value 
_struct_conn.pdbx_value_order 
_struct_conn.pdbx_role 
covale1  covale both ? B NAG .   O4  ? ? ? 1_555 B GAL . C1 ? ? B NAG 1   B GAL 2    1_555 ? ? ? ? ? ? ? 1.386 sing ? 
covale2  covale both ? B NAG .   O3  ? ? ? 1_555 B FUC . C1 ? ? B NAG 1   B FUC 4    1_555 ? ? ? ? ? ? ? 1.392 sing ? 
covale3  covale both ? B GAL .   O2  ? ? ? 1_555 B FUC . C1 ? ? B GAL 2   B FUC 3    1_555 ? ? ? ? ? ? ? 1.427 sing ? 
metalc1  metalc ?    ? A GLN 17  OE1 ? ? ? 1_555 E MG  . MG ? ? A GLN 54  A MG  203  1_555 ? ? ? ? ? ? ? 2.383 ?    ? 
metalc2  metalc ?    ? A ARG 31  O   ? ? ? 1_555 F CA  . CA ? ? A ARG 68  A CA  204  1_555 ? ? ? ? ? ? ? 2.244 ?    ? 
metalc3  metalc ?    ? A ASP 34  OD1 ? ? ? 1_555 F CA  . CA ? ? A ASP 71  A CA  204  1_555 ? ? ? ? ? ? ? 2.478 ?    ? 
metalc4  metalc ?    ? A ASN 36  O   ? ? ? 1_555 F CA  . CA ? ? A ASN 73  A CA  204  1_555 ? ? ? ? ? ? ? 2.291 ?    ? 
metalc5  metalc ?    ? A SER 45  OG  ? ? ? 1_555 F CA  . CA ? ? A SER 82  A CA  204  1_555 ? ? ? ? ? ? ? 2.354 ?    ? 
metalc6  metalc ?    ? A SER 45  O   ? ? ? 1_555 F CA  . CA ? ? A SER 82  A CA  204  1_555 ? ? ? ? ? ? ? 2.560 ?    ? 
metalc7  metalc ?    ? A ASP 60  OD2 ? ? ? 1_555 E MG  . MG ? ? A ASP 97  A MG  203  1_555 ? ? ? ? ? ? ? 2.179 ?    ? 
metalc8  metalc ?    ? A ALA 139 O   ? ? ? 1_555 F CA  . CA ? ? A ALA 176 A CA  204  1_555 ? ? ? ? ? ? ? 2.339 ?    ? 
metalc9  metalc ?    ? A GLU 140 OE1 ? ? ? 1_555 F CA  . CA ? ? A GLU 177 A CA  204  1_555 ? ? ? ? ? ? ? 2.431 ?    ? 
metalc10 metalc ?    ? C MG  .   MG  ? ? ? 1_555 G HOH . O  ? ? A MG  201 A HOH 1125 1_555 ? ? ? ? ? ? ? 2.042 ?    ? 
metalc11 metalc ?    ? C MG  .   MG  ? ? ? 1_555 G HOH . O  ? ? A MG  201 A HOH 1211 1_555 ? ? ? ? ? ? ? 2.109 ?    ? 
metalc12 metalc ?    ? C MG  .   MG  ? ? ? 1_555 G HOH . O  ? ? A MG  201 A HOH 1213 1_555 ? ? ? ? ? ? ? 2.119 ?    ? 
metalc13 metalc ?    ? C MG  .   MG  ? ? ? 1_555 G HOH . O  ? ? A MG  201 A HOH 1214 1_555 ? ? ? ? ? ? ? 2.078 ?    ? 
metalc14 metalc ?    ? C MG  .   MG  ? ? ? 1_555 G HOH . O  ? ? A MG  201 A HOH 1215 1_555 ? ? ? ? ? ? ? 1.990 ?    ? 
metalc15 metalc ?    ? E MG  .   MG  ? ? ? 1_555 G HOH . O  ? ? A MG  203 A HOH 1175 1_555 ? ? ? ? ? ? ? 2.156 ?    ? 
metalc16 metalc ?    ? E MG  .   MG  ? ? ? 1_555 G HOH . O  ? ? A MG  203 A HOH 1177 1_555 ? ? ? ? ? ? ? 2.243 ?    ? 
metalc17 metalc ?    ? E MG  .   MG  ? ? ? 1_555 G HOH . O  ? ? A MG  203 A HOH 1193 1_555 ? ? ? ? ? ? ? 1.860 ?    ? 
# 
loop_
_struct_conn_type.id 
_struct_conn_type.criteria 
_struct_conn_type.reference 
covale ? ? 
metalc ? ? 
# 
loop_
_pdbx_struct_conn_angle.id 
_pdbx_struct_conn_angle.ptnr1_label_atom_id 
_pdbx_struct_conn_angle.ptnr1_label_alt_id 
_pdbx_struct_conn_angle.ptnr1_label_asym_id 
_pdbx_struct_conn_angle.ptnr1_label_comp_id 
_pdbx_struct_conn_angle.ptnr1_label_seq_id 
_pdbx_struct_conn_angle.ptnr1_auth_atom_id 
_pdbx_struct_conn_angle.ptnr1_auth_asym_id 
_pdbx_struct_conn_angle.ptnr1_auth_comp_id 
_pdbx_struct_conn_angle.ptnr1_auth_seq_id 
_pdbx_struct_conn_angle.ptnr1_PDB_ins_code 
_pdbx_struct_conn_angle.ptnr1_symmetry 
_pdbx_struct_conn_angle.ptnr2_label_atom_id 
_pdbx_struct_conn_angle.ptnr2_label_alt_id 
_pdbx_struct_conn_angle.ptnr2_label_asym_id 
_pdbx_struct_conn_angle.ptnr2_label_comp_id 
_pdbx_struct_conn_angle.ptnr2_label_seq_id 
_pdbx_struct_conn_angle.ptnr2_auth_atom_id 
_pdbx_struct_conn_angle.ptnr2_auth_asym_id 
_pdbx_struct_conn_angle.ptnr2_auth_comp_id 
_pdbx_struct_conn_angle.ptnr2_auth_seq_id 
_pdbx_struct_conn_angle.ptnr2_PDB_ins_code 
_pdbx_struct_conn_angle.ptnr2_symmetry 
_pdbx_struct_conn_angle.ptnr3_label_atom_id 
_pdbx_struct_conn_angle.ptnr3_label_alt_id 
_pdbx_struct_conn_angle.ptnr3_label_asym_id 
_pdbx_struct_conn_angle.ptnr3_label_comp_id 
_pdbx_struct_conn_angle.ptnr3_label_seq_id 
_pdbx_struct_conn_angle.ptnr3_auth_atom_id 
_pdbx_struct_conn_angle.ptnr3_auth_asym_id 
_pdbx_struct_conn_angle.ptnr3_auth_comp_id 
_pdbx_struct_conn_angle.ptnr3_auth_seq_id 
_pdbx_struct_conn_angle.ptnr3_PDB_ins_code 
_pdbx_struct_conn_angle.ptnr3_symmetry 
_pdbx_struct_conn_angle.value 
_pdbx_struct_conn_angle.value_esd 
1  OE1 ? A GLN 17  ? A GLN 54   ? 1_555 MG ? E MG . ? A MG 203 ? 1_555 OD2 ? A ASP 60  ? A ASP 97   ? 1_555 96.5  ? 
2  OE1 ? A GLN 17  ? A GLN 54   ? 1_555 MG ? E MG . ? A MG 203 ? 1_555 O   ? G HOH .   ? A HOH 1175 ? 1_555 84.6  ? 
3  OD2 ? A ASP 60  ? A ASP 97   ? 1_555 MG ? E MG . ? A MG 203 ? 1_555 O   ? G HOH .   ? A HOH 1175 ? 1_555 167.5 ? 
4  OE1 ? A GLN 17  ? A GLN 54   ? 1_555 MG ? E MG . ? A MG 203 ? 1_555 O   ? G HOH .   ? A HOH 1177 ? 1_555 170.8 ? 
5  OD2 ? A ASP 60  ? A ASP 97   ? 1_555 MG ? E MG . ? A MG 203 ? 1_555 O   ? G HOH .   ? A HOH 1177 ? 1_555 92.7  ? 
6  O   ? G HOH .   ? A HOH 1175 ? 1_555 MG ? E MG . ? A MG 203 ? 1_555 O   ? G HOH .   ? A HOH 1177 ? 1_555 86.2  ? 
7  OE1 ? A GLN 17  ? A GLN 54   ? 1_555 MG ? E MG . ? A MG 203 ? 1_555 O   ? G HOH .   ? A HOH 1193 ? 1_555 87.8  ? 
8  OD2 ? A ASP 60  ? A ASP 97   ? 1_555 MG ? E MG . ? A MG 203 ? 1_555 O   ? G HOH .   ? A HOH 1193 ? 1_555 101.2 ? 
9  O   ? G HOH .   ? A HOH 1175 ? 1_555 MG ? E MG . ? A MG 203 ? 1_555 O   ? G HOH .   ? A HOH 1193 ? 1_555 91.3  ? 
10 O   ? G HOH .   ? A HOH 1177 ? 1_555 MG ? E MG . ? A MG 203 ? 1_555 O   ? G HOH .   ? A HOH 1193 ? 1_555 91.3  ? 
11 O   ? A ARG 31  ? A ARG 68   ? 1_555 CA ? F CA . ? A CA 204 ? 1_555 OD1 ? A ASP 34  ? A ASP 71   ? 1_555 77.4  ? 
12 O   ? A ARG 31  ? A ARG 68   ? 1_555 CA ? F CA . ? A CA 204 ? 1_555 O   ? A ASN 36  ? A ASN 73   ? 1_555 164.7 ? 
13 OD1 ? A ASP 34  ? A ASP 71   ? 1_555 CA ? F CA . ? A CA 204 ? 1_555 O   ? A ASN 36  ? A ASN 73   ? 1_555 90.3  ? 
14 O   ? A ARG 31  ? A ARG 68   ? 1_555 CA ? F CA . ? A CA 204 ? 1_555 OG  ? A SER 45  ? A SER 82   ? 1_555 104.3 ? 
15 OD1 ? A ASP 34  ? A ASP 71   ? 1_555 CA ? F CA . ? A CA 204 ? 1_555 OG  ? A SER 45  ? A SER 82   ? 1_555 70.3  ? 
16 O   ? A ASN 36  ? A ASN 73   ? 1_555 CA ? F CA . ? A CA 204 ? 1_555 OG  ? A SER 45  ? A SER 82   ? 1_555 79.7  ? 
17 O   ? A ARG 31  ? A ARG 68   ? 1_555 CA ? F CA . ? A CA 204 ? 1_555 O   ? A SER 45  ? A SER 82   ? 1_555 79.6  ? 
18 OD1 ? A ASP 34  ? A ASP 71   ? 1_555 CA ? F CA . ? A CA 204 ? 1_555 O   ? A SER 45  ? A SER 82   ? 1_555 128.0 ? 
19 O   ? A ASN 36  ? A ASN 73   ? 1_555 CA ? F CA . ? A CA 204 ? 1_555 O   ? A SER 45  ? A SER 82   ? 1_555 115.5 ? 
20 OG  ? A SER 45  ? A SER 82   ? 1_555 CA ? F CA . ? A CA 204 ? 1_555 O   ? A SER 45  ? A SER 82   ? 1_555 71.3  ? 
21 O   ? A ARG 31  ? A ARG 68   ? 1_555 CA ? F CA . ? A CA 204 ? 1_555 O   ? A ALA 139 ? A ALA 176  ? 1_555 94.3  ? 
22 OD1 ? A ASP 34  ? A ASP 71   ? 1_555 CA ? F CA . ? A CA 204 ? 1_555 O   ? A ALA 139 ? A ALA 176  ? 1_555 154.4 ? 
23 O   ? A ASN 36  ? A ASN 73   ? 1_555 CA ? F CA . ? A CA 204 ? 1_555 O   ? A ALA 139 ? A ALA 176  ? 1_555 92.9  ? 
24 OG  ? A SER 45  ? A SER 82   ? 1_555 CA ? F CA . ? A CA 204 ? 1_555 O   ? A ALA 139 ? A ALA 176  ? 1_555 135.3 ? 
25 O   ? A SER 45  ? A SER 82   ? 1_555 CA ? F CA . ? A CA 204 ? 1_555 O   ? A ALA 139 ? A ALA 176  ? 1_555 72.7  ? 
26 O   ? A ARG 31  ? A ARG 68   ? 1_555 CA ? F CA . ? A CA 204 ? 1_555 OE1 ? A GLU 140 ? A GLU 177  ? 1_555 88.0  ? 
27 OD1 ? A ASP 34  ? A ASP 71   ? 1_555 CA ? F CA . ? A CA 204 ? 1_555 OE1 ? A GLU 140 ? A GLU 177  ? 1_555 74.2  ? 
28 O   ? A ASN 36  ? A ASN 73   ? 1_555 CA ? F CA . ? A CA 204 ? 1_555 OE1 ? A GLU 140 ? A GLU 177  ? 1_555 79.7  ? 
29 OG  ? A SER 45  ? A SER 82   ? 1_555 CA ? F CA . ? A CA 204 ? 1_555 OE1 ? A GLU 140 ? A GLU 177  ? 1_555 138.4 ? 
30 O   ? A SER 45  ? A SER 82   ? 1_555 CA ? F CA . ? A CA 204 ? 1_555 OE1 ? A GLU 140 ? A GLU 177  ? 1_555 150.2 ? 
31 O   ? A ALA 139 ? A ALA 176  ? 1_555 CA ? F CA . ? A CA 204 ? 1_555 OE1 ? A GLU 140 ? A GLU 177  ? 1_555 81.4  ? 
32 O   ? G HOH .   ? A HOH 1125 ? 1_555 MG ? C MG . ? A MG 201 ? 1_555 O   ? G HOH .   ? A HOH 1211 ? 1_555 88.3  ? 
33 O   ? G HOH .   ? A HOH 1125 ? 1_555 MG ? C MG . ? A MG 201 ? 1_555 O   ? G HOH .   ? A HOH 1213 ? 1_555 175.6 ? 
34 O   ? G HOH .   ? A HOH 1211 ? 1_555 MG ? C MG . ? A MG 201 ? 1_555 O   ? G HOH .   ? A HOH 1213 ? 1_555 88.3  ? 
35 O   ? G HOH .   ? A HOH 1125 ? 1_555 MG ? C MG . ? A MG 201 ? 1_555 O   ? G HOH .   ? A HOH 1214 ? 1_555 89.1  ? 
36 O   ? G HOH .   ? A HOH 1211 ? 1_555 MG ? C MG . ? A MG 201 ? 1_555 O   ? G HOH .   ? A HOH 1214 ? 1_555 88.1  ? 
37 O   ? G HOH .   ? A HOH 1213 ? 1_555 MG ? C MG . ? A MG 201 ? 1_555 O   ? G HOH .   ? A HOH 1214 ? 1_555 87.9  ? 
38 O   ? G HOH .   ? A HOH 1125 ? 1_555 MG ? C MG . ? A MG 201 ? 1_555 O   ? G HOH .   ? A HOH 1215 ? 1_555 91.9  ? 
39 O   ? G HOH .   ? A HOH 1211 ? 1_555 MG ? C MG . ? A MG 201 ? 1_555 O   ? G HOH .   ? A HOH 1215 ? 1_555 90.8  ? 
40 O   ? G HOH .   ? A HOH 1213 ? 1_555 MG ? C MG . ? A MG 201 ? 1_555 O   ? G HOH .   ? A HOH 1215 ? 1_555 91.1  ? 
41 O   ? G HOH .   ? A HOH 1214 ? 1_555 MG ? C MG . ? A MG 201 ? 1_555 O   ? G HOH .   ? A HOH 1215 ? 1_555 178.5 ? 
# 
loop_
_struct_sheet.id 
_struct_sheet.type 
_struct_sheet.number_strands 
_struct_sheet.details 
A ? 5 ? 
B ? 3 ? 
# 
loop_
_struct_sheet_order.sheet_id 
_struct_sheet_order.range_id_1 
_struct_sheet_order.range_id_2 
_struct_sheet_order.offset 
_struct_sheet_order.sense 
A 1 2 ? anti-parallel 
A 2 3 ? anti-parallel 
A 3 4 ? anti-parallel 
A 4 5 ? anti-parallel 
B 1 2 ? anti-parallel 
B 2 3 ? anti-parallel 
# 
loop_
_struct_sheet_range.sheet_id 
_struct_sheet_range.id 
_struct_sheet_range.beg_label_comp_id 
_struct_sheet_range.beg_label_asym_id 
_struct_sheet_range.beg_label_seq_id 
_struct_sheet_range.pdbx_beg_PDB_ins_code 
_struct_sheet_range.end_label_comp_id 
_struct_sheet_range.end_label_asym_id 
_struct_sheet_range.end_label_seq_id 
_struct_sheet_range.pdbx_end_PDB_ins_code 
_struct_sheet_range.beg_auth_comp_id 
_struct_sheet_range.beg_auth_asym_id 
_struct_sheet_range.beg_auth_seq_id 
_struct_sheet_range.end_auth_comp_id 
_struct_sheet_range.end_auth_asym_id 
_struct_sheet_range.end_auth_seq_id 
A 1 GLN A 17  ? GLN A 20  ? GLN A 54  GLN A 57  
A 2 TRP A 56  ? ASN A 74  ? TRP A 93  ASN A 111 
A 3 GLU A 112 ? LEU A 129 ? GLU A 149 LEU A 166 
A 4 PHE A 87  ? LEU A 92  ? PHE A 124 LEU A 129 
A 5 GLU A 98  ? PHE A 104 ? GLU A 135 PHE A 141 
B 1 GLN A 17  ? GLN A 20  ? GLN A 54  GLN A 57  
B 2 TRP A 56  ? ASN A 74  ? TRP A 93  ASN A 111 
B 3 LEU A 138 ? ARG A 145 ? LEU A 175 ARG A 182 
# 
loop_
_pdbx_struct_sheet_hbond.sheet_id 
_pdbx_struct_sheet_hbond.range_id_1 
_pdbx_struct_sheet_hbond.range_id_2 
_pdbx_struct_sheet_hbond.range_1_label_atom_id 
_pdbx_struct_sheet_hbond.range_1_label_comp_id 
_pdbx_struct_sheet_hbond.range_1_label_asym_id 
_pdbx_struct_sheet_hbond.range_1_label_seq_id 
_pdbx_struct_sheet_hbond.range_1_PDB_ins_code 
_pdbx_struct_sheet_hbond.range_1_auth_atom_id 
_pdbx_struct_sheet_hbond.range_1_auth_comp_id 
_pdbx_struct_sheet_hbond.range_1_auth_asym_id 
_pdbx_struct_sheet_hbond.range_1_auth_seq_id 
_pdbx_struct_sheet_hbond.range_2_label_atom_id 
_pdbx_struct_sheet_hbond.range_2_label_comp_id 
_pdbx_struct_sheet_hbond.range_2_label_asym_id 
_pdbx_struct_sheet_hbond.range_2_label_seq_id 
_pdbx_struct_sheet_hbond.range_2_PDB_ins_code 
_pdbx_struct_sheet_hbond.range_2_auth_atom_id 
_pdbx_struct_sheet_hbond.range_2_auth_comp_id 
_pdbx_struct_sheet_hbond.range_2_auth_asym_id 
_pdbx_struct_sheet_hbond.range_2_auth_seq_id 
A 1 2 N SER A 19  ? N SER A 56  O GLN A 58  ? O GLN A 95  
A 2 3 N VAL A 67  ? N VAL A 104 O LYS A 120 ? O LYS A 157 
A 3 4 O LYS A 126 ? O LYS A 163 N VAL A 90  ? N VAL A 127 
A 4 5 N LEU A 91  ? N LEU A 128 O VAL A 99  ? O VAL A 136 
B 1 2 N SER A 19  ? N SER A 56  O GLN A 58  ? O GLN A 95  
B 2 3 N LYS A 71  ? N LYS A 108 O GLU A 142 ? O GLU A 179 
# 
_pdbx_validate_close_contact.id               1 
_pdbx_validate_close_contact.PDB_model_num    1 
_pdbx_validate_close_contact.auth_atom_id_1   O4 
_pdbx_validate_close_contact.auth_asym_id_1   B 
_pdbx_validate_close_contact.auth_comp_id_1   NAG 
_pdbx_validate_close_contact.auth_seq_id_1    1 
_pdbx_validate_close_contact.PDB_ins_code_1   ? 
_pdbx_validate_close_contact.label_alt_id_1   ? 
_pdbx_validate_close_contact.auth_atom_id_2   O5 
_pdbx_validate_close_contact.auth_asym_id_2   B 
_pdbx_validate_close_contact.auth_comp_id_2   GAL 
_pdbx_validate_close_contact.auth_seq_id_2    2 
_pdbx_validate_close_contact.PDB_ins_code_2   ? 
_pdbx_validate_close_contact.label_alt_id_2   ? 
_pdbx_validate_close_contact.dist             2.19 
# 
_pdbx_validate_rmsd_bond.id                        1 
_pdbx_validate_rmsd_bond.PDB_model_num             1 
_pdbx_validate_rmsd_bond.auth_atom_id_1            CD 
_pdbx_validate_rmsd_bond.auth_asym_id_1            A 
_pdbx_validate_rmsd_bond.auth_comp_id_1            GLU 
_pdbx_validate_rmsd_bond.auth_seq_id_1             45 
_pdbx_validate_rmsd_bond.PDB_ins_code_1            ? 
_pdbx_validate_rmsd_bond.label_alt_id_1            ? 
_pdbx_validate_rmsd_bond.auth_atom_id_2            OE1 
_pdbx_validate_rmsd_bond.auth_asym_id_2            A 
_pdbx_validate_rmsd_bond.auth_comp_id_2            GLU 
_pdbx_validate_rmsd_bond.auth_seq_id_2             45 
_pdbx_validate_rmsd_bond.PDB_ins_code_2            ? 
_pdbx_validate_rmsd_bond.label_alt_id_2            ? 
_pdbx_validate_rmsd_bond.bond_value                1.333 
_pdbx_validate_rmsd_bond.bond_target_value         1.252 
_pdbx_validate_rmsd_bond.bond_deviation            0.081 
_pdbx_validate_rmsd_bond.bond_standard_deviation   0.011 
_pdbx_validate_rmsd_bond.linker_flag               N 
# 
loop_
_pdbx_validate_rmsd_angle.id 
_pdbx_validate_rmsd_angle.PDB_model_num 
_pdbx_validate_rmsd_angle.auth_atom_id_1 
_pdbx_validate_rmsd_angle.auth_asym_id_1 
_pdbx_validate_rmsd_angle.auth_comp_id_1 
_pdbx_validate_rmsd_angle.auth_seq_id_1 
_pdbx_validate_rmsd_angle.PDB_ins_code_1 
_pdbx_validate_rmsd_angle.label_alt_id_1 
_pdbx_validate_rmsd_angle.auth_atom_id_2 
_pdbx_validate_rmsd_angle.auth_asym_id_2 
_pdbx_validate_rmsd_angle.auth_comp_id_2 
_pdbx_validate_rmsd_angle.auth_seq_id_2 
_pdbx_validate_rmsd_angle.PDB_ins_code_2 
_pdbx_validate_rmsd_angle.label_alt_id_2 
_pdbx_validate_rmsd_angle.auth_atom_id_3 
_pdbx_validate_rmsd_angle.auth_asym_id_3 
_pdbx_validate_rmsd_angle.auth_comp_id_3 
_pdbx_validate_rmsd_angle.auth_seq_id_3 
_pdbx_validate_rmsd_angle.PDB_ins_code_3 
_pdbx_validate_rmsd_angle.label_alt_id_3 
_pdbx_validate_rmsd_angle.angle_value 
_pdbx_validate_rmsd_angle.angle_target_value 
_pdbx_validate_rmsd_angle.angle_deviation 
_pdbx_validate_rmsd_angle.angle_standard_deviation 
_pdbx_validate_rmsd_angle.linker_flag 
1 1 CB A ASP 71  ? ? CG A ASP 71  ? ? OD1 A ASP 71  ? ? 123.79 118.30 5.49  0.90 N 
2 1 NE A ARG 112 ? ? CZ A ARG 112 ? ? NH2 A ARG 112 ? ? 116.72 120.30 -3.58 0.50 N 
3 1 NE A ARG 120 ? ? CZ A ARG 120 ? ? NH2 A ARG 120 ? ? 116.98 120.30 -3.32 0.50 N 
4 1 NE A ARG 160 ? ? CZ A ARG 160 ? ? NH2 A ARG 160 ? ? 116.97 120.30 -3.33 0.50 N 
# 
_pdbx_validate_torsion.id              1 
_pdbx_validate_torsion.PDB_model_num   1 
_pdbx_validate_torsion.auth_comp_id    ARG 
_pdbx_validate_torsion.auth_asym_id    A 
_pdbx_validate_torsion.auth_seq_id     42 
_pdbx_validate_torsion.PDB_ins_code    ? 
_pdbx_validate_torsion.label_alt_id    ? 
_pdbx_validate_torsion.phi             -122.41 
_pdbx_validate_torsion.psi             -133.61 
# 
_pdbx_molecule_features.prd_id    PRD_900054 
_pdbx_molecule_features.name      'Lewis Y antigen, beta anomer' 
_pdbx_molecule_features.type      Oligosaccharide 
_pdbx_molecule_features.class     Antigen 
_pdbx_molecule_features.details   'oligosaccharide with branches' 
# 
_pdbx_molecule.instance_id   1 
_pdbx_molecule.prd_id        PRD_900054 
_pdbx_molecule.asym_id       B 
# 
_pdbx_entry_details.entry_id                 4GWI 
_pdbx_entry_details.nonpolymer_details       ? 
_pdbx_entry_details.sequence_details         
;THE SEQUENCE WAS DERIVED FROM THE PUBLISHED PROTEIN SEQUENCE PUBLISHED BY FARRAND ET AL. (BIOCHEMISTRY, VOL. 47, 2008). AMINO ACIDS 67 AND 158 ARE THREONINE AND ASPARTATE, RESPECTIVELY.
;
_pdbx_entry_details.compound_details         ? 
_pdbx_entry_details.source_details           ? 
_pdbx_entry_details.has_ligand_of_interest   ? 
# 
loop_
_pdbx_unobs_or_zero_occ_residues.id 
_pdbx_unobs_or_zero_occ_residues.PDB_model_num 
_pdbx_unobs_or_zero_occ_residues.polymer_flag 
_pdbx_unobs_or_zero_occ_residues.occupancy_flag 
_pdbx_unobs_or_zero_occ_residues.auth_asym_id 
_pdbx_unobs_or_zero_occ_residues.auth_comp_id 
_pdbx_unobs_or_zero_occ_residues.auth_seq_id 
_pdbx_unobs_or_zero_occ_residues.PDB_ins_code 
_pdbx_unobs_or_zero_occ_residues.label_asym_id 
_pdbx_unobs_or_zero_occ_residues.label_comp_id 
_pdbx_unobs_or_zero_occ_residues.label_seq_id 
1 1 Y 1 A GLU 38  ? A GLU 1   
2 1 Y 1 A GLN 39  ? A GLN 2   
3 1 Y 1 A GLY 40  ? A GLY 3   
4 1 Y 1 A THR 185 ? A THR 148 
5 1 Y 1 A THR 186 ? A THR 149 
6 1 Y 1 A GLN 187 ? A GLN 150 
7 1 Y 1 A VAL 188 ? A VAL 151 
8 1 Y 1 A GLY 189 ? A GLY 152 
9 1 Y 1 A CYS 190 ? A CYS 153 
# 
loop_
_chem_comp_atom.comp_id 
_chem_comp_atom.atom_id 
_chem_comp_atom.type_symbol 
_chem_comp_atom.pdbx_aromatic_flag 
_chem_comp_atom.pdbx_stereo_config 
_chem_comp_atom.pdbx_ordinal 
ALA N    N  N N 1   
ALA CA   C  N S 2   
ALA C    C  N N 3   
ALA O    O  N N 4   
ALA CB   C  N N 5   
ALA OXT  O  N N 6   
ALA H    H  N N 7   
ALA H2   H  N N 8   
ALA HA   H  N N 9   
ALA HB1  H  N N 10  
ALA HB2  H  N N 11  
ALA HB3  H  N N 12  
ALA HXT  H  N N 13  
ARG N    N  N N 14  
ARG CA   C  N S 15  
ARG C    C  N N 16  
ARG O    O  N N 17  
ARG CB   C  N N 18  
ARG CG   C  N N 19  
ARG CD   C  N N 20  
ARG NE   N  N N 21  
ARG CZ   C  N N 22  
ARG NH1  N  N N 23  
ARG NH2  N  N N 24  
ARG OXT  O  N N 25  
ARG H    H  N N 26  
ARG H2   H  N N 27  
ARG HA   H  N N 28  
ARG HB2  H  N N 29  
ARG HB3  H  N N 30  
ARG HG2  H  N N 31  
ARG HG3  H  N N 32  
ARG HD2  H  N N 33  
ARG HD3  H  N N 34  
ARG HE   H  N N 35  
ARG HH11 H  N N 36  
ARG HH12 H  N N 37  
ARG HH21 H  N N 38  
ARG HH22 H  N N 39  
ARG HXT  H  N N 40  
ASN N    N  N N 41  
ASN CA   C  N S 42  
ASN C    C  N N 43  
ASN O    O  N N 44  
ASN CB   C  N N 45  
ASN CG   C  N N 46  
ASN OD1  O  N N 47  
ASN ND2  N  N N 48  
ASN OXT  O  N N 49  
ASN H    H  N N 50  
ASN H2   H  N N 51  
ASN HA   H  N N 52  
ASN HB2  H  N N 53  
ASN HB3  H  N N 54  
ASN HD21 H  N N 55  
ASN HD22 H  N N 56  
ASN HXT  H  N N 57  
ASP N    N  N N 58  
ASP CA   C  N S 59  
ASP C    C  N N 60  
ASP O    O  N N 61  
ASP CB   C  N N 62  
ASP CG   C  N N 63  
ASP OD1  O  N N 64  
ASP OD2  O  N N 65  
ASP OXT  O  N N 66  
ASP H    H  N N 67  
ASP H2   H  N N 68  
ASP HA   H  N N 69  
ASP HB2  H  N N 70  
ASP HB3  H  N N 71  
ASP HD2  H  N N 72  
ASP HXT  H  N N 73  
CA  CA   CA N N 74  
CYS N    N  N N 75  
CYS CA   C  N R 76  
CYS C    C  N N 77  
CYS O    O  N N 78  
CYS CB   C  N N 79  
CYS SG   S  N N 80  
CYS OXT  O  N N 81  
CYS H    H  N N 82  
CYS H2   H  N N 83  
CYS HA   H  N N 84  
CYS HB2  H  N N 85  
CYS HB3  H  N N 86  
CYS HG   H  N N 87  
CYS HXT  H  N N 88  
FUC C1   C  N R 89  
FUC C2   C  N S 90  
FUC C3   C  N R 91  
FUC C4   C  N S 92  
FUC C5   C  N S 93  
FUC C6   C  N N 94  
FUC O1   O  N N 95  
FUC O2   O  N N 96  
FUC O3   O  N N 97  
FUC O4   O  N N 98  
FUC O5   O  N N 99  
FUC H1   H  N N 100 
FUC H2   H  N N 101 
FUC H3   H  N N 102 
FUC H4   H  N N 103 
FUC H5   H  N N 104 
FUC H61  H  N N 105 
FUC H62  H  N N 106 
FUC H63  H  N N 107 
FUC HO1  H  N N 108 
FUC HO2  H  N N 109 
FUC HO3  H  N N 110 
FUC HO4  H  N N 111 
GAL C1   C  N R 112 
GAL C2   C  N R 113 
GAL C3   C  N S 114 
GAL C4   C  N R 115 
GAL C5   C  N R 116 
GAL C6   C  N N 117 
GAL O1   O  N N 118 
GAL O2   O  N N 119 
GAL O3   O  N N 120 
GAL O4   O  N N 121 
GAL O5   O  N N 122 
GAL O6   O  N N 123 
GAL H1   H  N N 124 
GAL H2   H  N N 125 
GAL H3   H  N N 126 
GAL H4   H  N N 127 
GAL H5   H  N N 128 
GAL H61  H  N N 129 
GAL H62  H  N N 130 
GAL HO1  H  N N 131 
GAL HO2  H  N N 132 
GAL HO3  H  N N 133 
GAL HO4  H  N N 134 
GAL HO6  H  N N 135 
GLN N    N  N N 136 
GLN CA   C  N S 137 
GLN C    C  N N 138 
GLN O    O  N N 139 
GLN CB   C  N N 140 
GLN CG   C  N N 141 
GLN CD   C  N N 142 
GLN OE1  O  N N 143 
GLN NE2  N  N N 144 
GLN OXT  O  N N 145 
GLN H    H  N N 146 
GLN H2   H  N N 147 
GLN HA   H  N N 148 
GLN HB2  H  N N 149 
GLN HB3  H  N N 150 
GLN HG2  H  N N 151 
GLN HG3  H  N N 152 
GLN HE21 H  N N 153 
GLN HE22 H  N N 154 
GLN HXT  H  N N 155 
GLU N    N  N N 156 
GLU CA   C  N S 157 
GLU C    C  N N 158 
GLU O    O  N N 159 
GLU CB   C  N N 160 
GLU CG   C  N N 161 
GLU CD   C  N N 162 
GLU OE1  O  N N 163 
GLU OE2  O  N N 164 
GLU OXT  O  N N 165 
GLU H    H  N N 166 
GLU H2   H  N N 167 
GLU HA   H  N N 168 
GLU HB2  H  N N 169 
GLU HB3  H  N N 170 
GLU HG2  H  N N 171 
GLU HG3  H  N N 172 
GLU HE2  H  N N 173 
GLU HXT  H  N N 174 
GLY N    N  N N 175 
GLY CA   C  N N 176 
GLY C    C  N N 177 
GLY O    O  N N 178 
GLY OXT  O  N N 179 
GLY H    H  N N 180 
GLY H2   H  N N 181 
GLY HA2  H  N N 182 
GLY HA3  H  N N 183 
GLY HXT  H  N N 184 
GOL C1   C  N N 185 
GOL O1   O  N N 186 
GOL C2   C  N N 187 
GOL O2   O  N N 188 
GOL C3   C  N N 189 
GOL O3   O  N N 190 
GOL H11  H  N N 191 
GOL H12  H  N N 192 
GOL HO1  H  N N 193 
GOL H2   H  N N 194 
GOL HO2  H  N N 195 
GOL H31  H  N N 196 
GOL H32  H  N N 197 
GOL HO3  H  N N 198 
HIS N    N  N N 199 
HIS CA   C  N S 200 
HIS C    C  N N 201 
HIS O    O  N N 202 
HIS CB   C  N N 203 
HIS CG   C  Y N 204 
HIS ND1  N  Y N 205 
HIS CD2  C  Y N 206 
HIS CE1  C  Y N 207 
HIS NE2  N  Y N 208 
HIS OXT  O  N N 209 
HIS H    H  N N 210 
HIS H2   H  N N 211 
HIS HA   H  N N 212 
HIS HB2  H  N N 213 
HIS HB3  H  N N 214 
HIS HD1  H  N N 215 
HIS HD2  H  N N 216 
HIS HE1  H  N N 217 
HIS HE2  H  N N 218 
HIS HXT  H  N N 219 
HOH O    O  N N 220 
HOH H1   H  N N 221 
HOH H2   H  N N 222 
ILE N    N  N N 223 
ILE CA   C  N S 224 
ILE C    C  N N 225 
ILE O    O  N N 226 
ILE CB   C  N S 227 
ILE CG1  C  N N 228 
ILE CG2  C  N N 229 
ILE CD1  C  N N 230 
ILE OXT  O  N N 231 
ILE H    H  N N 232 
ILE H2   H  N N 233 
ILE HA   H  N N 234 
ILE HB   H  N N 235 
ILE HG12 H  N N 236 
ILE HG13 H  N N 237 
ILE HG21 H  N N 238 
ILE HG22 H  N N 239 
ILE HG23 H  N N 240 
ILE HD11 H  N N 241 
ILE HD12 H  N N 242 
ILE HD13 H  N N 243 
ILE HXT  H  N N 244 
LEU N    N  N N 245 
LEU CA   C  N S 246 
LEU C    C  N N 247 
LEU O    O  N N 248 
LEU CB   C  N N 249 
LEU CG   C  N N 250 
LEU CD1  C  N N 251 
LEU CD2  C  N N 252 
LEU OXT  O  N N 253 
LEU H    H  N N 254 
LEU H2   H  N N 255 
LEU HA   H  N N 256 
LEU HB2  H  N N 257 
LEU HB3  H  N N 258 
LEU HG   H  N N 259 
LEU HD11 H  N N 260 
LEU HD12 H  N N 261 
LEU HD13 H  N N 262 
LEU HD21 H  N N 263 
LEU HD22 H  N N 264 
LEU HD23 H  N N 265 
LEU HXT  H  N N 266 
LYS N    N  N N 267 
LYS CA   C  N S 268 
LYS C    C  N N 269 
LYS O    O  N N 270 
LYS CB   C  N N 271 
LYS CG   C  N N 272 
LYS CD   C  N N 273 
LYS CE   C  N N 274 
LYS NZ   N  N N 275 
LYS OXT  O  N N 276 
LYS H    H  N N 277 
LYS H2   H  N N 278 
LYS HA   H  N N 279 
LYS HB2  H  N N 280 
LYS HB3  H  N N 281 
LYS HG2  H  N N 282 
LYS HG3  H  N N 283 
LYS HD2  H  N N 284 
LYS HD3  H  N N 285 
LYS HE2  H  N N 286 
LYS HE3  H  N N 287 
LYS HZ1  H  N N 288 
LYS HZ2  H  N N 289 
LYS HZ3  H  N N 290 
LYS HXT  H  N N 291 
MG  MG   MG N N 292 
NAG C1   C  N R 293 
NAG C2   C  N R 294 
NAG C3   C  N R 295 
NAG C4   C  N S 296 
NAG C5   C  N R 297 
NAG C6   C  N N 298 
NAG C7   C  N N 299 
NAG C8   C  N N 300 
NAG N2   N  N N 301 
NAG O1   O  N N 302 
NAG O3   O  N N 303 
NAG O4   O  N N 304 
NAG O5   O  N N 305 
NAG O6   O  N N 306 
NAG O7   O  N N 307 
NAG H1   H  N N 308 
NAG H2   H  N N 309 
NAG H3   H  N N 310 
NAG H4   H  N N 311 
NAG H5   H  N N 312 
NAG H61  H  N N 313 
NAG H62  H  N N 314 
NAG H81  H  N N 315 
NAG H82  H  N N 316 
NAG H83  H  N N 317 
NAG HN2  H  N N 318 
NAG HO1  H  N N 319 
NAG HO3  H  N N 320 
NAG HO4  H  N N 321 
NAG HO6  H  N N 322 
PHE N    N  N N 323 
PHE CA   C  N S 324 
PHE C    C  N N 325 
PHE O    O  N N 326 
PHE CB   C  N N 327 
PHE CG   C  Y N 328 
PHE CD1  C  Y N 329 
PHE CD2  C  Y N 330 
PHE CE1  C  Y N 331 
PHE CE2  C  Y N 332 
PHE CZ   C  Y N 333 
PHE OXT  O  N N 334 
PHE H    H  N N 335 
PHE H2   H  N N 336 
PHE HA   H  N N 337 
PHE HB2  H  N N 338 
PHE HB3  H  N N 339 
PHE HD1  H  N N 340 
PHE HD2  H  N N 341 
PHE HE1  H  N N 342 
PHE HE2  H  N N 343 
PHE HZ   H  N N 344 
PHE HXT  H  N N 345 
PRO N    N  N N 346 
PRO CA   C  N S 347 
PRO C    C  N N 348 
PRO O    O  N N 349 
PRO CB   C  N N 350 
PRO CG   C  N N 351 
PRO CD   C  N N 352 
PRO OXT  O  N N 353 
PRO H    H  N N 354 
PRO HA   H  N N 355 
PRO HB2  H  N N 356 
PRO HB3  H  N N 357 
PRO HG2  H  N N 358 
PRO HG3  H  N N 359 
PRO HD2  H  N N 360 
PRO HD3  H  N N 361 
PRO HXT  H  N N 362 
SER N    N  N N 363 
SER CA   C  N S 364 
SER C    C  N N 365 
SER O    O  N N 366 
SER CB   C  N N 367 
SER OG   O  N N 368 
SER OXT  O  N N 369 
SER H    H  N N 370 
SER H2   H  N N 371 
SER HA   H  N N 372 
SER HB2  H  N N 373 
SER HB3  H  N N 374 
SER HG   H  N N 375 
SER HXT  H  N N 376 
THR N    N  N N 377 
THR CA   C  N S 378 
THR C    C  N N 379 
THR O    O  N N 380 
THR CB   C  N R 381 
THR OG1  O  N N 382 
THR CG2  C  N N 383 
THR OXT  O  N N 384 
THR H    H  N N 385 
THR H2   H  N N 386 
THR HA   H  N N 387 
THR HB   H  N N 388 
THR HG1  H  N N 389 
THR HG21 H  N N 390 
THR HG22 H  N N 391 
THR HG23 H  N N 392 
THR HXT  H  N N 393 
TRP N    N  N N 394 
TRP CA   C  N S 395 
TRP C    C  N N 396 
TRP O    O  N N 397 
TRP CB   C  N N 398 
TRP CG   C  Y N 399 
TRP CD1  C  Y N 400 
TRP CD2  C  Y N 401 
TRP NE1  N  Y N 402 
TRP CE2  C  Y N 403 
TRP CE3  C  Y N 404 
TRP CZ2  C  Y N 405 
TRP CZ3  C  Y N 406 
TRP CH2  C  Y N 407 
TRP OXT  O  N N 408 
TRP H    H  N N 409 
TRP H2   H  N N 410 
TRP HA   H  N N 411 
TRP HB2  H  N N 412 
TRP HB3  H  N N 413 
TRP HD1  H  N N 414 
TRP HE1  H  N N 415 
TRP HE3  H  N N 416 
TRP HZ2  H  N N 417 
TRP HZ3  H  N N 418 
TRP HH2  H  N N 419 
TRP HXT  H  N N 420 
TYR N    N  N N 421 
TYR CA   C  N S 422 
TYR C    C  N N 423 
TYR O    O  N N 424 
TYR CB   C  N N 425 
TYR CG   C  Y N 426 
TYR CD1  C  Y N 427 
TYR CD2  C  Y N 428 
TYR CE1  C  Y N 429 
TYR CE2  C  Y N 430 
TYR CZ   C  Y N 431 
TYR OH   O  N N 432 
TYR OXT  O  N N 433 
TYR H    H  N N 434 
TYR H2   H  N N 435 
TYR HA   H  N N 436 
TYR HB2  H  N N 437 
TYR HB3  H  N N 438 
TYR HD1  H  N N 439 
TYR HD2  H  N N 440 
TYR HE1  H  N N 441 
TYR HE2  H  N N 442 
TYR HH   H  N N 443 
TYR HXT  H  N N 444 
VAL N    N  N N 445 
VAL CA   C  N S 446 
VAL C    C  N N 447 
VAL O    O  N N 448 
VAL CB   C  N N 449 
VAL CG1  C  N N 450 
VAL CG2  C  N N 451 
VAL OXT  O  N N 452 
VAL H    H  N N 453 
VAL H2   H  N N 454 
VAL HA   H  N N 455 
VAL HB   H  N N 456 
VAL HG11 H  N N 457 
VAL HG12 H  N N 458 
VAL HG13 H  N N 459 
VAL HG21 H  N N 460 
VAL HG22 H  N N 461 
VAL HG23 H  N N 462 
VAL HXT  H  N N 463 
# 
loop_
_chem_comp_bond.comp_id 
_chem_comp_bond.atom_id_1 
_chem_comp_bond.atom_id_2 
_chem_comp_bond.value_order 
_chem_comp_bond.pdbx_aromatic_flag 
_chem_comp_bond.pdbx_stereo_config 
_chem_comp_bond.pdbx_ordinal 
ALA N   CA   sing N N 1   
ALA N   H    sing N N 2   
ALA N   H2   sing N N 3   
ALA CA  C    sing N N 4   
ALA CA  CB   sing N N 5   
ALA CA  HA   sing N N 6   
ALA C   O    doub N N 7   
ALA C   OXT  sing N N 8   
ALA CB  HB1  sing N N 9   
ALA CB  HB2  sing N N 10  
ALA CB  HB3  sing N N 11  
ALA OXT HXT  sing N N 12  
ARG N   CA   sing N N 13  
ARG N   H    sing N N 14  
ARG N   H2   sing N N 15  
ARG CA  C    sing N N 16  
ARG CA  CB   sing N N 17  
ARG CA  HA   sing N N 18  
ARG C   O    doub N N 19  
ARG C   OXT  sing N N 20  
ARG CB  CG   sing N N 21  
ARG CB  HB2  sing N N 22  
ARG CB  HB3  sing N N 23  
ARG CG  CD   sing N N 24  
ARG CG  HG2  sing N N 25  
ARG CG  HG3  sing N N 26  
ARG CD  NE   sing N N 27  
ARG CD  HD2  sing N N 28  
ARG CD  HD3  sing N N 29  
ARG NE  CZ   sing N N 30  
ARG NE  HE   sing N N 31  
ARG CZ  NH1  sing N N 32  
ARG CZ  NH2  doub N N 33  
ARG NH1 HH11 sing N N 34  
ARG NH1 HH12 sing N N 35  
ARG NH2 HH21 sing N N 36  
ARG NH2 HH22 sing N N 37  
ARG OXT HXT  sing N N 38  
ASN N   CA   sing N N 39  
ASN N   H    sing N N 40  
ASN N   H2   sing N N 41  
ASN CA  C    sing N N 42  
ASN CA  CB   sing N N 43  
ASN CA  HA   sing N N 44  
ASN C   O    doub N N 45  
ASN C   OXT  sing N N 46  
ASN CB  CG   sing N N 47  
ASN CB  HB2  sing N N 48  
ASN CB  HB3  sing N N 49  
ASN CG  OD1  doub N N 50  
ASN CG  ND2  sing N N 51  
ASN ND2 HD21 sing N N 52  
ASN ND2 HD22 sing N N 53  
ASN OXT HXT  sing N N 54  
ASP N   CA   sing N N 55  
ASP N   H    sing N N 56  
ASP N   H2   sing N N 57  
ASP CA  C    sing N N 58  
ASP CA  CB   sing N N 59  
ASP CA  HA   sing N N 60  
ASP C   O    doub N N 61  
ASP C   OXT  sing N N 62  
ASP CB  CG   sing N N 63  
ASP CB  HB2  sing N N 64  
ASP CB  HB3  sing N N 65  
ASP CG  OD1  doub N N 66  
ASP CG  OD2  sing N N 67  
ASP OD2 HD2  sing N N 68  
ASP OXT HXT  sing N N 69  
CYS N   CA   sing N N 70  
CYS N   H    sing N N 71  
CYS N   H2   sing N N 72  
CYS CA  C    sing N N 73  
CYS CA  CB   sing N N 74  
CYS CA  HA   sing N N 75  
CYS C   O    doub N N 76  
CYS C   OXT  sing N N 77  
CYS CB  SG   sing N N 78  
CYS CB  HB2  sing N N 79  
CYS CB  HB3  sing N N 80  
CYS SG  HG   sing N N 81  
CYS OXT HXT  sing N N 82  
FUC C1  C2   sing N N 83  
FUC C1  O1   sing N N 84  
FUC C1  O5   sing N N 85  
FUC C1  H1   sing N N 86  
FUC C2  C3   sing N N 87  
FUC C2  O2   sing N N 88  
FUC C2  H2   sing N N 89  
FUC C3  C4   sing N N 90  
FUC C3  O3   sing N N 91  
FUC C3  H3   sing N N 92  
FUC C4  C5   sing N N 93  
FUC C4  O4   sing N N 94  
FUC C4  H4   sing N N 95  
FUC C5  C6   sing N N 96  
FUC C5  O5   sing N N 97  
FUC C5  H5   sing N N 98  
FUC C6  H61  sing N N 99  
FUC C6  H62  sing N N 100 
FUC C6  H63  sing N N 101 
FUC O1  HO1  sing N N 102 
FUC O2  HO2  sing N N 103 
FUC O3  HO3  sing N N 104 
FUC O4  HO4  sing N N 105 
GAL C1  C2   sing N N 106 
GAL C1  O1   sing N N 107 
GAL C1  O5   sing N N 108 
GAL C1  H1   sing N N 109 
GAL C2  C3   sing N N 110 
GAL C2  O2   sing N N 111 
GAL C2  H2   sing N N 112 
GAL C3  C4   sing N N 113 
GAL C3  O3   sing N N 114 
GAL C3  H3   sing N N 115 
GAL C4  C5   sing N N 116 
GAL C4  O4   sing N N 117 
GAL C4  H4   sing N N 118 
GAL C5  C6   sing N N 119 
GAL C5  O5   sing N N 120 
GAL C5  H5   sing N N 121 
GAL C6  O6   sing N N 122 
GAL C6  H61  sing N N 123 
GAL C6  H62  sing N N 124 
GAL O1  HO1  sing N N 125 
GAL O2  HO2  sing N N 126 
GAL O3  HO3  sing N N 127 
GAL O4  HO4  sing N N 128 
GAL O6  HO6  sing N N 129 
GLN N   CA   sing N N 130 
GLN N   H    sing N N 131 
GLN N   H2   sing N N 132 
GLN CA  C    sing N N 133 
GLN CA  CB   sing N N 134 
GLN CA  HA   sing N N 135 
GLN C   O    doub N N 136 
GLN C   OXT  sing N N 137 
GLN CB  CG   sing N N 138 
GLN CB  HB2  sing N N 139 
GLN CB  HB3  sing N N 140 
GLN CG  CD   sing N N 141 
GLN CG  HG2  sing N N 142 
GLN CG  HG3  sing N N 143 
GLN CD  OE1  doub N N 144 
GLN CD  NE2  sing N N 145 
GLN NE2 HE21 sing N N 146 
GLN NE2 HE22 sing N N 147 
GLN OXT HXT  sing N N 148 
GLU N   CA   sing N N 149 
GLU N   H    sing N N 150 
GLU N   H2   sing N N 151 
GLU CA  C    sing N N 152 
GLU CA  CB   sing N N 153 
GLU CA  HA   sing N N 154 
GLU C   O    doub N N 155 
GLU C   OXT  sing N N 156 
GLU CB  CG   sing N N 157 
GLU CB  HB2  sing N N 158 
GLU CB  HB3  sing N N 159 
GLU CG  CD   sing N N 160 
GLU CG  HG2  sing N N 161 
GLU CG  HG3  sing N N 162 
GLU CD  OE1  doub N N 163 
GLU CD  OE2  sing N N 164 
GLU OE2 HE2  sing N N 165 
GLU OXT HXT  sing N N 166 
GLY N   CA   sing N N 167 
GLY N   H    sing N N 168 
GLY N   H2   sing N N 169 
GLY CA  C    sing N N 170 
GLY CA  HA2  sing N N 171 
GLY CA  HA3  sing N N 172 
GLY C   O    doub N N 173 
GLY C   OXT  sing N N 174 
GLY OXT HXT  sing N N 175 
GOL C1  O1   sing N N 176 
GOL C1  C2   sing N N 177 
GOL C1  H11  sing N N 178 
GOL C1  H12  sing N N 179 
GOL O1  HO1  sing N N 180 
GOL C2  O2   sing N N 181 
GOL C2  C3   sing N N 182 
GOL C2  H2   sing N N 183 
GOL O2  HO2  sing N N 184 
GOL C3  O3   sing N N 185 
GOL C3  H31  sing N N 186 
GOL C3  H32  sing N N 187 
GOL O3  HO3  sing N N 188 
HIS N   CA   sing N N 189 
HIS N   H    sing N N 190 
HIS N   H2   sing N N 191 
HIS CA  C    sing N N 192 
HIS CA  CB   sing N N 193 
HIS CA  HA   sing N N 194 
HIS C   O    doub N N 195 
HIS C   OXT  sing N N 196 
HIS CB  CG   sing N N 197 
HIS CB  HB2  sing N N 198 
HIS CB  HB3  sing N N 199 
HIS CG  ND1  sing Y N 200 
HIS CG  CD2  doub Y N 201 
HIS ND1 CE1  doub Y N 202 
HIS ND1 HD1  sing N N 203 
HIS CD2 NE2  sing Y N 204 
HIS CD2 HD2  sing N N 205 
HIS CE1 NE2  sing Y N 206 
HIS CE1 HE1  sing N N 207 
HIS NE2 HE2  sing N N 208 
HIS OXT HXT  sing N N 209 
HOH O   H1   sing N N 210 
HOH O   H2   sing N N 211 
ILE N   CA   sing N N 212 
ILE N   H    sing N N 213 
ILE N   H2   sing N N 214 
ILE CA  C    sing N N 215 
ILE CA  CB   sing N N 216 
ILE CA  HA   sing N N 217 
ILE C   O    doub N N 218 
ILE C   OXT  sing N N 219 
ILE CB  CG1  sing N N 220 
ILE CB  CG2  sing N N 221 
ILE CB  HB   sing N N 222 
ILE CG1 CD1  sing N N 223 
ILE CG1 HG12 sing N N 224 
ILE CG1 HG13 sing N N 225 
ILE CG2 HG21 sing N N 226 
ILE CG2 HG22 sing N N 227 
ILE CG2 HG23 sing N N 228 
ILE CD1 HD11 sing N N 229 
ILE CD1 HD12 sing N N 230 
ILE CD1 HD13 sing N N 231 
ILE OXT HXT  sing N N 232 
LEU N   CA   sing N N 233 
LEU N   H    sing N N 234 
LEU N   H2   sing N N 235 
LEU CA  C    sing N N 236 
LEU CA  CB   sing N N 237 
LEU CA  HA   sing N N 238 
LEU C   O    doub N N 239 
LEU C   OXT  sing N N 240 
LEU CB  CG   sing N N 241 
LEU CB  HB2  sing N N 242 
LEU CB  HB3  sing N N 243 
LEU CG  CD1  sing N N 244 
LEU CG  CD2  sing N N 245 
LEU CG  HG   sing N N 246 
LEU CD1 HD11 sing N N 247 
LEU CD1 HD12 sing N N 248 
LEU CD1 HD13 sing N N 249 
LEU CD2 HD21 sing N N 250 
LEU CD2 HD22 sing N N 251 
LEU CD2 HD23 sing N N 252 
LEU OXT HXT  sing N N 253 
LYS N   CA   sing N N 254 
LYS N   H    sing N N 255 
LYS N   H2   sing N N 256 
LYS CA  C    sing N N 257 
LYS CA  CB   sing N N 258 
LYS CA  HA   sing N N 259 
LYS C   O    doub N N 260 
LYS C   OXT  sing N N 261 
LYS CB  CG   sing N N 262 
LYS CB  HB2  sing N N 263 
LYS CB  HB3  sing N N 264 
LYS CG  CD   sing N N 265 
LYS CG  HG2  sing N N 266 
LYS CG  HG3  sing N N 267 
LYS CD  CE   sing N N 268 
LYS CD  HD2  sing N N 269 
LYS CD  HD3  sing N N 270 
LYS CE  NZ   sing N N 271 
LYS CE  HE2  sing N N 272 
LYS CE  HE3  sing N N 273 
LYS NZ  HZ1  sing N N 274 
LYS NZ  HZ2  sing N N 275 
LYS NZ  HZ3  sing N N 276 
LYS OXT HXT  sing N N 277 
NAG C1  C2   sing N N 278 
NAG C1  O1   sing N N 279 
NAG C1  O5   sing N N 280 
NAG C1  H1   sing N N 281 
NAG C2  C3   sing N N 282 
NAG C2  N2   sing N N 283 
NAG C2  H2   sing N N 284 
NAG C3  C4   sing N N 285 
NAG C3  O3   sing N N 286 
NAG C3  H3   sing N N 287 
NAG C4  C5   sing N N 288 
NAG C4  O4   sing N N 289 
NAG C4  H4   sing N N 290 
NAG C5  C6   sing N N 291 
NAG C5  O5   sing N N 292 
NAG C5  H5   sing N N 293 
NAG C6  O6   sing N N 294 
NAG C6  H61  sing N N 295 
NAG C6  H62  sing N N 296 
NAG C7  C8   sing N N 297 
NAG C7  N2   sing N N 298 
NAG C7  O7   doub N N 299 
NAG C8  H81  sing N N 300 
NAG C8  H82  sing N N 301 
NAG C8  H83  sing N N 302 
NAG N2  HN2  sing N N 303 
NAG O1  HO1  sing N N 304 
NAG O3  HO3  sing N N 305 
NAG O4  HO4  sing N N 306 
NAG O6  HO6  sing N N 307 
PHE N   CA   sing N N 308 
PHE N   H    sing N N 309 
PHE N   H2   sing N N 310 
PHE CA  C    sing N N 311 
PHE CA  CB   sing N N 312 
PHE CA  HA   sing N N 313 
PHE C   O    doub N N 314 
PHE C   OXT  sing N N 315 
PHE CB  CG   sing N N 316 
PHE CB  HB2  sing N N 317 
PHE CB  HB3  sing N N 318 
PHE CG  CD1  doub Y N 319 
PHE CG  CD2  sing Y N 320 
PHE CD1 CE1  sing Y N 321 
PHE CD1 HD1  sing N N 322 
PHE CD2 CE2  doub Y N 323 
PHE CD2 HD2  sing N N 324 
PHE CE1 CZ   doub Y N 325 
PHE CE1 HE1  sing N N 326 
PHE CE2 CZ   sing Y N 327 
PHE CE2 HE2  sing N N 328 
PHE CZ  HZ   sing N N 329 
PHE OXT HXT  sing N N 330 
PRO N   CA   sing N N 331 
PRO N   CD   sing N N 332 
PRO N   H    sing N N 333 
PRO CA  C    sing N N 334 
PRO CA  CB   sing N N 335 
PRO CA  HA   sing N N 336 
PRO C   O    doub N N 337 
PRO C   OXT  sing N N 338 
PRO CB  CG   sing N N 339 
PRO CB  HB2  sing N N 340 
PRO CB  HB3  sing N N 341 
PRO CG  CD   sing N N 342 
PRO CG  HG2  sing N N 343 
PRO CG  HG3  sing N N 344 
PRO CD  HD2  sing N N 345 
PRO CD  HD3  sing N N 346 
PRO OXT HXT  sing N N 347 
SER N   CA   sing N N 348 
SER N   H    sing N N 349 
SER N   H2   sing N N 350 
SER CA  C    sing N N 351 
SER CA  CB   sing N N 352 
SER CA  HA   sing N N 353 
SER C   O    doub N N 354 
SER C   OXT  sing N N 355 
SER CB  OG   sing N N 356 
SER CB  HB2  sing N N 357 
SER CB  HB3  sing N N 358 
SER OG  HG   sing N N 359 
SER OXT HXT  sing N N 360 
THR N   CA   sing N N 361 
THR N   H    sing N N 362 
THR N   H2   sing N N 363 
THR CA  C    sing N N 364 
THR CA  CB   sing N N 365 
THR CA  HA   sing N N 366 
THR C   O    doub N N 367 
THR C   OXT  sing N N 368 
THR CB  OG1  sing N N 369 
THR CB  CG2  sing N N 370 
THR CB  HB   sing N N 371 
THR OG1 HG1  sing N N 372 
THR CG2 HG21 sing N N 373 
THR CG2 HG22 sing N N 374 
THR CG2 HG23 sing N N 375 
THR OXT HXT  sing N N 376 
TRP N   CA   sing N N 377 
TRP N   H    sing N N 378 
TRP N   H2   sing N N 379 
TRP CA  C    sing N N 380 
TRP CA  CB   sing N N 381 
TRP CA  HA   sing N N 382 
TRP C   O    doub N N 383 
TRP C   OXT  sing N N 384 
TRP CB  CG   sing N N 385 
TRP CB  HB2  sing N N 386 
TRP CB  HB3  sing N N 387 
TRP CG  CD1  doub Y N 388 
TRP CG  CD2  sing Y N 389 
TRP CD1 NE1  sing Y N 390 
TRP CD1 HD1  sing N N 391 
TRP CD2 CE2  doub Y N 392 
TRP CD2 CE3  sing Y N 393 
TRP NE1 CE2  sing Y N 394 
TRP NE1 HE1  sing N N 395 
TRP CE2 CZ2  sing Y N 396 
TRP CE3 CZ3  doub Y N 397 
TRP CE3 HE3  sing N N 398 
TRP CZ2 CH2  doub Y N 399 
TRP CZ2 HZ2  sing N N 400 
TRP CZ3 CH2  sing Y N 401 
TRP CZ3 HZ3  sing N N 402 
TRP CH2 HH2  sing N N 403 
TRP OXT HXT  sing N N 404 
TYR N   CA   sing N N 405 
TYR N   H    sing N N 406 
TYR N   H2   sing N N 407 
TYR CA  C    sing N N 408 
TYR CA  CB   sing N N 409 
TYR CA  HA   sing N N 410 
TYR C   O    doub N N 411 
TYR C   OXT  sing N N 412 
TYR CB  CG   sing N N 413 
TYR CB  HB2  sing N N 414 
TYR CB  HB3  sing N N 415 
TYR CG  CD1  doub Y N 416 
TYR CG  CD2  sing Y N 417 
TYR CD1 CE1  sing Y N 418 
TYR CD1 HD1  sing N N 419 
TYR CD2 CE2  doub Y N 420 
TYR CD2 HD2  sing N N 421 
TYR CE1 CZ   doub Y N 422 
TYR CE1 HE1  sing N N 423 
TYR CE2 CZ   sing Y N 424 
TYR CE2 HE2  sing N N 425 
TYR CZ  OH   sing N N 426 
TYR OH  HH   sing N N 427 
TYR OXT HXT  sing N N 428 
VAL N   CA   sing N N 429 
VAL N   H    sing N N 430 
VAL N   H2   sing N N 431 
VAL CA  C    sing N N 432 
VAL CA  CB   sing N N 433 
VAL CA  HA   sing N N 434 
VAL C   O    doub N N 435 
VAL C   OXT  sing N N 436 
VAL CB  CG1  sing N N 437 
VAL CB  CG2  sing N N 438 
VAL CB  HB   sing N N 439 
VAL CG1 HG11 sing N N 440 
VAL CG1 HG12 sing N N 441 
VAL CG1 HG13 sing N N 442 
VAL CG2 HG21 sing N N 443 
VAL CG2 HG22 sing N N 444 
VAL CG2 HG23 sing N N 445 
VAL OXT HXT  sing N N 446 
# 
loop_
_pdbx_entity_branch_list.entity_id 
_pdbx_entity_branch_list.comp_id 
_pdbx_entity_branch_list.num 
_pdbx_entity_branch_list.hetero 
2 NAG 1 n 
2 GAL 2 n 
2 FUC 3 n 
2 FUC 4 n 
# 
_atom_sites.entry_id                    4GWI 
_atom_sites.fract_transf_matrix[1][1]   -0.01192004 
_atom_sites.fract_transf_matrix[1][2]   0.00749273 
_atom_sites.fract_transf_matrix[1][3]   -0.00488884 
_atom_sites.fract_transf_matrix[2][1]   0.00064944 
_atom_sites.fract_transf_matrix[2][2]   0.00884742 
_atom_sites.fract_transf_matrix[2][3]   0.01197625 
_atom_sites.fract_transf_matrix[3][1]   0.00602111 
_atom_sites.fract_transf_matrix[3][2]   0.00631965 
_atom_sites.fract_transf_matrix[3][3]   -0.00499514 
_atom_sites.fract_transf_vector[1]      0.156259 
_atom_sites.fract_transf_vector[2]      -0.269203 
_atom_sites.fract_transf_vector[3]      -0.115672 
# 
loop_
_atom_type.symbol 
C  
CA 
MG 
N  
O  
# 
loop_
_atom_site.group_PDB 
_atom_site.id 
_atom_site.type_symbol 
_atom_site.label_atom_id 
_atom_site.label_alt_id 
_atom_site.label_comp_id 
_atom_site.label_asym_id 
_atom_site.label_entity_id 
_atom_site.label_seq_id 
_atom_site.pdbx_PDB_ins_code 
_atom_site.Cartn_x 
_atom_site.Cartn_y 
_atom_site.Cartn_z 
_atom_site.occupancy 
_atom_site.B_iso_or_equiv 
_atom_site.pdbx_formal_charge 
_atom_site.auth_seq_id 
_atom_site.auth_comp_id 
_atom_site.auth_asym_id 
_atom_site.auth_atom_id 
_atom_site.pdbx_PDB_model_num 
ATOM   1    N  N   . ASN A 1 4   ? 0.406   9.676   -16.208 1.00 50.15 ? 41   ASN A N   1 
ATOM   2    C  CA  . ASN A 1 4   ? 1.313   10.373  -15.197 1.00 59.32 ? 41   ASN A CA  1 
ATOM   3    C  C   . ASN A 1 4   ? 1.344   11.905  -15.232 1.00 70.92 ? 41   ASN A C   1 
ATOM   4    O  O   . ASN A 1 4   ? 2.447   12.467  -15.321 1.00 77.97 ? 41   ASN A O   1 
ATOM   5    C  CB  . ASN A 1 4   ? 2.771   10.102  -15.428 1.00 40.29 ? 41   ASN A CB  1 
ATOM   6    C  CG  . ASN A 1 4   ? 3.276   8.844   -14.833 1.00 41.95 ? 41   ASN A CG  1 
ATOM   7    O  OD1 . ASN A 1 4   ? 4.485   8.809   -14.348 1.00 40.99 ? 41   ASN A OD1 1 
ATOM   8    N  ND2 . ASN A 1 4   ? 2.508   7.749   -15.011 1.00 33.50 ? 41   ASN A ND2 1 
ATOM   9    N  N   . ARG A 1 5   ? 0.168   12.537  -15.177 1.00 76.56 ? 42   ARG A N   1 
ATOM   10   C  CA  . ARG A 1 5   ? 0.020   13.997  -15.163 1.00 75.36 ? 42   ARG A CA  1 
ATOM   11   C  C   . ARG A 1 5   ? -0.747  14.425  -13.908 1.00 59.58 ? 42   ARG A C   1 
ATOM   12   O  O   . ARG A 1 5   ? -0.441  13.945  -12.816 1.00 56.95 ? 42   ARG A O   1 
ATOM   13   C  CB  . ARG A 1 5   ? -0.705  14.478  -16.419 1.00 85.22 ? 42   ARG A CB  1 
ATOM   14   C  CG  . ARG A 1 5   ? 0.215   14.783  -17.589 1.00 84.87 ? 42   ARG A CG  1 
ATOM   15   C  CD  . ARG A 1 5   ? 1.637   15.043  -17.120 1.00 95.22 ? 42   ARG A CD  1 
ATOM   16   N  NE  . ARG A 1 5   ? 1.693   16.076  -16.089 1.00 94.51 ? 42   ARG A NE  1 
ATOM   17   C  CZ  . ARG A 1 5   ? 1.349   17.345  -16.284 1.00 94.04 ? 42   ARG A CZ  1 
ATOM   18   N  NH1 . ARG A 1 5   ? 0.921   17.742  -17.474 1.00 85.43 ? 42   ARG A NH1 1 
ATOM   19   N  NH2 . ARG A 1 5   ? 1.432   18.217  -15.290 1.00 81.24 ? 42   ARG A NH2 1 
ATOM   20   N  N   . PRO A 1 6   ? -1.742  15.307  -14.037 1.00 63.68 ? 43   PRO A N   1 
ATOM   21   C  CA  . PRO A 1 6   ? -2.536  15.657  -12.832 1.00 51.89 ? 43   PRO A CA  1 
ATOM   22   C  C   . PRO A 1 6   ? -3.425  14.521  -12.237 1.00 43.61 ? 43   PRO A C   1 
ATOM   23   O  O   . PRO A 1 6   ? -3.947  13.608  -12.962 1.00 38.49 ? 43   PRO A O   1 
ATOM   24   C  CB  . PRO A 1 6   ? -3.435  16.784  -13.340 1.00 56.12 ? 43   PRO A CB  1 
ATOM   25   C  CG  . PRO A 1 6   ? -3.587  16.525  -14.825 1.00 56.29 ? 43   PRO A CG  1 
ATOM   26   C  CD  . PRO A 1 6   ? -2.206  16.069  -15.223 1.00 59.49 ? 43   PRO A CD  1 
ATOM   27   N  N   . VAL A 1 7   ? -3.579  14.586  -10.912 1.00 37.98 ? 44   VAL A N   1 
ATOM   28   C  CA  . VAL A 1 7   ? -4.481  13.711  -10.193 1.00 36.56 ? 44   VAL A CA  1 
ATOM   29   C  C   . VAL A 1 7   ? -5.464  14.503  -9.336  1.00 34.20 ? 44   VAL A C   1 
ATOM   30   O  O   . VAL A 1 7   ? -5.182  15.670  -8.981  1.00 36.96 ? 44   VAL A O   1 
ATOM   31   C  CB  . VAL A 1 7   ? -3.715  12.616  -9.336  1.00 36.60 ? 44   VAL A CB  1 
ATOM   32   C  CG1 . VAL A 1 7   ? -2.817  11.770  -10.269 1.00 37.80 ? 44   VAL A CG1 1 
ATOM   33   C  CG2 . VAL A 1 7   ? -2.972  13.212  -8.103  1.00 36.01 ? 44   VAL A CG2 1 
ATOM   34   N  N   . GLU A 1 8   ? -6.598  13.890  -9.047  1.00 28.27 ? 45   GLU A N   1 
ATOM   35   C  CA  . GLU A 1 8   ? -7.594  14.423  -8.183  1.00 30.39 ? 45   GLU A CA  1 
ATOM   36   C  C   . GLU A 1 8   ? -7.105  14.417  -6.738  1.00 32.36 ? 45   GLU A C   1 
ATOM   37   O  O   . GLU A 1 8   ? -6.066  13.773  -6.383  1.00 32.15 ? 45   GLU A O   1 
ATOM   38   C  CB  . GLU A 1 8   ? -8.835  13.622  -8.215  1.00 36.18 ? 45   GLU A CB  1 
ATOM   39   C  CG  . GLU A 1 8   ? -9.651  13.590  -9.462  1.00 46.99 ? 45   GLU A CG  1 
ATOM   40   C  CD  . GLU A 1 8   ? -10.942 12.834  -9.126  1.00 59.45 ? 45   GLU A CD  1 
ATOM   41   O  OE1 . GLU A 1 8   ? -11.123 12.251  -7.941  1.00 53.19 ? 45   GLU A OE1 1 
ATOM   42   O  OE2 . GLU A 1 8   ? -11.798 12.852  -10.043 1.00 54.57 ? 45   GLU A OE2 1 
ATOM   43   N  N   . THR A 1 9   ? -7.788  15.205  -5.902  1.00 30.74 ? 46   THR A N   1 
ATOM   44   C  CA  . THR A 1 9   ? -7.278  15.340  -4.542  1.00 31.32 ? 46   THR A CA  1 
ATOM   45   C  C   . THR A 1 9   ? -7.899  14.317  -3.554  1.00 26.45 ? 46   THR A C   1 
ATOM   46   O  O   . THR A 1 9   ? -7.377  14.175  -2.472  1.00 32.91 ? 46   THR A O   1 
ATOM   47   C  CB  . THR A 1 9   ? -7.601  16.800  -3.981  1.00 32.10 ? 46   THR A CB  1 
ATOM   48   O  OG1 . THR A 1 9   ? -9.013  16.998  -4.046  1.00 38.08 ? 46   THR A OG1 1 
ATOM   49   C  CG2 . THR A 1 9   ? -6.838  17.845  -4.727  1.00 40.02 ? 46   THR A CG2 1 
ATOM   50   N  N   . GLU A 1 10  ? -9.027  13.692  -3.900  1.00 27.42 ? 47   GLU A N   1 
ATOM   51   C  CA  . GLU A 1 10  ? -9.800  12.865  -3.019  1.00 25.06 ? 47   GLU A CA  1 
ATOM   52   C  C   . GLU A 1 10  ? -8.979  11.495  -2.871  1.00 25.28 ? 47   GLU A C   1 
ATOM   53   O  O   . GLU A 1 10  ? -8.741  10.799  -3.898  1.00 24.65 ? 47   GLU A O   1 
ATOM   54   C  CB  . GLU A 1 10  ? -11.167 12.503  -3.578  1.00 29.32 ? 47   GLU A CB  1 
ATOM   55   C  CG  . GLU A 1 10  ? -11.983 11.737  -2.591  1.00 36.29 ? 47   GLU A CG  1 
ATOM   56   C  CD  . GLU A 1 10  ? -13.323 11.119  -3.115  1.00 45.82 ? 47   GLU A CD  1 
ATOM   57   O  OE1 . GLU A 1 10  ? -13.766 11.288  -4.302  1.00 54.74 ? 47   GLU A OE1 1 
ATOM   58   O  OE2 . GLU A 1 10  ? -13.972 10.397  -2.322  1.00 50.00 ? 47   GLU A OE2 1 
ATOM   59   N  N   . ASN A 1 11  ? -8.696  11.114  -1.608  1.00 23.11 ? 48   ASN A N   1 
ATOM   60   C  CA  . ASN A 1 11  ? -8.149  9.760   -1.383  1.00 20.25 ? 48   ASN A CA  1 
ATOM   61   C  C   . ASN A 1 11  ? -9.261  8.769   -1.407  1.00 19.47 ? 48   ASN A C   1 
ATOM   62   O  O   . ASN A 1 11  ? -10.034 8.547   -0.442  1.00 21.38 ? 48   ASN A O   1 
ATOM   63   C  CB  . ASN A 1 11  ? -7.381  9.771   -0.031  1.00 19.39 ? 48   ASN A CB  1 
ATOM   64   C  CG  . ASN A 1 11  ? -7.059  8.334   0.405   1.00 20.72 ? 48   ASN A CG  1 
ATOM   65   O  OD1 . ASN A 1 11  ? -6.962  7.413   -0.430  1.00 19.52 ? 48   ASN A OD1 1 
ATOM   66   N  ND2 . ASN A 1 11  ? -6.888  8.117   1.686   1.00 21.02 ? 48   ASN A ND2 1 
ATOM   67   N  N   . ILE A 1 12  ? -9.371  8.014   -2.547  1.00 19.59 ? 49   ILE A N   1 
ATOM   68   C  CA  . ILE A 1 12  ? -10.485 7.056   -2.698  1.00 20.27 ? 49   ILE A CA  1 
ATOM   69   C  C   . ILE A 1 12  ? -10.241 5.705   -1.996  1.00 19.40 ? 49   ILE A C   1 
ATOM   70   O  O   . ILE A 1 12  ? -11.131 4.855   -1.942  1.00 22.36 ? 49   ILE A O   1 
ATOM   71   C  CB  . ILE A 1 12  ? -10.839 6.763   -4.185  1.00 21.10 ? 49   ILE A CB  1 
ATOM   72   C  CG1 . ILE A 1 12  ? -9.631  6.290   -4.986  1.00 22.49 ? 49   ILE A CG1 1 
ATOM   73   C  CG2 . ILE A 1 12  ? -11.264 8.096   -4.837  1.00 25.19 ? 49   ILE A CG2 1 
ATOM   74   C  CD1 . ILE A 1 12  ? -10.017 5.607   -6.339  1.00 24.48 ? 49   ILE A CD1 1 
ATOM   75   N  N   . ALA A 1 13  ? -9.048  5.530   -1.378  1.00 18.23 ? 50   ALA A N   1 
ATOM   76   C  CA  . ALA A 1 13  ? -8.851  4.282   -0.616  1.00 17.83 ? 50   ALA A CA  1 
ATOM   77   C  C   . ALA A 1 13  ? -9.378  4.365   0.835   1.00 18.22 ? 50   ALA A C   1 
ATOM   78   O  O   . ALA A 1 13  ? -9.588  3.382   1.462   1.00 18.16 ? 50   ALA A O   1 
ATOM   79   C  CB  . ALA A 1 13  ? -7.329  3.981   -0.538  1.00 18.07 ? 50   ALA A CB  1 
ATOM   80   N  N   . ARG A 1 14  ? -9.583  5.600   1.349   1.00 20.24 ? 51   ARG A N   1 
ATOM   81   C  CA  . ARG A 1 14  ? -10.035 5.727   2.728   1.00 20.56 ? 51   ARG A CA  1 
ATOM   82   C  C   . ARG A 1 14  ? -11.260 5.007   3.022   1.00 18.79 ? 51   ARG A C   1 
ATOM   83   O  O   . ARG A 1 14  ? -12.310 5.130   2.322   1.00 21.85 ? 51   ARG A O   1 
ATOM   84   C  CB  . ARG A 1 14  ? -10.236 7.251   2.924   1.00 25.07 ? 51   ARG A CB  1 
ATOM   85   C  CG  . ARG A 1 14  ? -11.035 7.523   4.154   1.00 33.37 ? 51   ARG A CG  1 
ATOM   86   C  CD  . ARG A 1 14  ? -9.943  7.499   5.154   1.00 32.38 ? 51   ARG A CD  1 
ATOM   87   N  NE  . ARG A 1 14  ? -10.540 7.989   6.425   1.00 47.03 ? 51   ARG A NE  1 
ATOM   88   C  CZ  . ARG A 1 14  ? -11.171 7.206   7.305   1.00 47.69 ? 51   ARG A CZ  1 
ATOM   89   N  NH1 . ARG A 1 14  ? -11.721 7.780   8.386   1.00 42.22 ? 51   ARG A NH1 1 
ATOM   90   N  NH2 . ARG A 1 14  ? -11.264 5.849   7.129   1.00 43.03 ? 51   ARG A NH2 1 
ATOM   91   N  N   . GLY A 1 15  ? -11.202 4.170   4.045   1.00 18.37 ? 52   GLY A N   1 
ATOM   92   C  CA  . GLY A 1 15  ? -12.351 3.453   4.523   1.00 19.21 ? 52   GLY A CA  1 
ATOM   93   C  C   . GLY A 1 15  ? -12.839 2.303   3.682   1.00 21.37 ? 52   GLY A C   1 
ATOM   94   O  O   . GLY A 1 15  ? -13.879 1.688   3.983   1.00 24.04 ? 52   GLY A O   1 
ATOM   95   N  N   . LYS A 1 16  ? -12.027 1.948   2.658   1.00 19.31 ? 53   LYS A N   1 
ATOM   96   C  CA  . LYS A 1 16  ? -12.403 0.784   1.837   1.00 17.84 ? 53   LYS A CA  1 
ATOM   97   C  C   . LYS A 1 16  ? -11.992 -0.562  2.455   1.00 20.42 ? 53   LYS A C   1 
ATOM   98   O  O   . LYS A 1 16  ? -11.267 -0.579  3.456   1.00 21.22 ? 53   LYS A O   1 
ATOM   99   C  CB  . LYS A 1 16  ? -11.699 0.967   0.487   1.00 19.66 ? 53   LYS A CB  1 
ATOM   100  C  CG  . LYS A 1 16  ? -12.118 2.179   -0.375  1.00 19.59 ? 53   LYS A CG  1 
ATOM   101  C  CD  . LYS A 1 16  ? -13.567 1.944   -0.852  1.00 21.32 ? 53   LYS A CD  1 
ATOM   102  C  CE  . LYS A 1 16  ? -13.987 3.070   -1.786  1.00 27.33 ? 53   LYS A CE  1 
ATOM   103  N  NZ  . LYS A 1 16  ? -13.946 4.433   -1.229  1.00 31.08 ? 53   LYS A NZ  1 
ATOM   104  N  N   . GLN A 1 17  ? -12.515 -1.674  1.904   1.00 19.18 ? 54   GLN A N   1 
ATOM   105  C  CA  . GLN A 1 17  ? -12.168 -2.971  2.416   1.00 19.46 ? 54   GLN A CA  1 
ATOM   106  C  C   . GLN A 1 17  ? -10.704 -3.278  2.133   1.00 22.33 ? 54   GLN A C   1 
ATOM   107  O  O   . GLN A 1 17  ? -10.206 -3.034  1.016   1.00 23.94 ? 54   GLN A O   1 
ATOM   108  C  CB  . GLN A 1 17  ? -13.031 -3.973  1.685   1.00 21.21 ? 54   GLN A CB  1 
ATOM   109  C  CG  . GLN A 1 17  ? -12.885 -5.367  2.301   1.00 29.54 ? 54   GLN A CG  1 
ATOM   110  C  CD  . GLN A 1 17  ? -13.776 -6.339  1.472   1.00 39.92 ? 54   GLN A CD  1 
ATOM   111  O  OE1 . GLN A 1 17  ? -13.813 -6.242  0.185   1.00 48.77 ? 54   GLN A OE1 1 
ATOM   112  N  NE2 . GLN A 1 17  ? -14.315 -7.328  2.124   1.00 39.46 ? 54   GLN A NE2 1 
ATOM   113  N  N   . ALA A 1 18  ? -9.968  -3.722  3.096   1.00 18.75 ? 55   ALA A N   1 
ATOM   114  C  CA  . ALA A 1 18  ? -8.507  -4.017  2.949   1.00 18.70 ? 55   ALA A CA  1 
ATOM   115  C  C   . ALA A 1 18  ? -8.322  -5.373  3.519   1.00 19.21 ? 55   ALA A C   1 
ATOM   116  O  O   . ALA A 1 18  ? -9.021  -5.886  4.431   1.00 21.68 ? 55   ALA A O   1 
ATOM   117  C  CB  . ALA A 1 18  ? -7.606  -2.955  3.660   1.00 19.57 ? 55   ALA A CB  1 
ATOM   118  N  N   . SER A 1 19  ? -7.258  -5.980  3.019   1.00 16.90 ? 56   SER A N   1 
ATOM   119  C  CA  . SER A 1 19  ? -6.894  -7.358  3.491   1.00 17.67 ? 56   SER A CA  1 
ATOM   120  C  C   . SER A 1 19  ? -5.378  -7.509  3.310   1.00 16.32 ? 56   SER A C   1 
ATOM   121  O  O   . SER A 1 19  ? -4.709  -6.718  2.672   1.00 17.61 ? 56   SER A O   1 
ATOM   122  C  CB  . SER A 1 19  ? -7.616  -8.494  2.731   1.00 20.24 ? 56   SER A CB  1 
ATOM   123  O  OG  . SER A 1 19  ? -7.299  -8.434  1.371   1.00 23.91 ? 56   SER A OG  1 
ATOM   124  N  N   . GLN A 1 20  ? -4.832  -8.562  3.937   1.00 17.05 ? 57   GLN A N   1 
ATOM   125  C  CA  . GLN A 1 20  ? -3.389  -8.764  3.793   1.00 15.89 ? 57   GLN A CA  1 
ATOM   126  C  C   . GLN A 1 20  ? -3.111  -10.287 4.033   1.00 17.59 ? 57   GLN A C   1 
ATOM   127  O  O   . GLN A 1 20  ? -4.002  -11.063 4.464   1.00 19.57 ? 57   GLN A O   1 
ATOM   128  C  CB  . GLN A 1 20  ? -2.611  -7.809  4.785   1.00 16.91 ? 57   GLN A CB  1 
ATOM   129  C  CG  . GLN A 1 20  ? -2.977  -8.119  6.260   1.00 16.25 ? 57   GLN A CG  1 
ATOM   130  C  CD  . GLN A 1 20  ? -2.460  -7.062  7.192   1.00 16.46 ? 57   GLN A CD  1 
ATOM   131  O  OE1 . GLN A 1 20  ? -1.939  -6.035  6.765   1.00 17.23 ? 57   GLN A OE1 1 
ATOM   132  N  NE2 . GLN A 1 20  ? -2.644  -7.295  8.520   1.00 17.70 ? 57   GLN A NE2 1 
ATOM   133  N  N   . SER A 1 21  ? -1.893  -10.637 3.714   1.00 17.60 ? 58   SER A N   1 
ATOM   134  C  CA  . SER A 1 21  ? -1.514  -12.085 3.755   1.00 18.77 ? 58   SER A CA  1 
ATOM   135  C  C   . SER A 1 21  ? -1.607  -12.738 5.105   1.00 20.39 ? 58   SER A C   1 
ATOM   136  O  O   . SER A 1 21  ? -1.955  -13.943 5.135   1.00 22.32 ? 58   SER A O   1 
ATOM   137  C  CB  . SER A 1 21  ? -0.071  -12.192 3.120   1.00 19.14 ? 58   SER A CB  1 
ATOM   138  O  OG  . SER A 1 21  ? 0.846   -11.389 3.805   1.00 18.59 ? 58   SER A OG  1 
ATOM   139  N  N   . SER A 1 22  ? -1.368  -12.059 6.203   1.00 17.82 ? 59   SER A N   1 
ATOM   140  C  CA  . SER A 1 22  ? -1.605  -12.556 7.501   1.00 19.48 ? 59   SER A CA  1 
ATOM   141  C  C   . SER A 1 22  ? -1.551  -11.301 8.409   1.00 18.15 ? 59   SER A C   1 
ATOM   142  O  O   . SER A 1 22  ? -1.126  -10.222 7.935   1.00 17.53 ? 59   SER A O   1 
ATOM   143  C  CB  . SER A 1 22  ? -0.411  -13.497 7.931   1.00 21.69 ? 59   SER A CB  1 
ATOM   144  O  OG  . SER A 1 22  ? 0.878   -12.867 7.765   1.00 19.54 ? 59   SER A OG  1 
ATOM   145  N  N   . THR A 1 23  ? -1.882  -11.495 9.696   1.00 18.83 ? 60   THR A N   1 
ATOM   146  C  CA  . THR A 1 23  ? -1.855  -10.376 10.645  1.00 17.53 ? 60   THR A CA  1 
ATOM   147  C  C   . THR A 1 23  ? -1.094  -10.746 11.885  1.00 18.48 ? 60   THR A C   1 
ATOM   148  O  O   . THR A 1 23  ? -1.338  -11.867 12.382  1.00 21.18 ? 60   THR A O   1 
ATOM   149  C  CB  . THR A 1 23  ? -3.344  -9.990  11.002  1.00 18.75 ? 60   THR A CB  1 
ATOM   150  O  OG1 . THR A 1 23  ? -4.024  -9.640  9.746   1.00 19.53 ? 60   THR A OG1 1 
ATOM   151  C  CG2 . THR A 1 23  ? -3.372  -8.801  11.970  1.00 19.38 ? 60   THR A CG2 1 
ATOM   152  N  N   . ALA A 1 24  ? -0.197  -9.897  12.364  1.00 17.44 ? 61   ALA A N   1 
ATOM   153  C  CA  . ALA A 1 24  ? 0.540   -10.137 13.584  1.00 17.70 ? 61   ALA A CA  1 
ATOM   154  C  C   . ALA A 1 24  ? 0.555   -8.870  14.385  1.00 18.13 ? 61   ALA A C   1 
ATOM   155  O  O   . ALA A 1 24  ? 0.381   -7.760  13.824  1.00 17.72 ? 61   ALA A O   1 
ATOM   156  C  CB  . ALA A 1 24  ? 2.002   -10.504 13.243  1.00 20.27 ? 61   ALA A CB  1 
ATOM   157  N  N   . HIS A 1 25  ? 0.817   -9.001  15.677  1.00 17.78 ? 62   HIS A N   1 
ATOM   158  C  CA  . HIS A 1 25  ? 0.968   -7.843  16.551  1.00 17.97 ? 62   HIS A CA  1 
ATOM   159  C  C   . HIS A 1 25  ? -0.230  -6.881  16.484  1.00 18.13 ? 62   HIS A C   1 
ATOM   160  O  O   . HIS A 1 25  ? -0.061  -5.663  16.731  1.00 20.51 ? 62   HIS A O   1 
ATOM   161  C  CB  . HIS A 1 25  ? 2.240   -7.035  16.280  1.00 18.71 ? 62   HIS A CB  1 
ATOM   162  C  CG  . HIS A 1 25  ? 3.509   -7.837  16.595  1.00 21.08 ? 62   HIS A CG  1 
ATOM   163  N  ND1 . HIS A 1 25  ? 3.795   -8.203  17.878  1.00 23.41 ? 62   HIS A ND1 1 
ATOM   164  C  CD2 . HIS A 1 25  ? 4.545   -8.305  15.777  1.00 23.22 ? 62   HIS A CD2 1 
ATOM   165  C  CE1 . HIS A 1 25  ? 4.964   -8.881  17.882  1.00 22.64 ? 62   HIS A CE1 1 
ATOM   166  N  NE2 . HIS A 1 25  ? 5.415   -8.983  16.610  1.00 22.60 ? 62   HIS A NE2 1 
ATOM   167  N  N   . GLY A 1 26  ? -1.397  -7.450  16.204  1.00 17.09 ? 63   GLY A N   1 
ATOM   168  C  CA  . GLY A 1 26  ? -2.644  -6.628  16.162  1.00 18.03 ? 63   GLY A CA  1 
ATOM   169  C  C   . GLY A 1 26  ? -2.684  -5.710  14.941  1.00 17.71 ? 63   GLY A C   1 
ATOM   170  O  O   . GLY A 1 26  ? -3.569  -4.818  14.943  1.00 17.98 ? 63   GLY A O   1 
ATOM   171  N  N   . GLY A 1 27  ? -1.798  -5.833  13.927  1.00 16.49 ? 64   GLY A N   1 
ATOM   172  C  CA  . GLY A 1 27  ? -1.668  -4.748  12.876  1.00 16.38 ? 64   GLY A CA  1 
ATOM   173  C  C   . GLY A 1 27  ? -2.669  -4.959  11.716  1.00 16.16 ? 64   GLY A C   1 
ATOM   174  O  O   . GLY A 1 27  ? -2.311  -5.255  10.580  1.00 16.19 ? 64   GLY A O   1 
ATOM   175  N  N   . ALA A 1 28  ? -3.948  -4.760  12.044  1.00 16.47 ? 65   ALA A N   1 
ATOM   176  C  CA  . ALA A 1 28  ? -5.018  -4.966  11.104  1.00 15.78 ? 65   ALA A CA  1 
ATOM   177  C  C   . ALA A 1 28  ? -4.828  -4.207  9.783   1.00 15.67 ? 65   ALA A C   1 
ATOM   178  O  O   . ALA A 1 28  ? -4.368  -3.056  9.750   1.00 17.04 ? 65   ALA A O   1 
ATOM   179  C  CB  . ALA A 1 28  ? -6.304  -4.401  11.750  1.00 17.55 ? 65   ALA A CB  1 
ATOM   180  N  N   . ALA A 1 29  ? -5.172  -4.906  8.686   1.00 16.03 ? 66   ALA A N   1 
ATOM   181  C  CA  . ALA A 1 29  ? -4.972  -4.347  7.353   1.00 15.30 ? 66   ALA A CA  1 
ATOM   182  C  C   . ALA A 1 29  ? -5.723  -3.020  7.166   1.00 15.14 ? 66   ALA A C   1 
ATOM   183  O  O   . ALA A 1 29  ? -5.233  -2.161  6.437   1.00 15.91 ? 66   ALA A O   1 
ATOM   184  C  CB  . ALA A 1 29  ? -5.524  -5.329  6.276   1.00 17.45 ? 66   ALA A CB  1 
ATOM   185  N  N   . THR A 1 30  ? -6.822  -2.871  7.891   1.00 15.93 ? 67   THR A N   1 
ATOM   186  C  CA  . THR A 1 30  ? -7.623  -1.617  7.724   1.00 15.03 ? 67   THR A CA  1 
ATOM   187  C  C   . THR A 1 30  ? -6.877  -0.422  8.330   1.00 16.27 ? 67   THR A C   1 
ATOM   188  O  O   . THR A 1 30  ? -7.232  0.716   7.990   1.00 17.18 ? 67   THR A O   1 
ATOM   189  C  CB  . THR A 1 30  ? -8.994  -1.736  8.351   1.00 17.31 ? 67   THR A CB  1 
ATOM   190  O  OG1 . THR A 1 30  ? -8.881  -2.289  9.675   1.00 20.58 ? 67   THR A OG1 1 
ATOM   191  C  CG2 . THR A 1 30  ? -9.835  -2.668  7.583   1.00 21.50 ? 67   THR A CG2 1 
ATOM   192  N  N   . ARG A 1 31  ? -5.785  -0.648  9.070   1.00 15.31 ? 68   ARG A N   1 
ATOM   193  C  CA  . ARG A 1 31  ? -5.020  0.553   9.561   1.00 14.94 ? 68   ARG A CA  1 
ATOM   194  C  C   . ARG A 1 31  ? -4.366  1.344   8.476   1.00 15.48 ? 68   ARG A C   1 
ATOM   195  O  O   . ARG A 1 31  ? -3.959  2.522   8.654   1.00 15.95 ? 68   ARG A O   1 
ATOM   196  C  CB  . ARG A 1 31  ? -3.976  0.081   10.560  1.00 15.35 ? 68   ARG A CB  1 
ATOM   197  C  CG  . ARG A 1 31  ? -4.631  -0.415  11.847  1.00 15.90 ? 68   ARG A CG  1 
ATOM   198  C  CD  . ARG A 1 31  ? -3.519  -0.992  12.733  1.00 15.46 ? 68   ARG A CD  1 
ATOM   199  N  NE  . ARG A 1 31  ? -4.181  -1.434  14.010  1.00 16.13 ? 68   ARG A NE  1 
ATOM   200  C  CZ  . ARG A 1 31  ? -3.440  -1.761  15.087  1.00 16.62 ? 68   ARG A CZ  1 
ATOM   201  N  NH1 . ARG A 1 31  ? -4.086  -2.075  16.264  1.00 16.54 ? 68   ARG A NH1 1 
ATOM   202  N  NH2 . ARG A 1 31  ? -2.090  -1.805  15.041  1.00 16.65 ? 68   ARG A NH2 1 
ATOM   203  N  N   . ALA A 1 32  ? -4.172  0.771   7.256   1.00 15.06 ? 69   ALA A N   1 
ATOM   204  C  CA  . ALA A 1 32  ? -3.543  1.551   6.194   1.00 15.73 ? 69   ALA A CA  1 
ATOM   205  C  C   . ALA A 1 32  ? -4.559  2.354   5.371   1.00 15.19 ? 69   ALA A C   1 
ATOM   206  O  O   . ALA A 1 32  ? -4.144  3.102   4.506   1.00 17.12 ? 69   ALA A O   1 
ATOM   207  C  CB  . ALA A 1 32  ? -2.733  0.563   5.215   1.00 17.07 ? 69   ALA A CB  1 
ATOM   208  N  N   . VAL A 1 33  ? -5.844  2.192   5.717   1.00 14.44 ? 70   VAL A N   1 
ATOM   209  C  CA  . VAL A 1 33  ? -6.864  3.039   5.041   1.00 16.11 ? 70   VAL A CA  1 
ATOM   210  C  C   . VAL A 1 33  ? -7.787  3.733   6.068   1.00 17.80 ? 70   VAL A C   1 
ATOM   211  O  O   . VAL A 1 33  ? -8.937  4.105   5.778   1.00 18.32 ? 70   VAL A O   1 
ATOM   212  C  CB  . VAL A 1 33  ? -7.703  2.230   3.976   1.00 17.17 ? 70   VAL A CB  1 
ATOM   213  C  CG1 . VAL A 1 33  ? -6.743  1.867   2.810   1.00 16.84 ? 70   VAL A CG1 1 
ATOM   214  C  CG2 . VAL A 1 33  ? -8.376  1.023   4.640   1.00 19.40 ? 70   VAL A CG2 1 
ATOM   215  N  N   . ASP A 1 34  ? -7.193  4.021   7.231   1.00 16.36 ? 71   ASP A N   1 
ATOM   216  C  CA  . ASP A 1 34  ? -8.018  4.628   8.279   1.00 16.10 ? 71   ASP A CA  1 
ATOM   217  C  C   . ASP A 1 34  ? -7.891  6.142   8.294   1.00 17.53 ? 71   ASP A C   1 
ATOM   218  O  O   . ASP A 1 34  ? -8.468  6.748   9.269   1.00 20.30 ? 71   ASP A O   1 
ATOM   219  C  CB  . ASP A 1 34  ? -7.642  4.024   9.672   1.00 16.51 ? 71   ASP A CB  1 
ATOM   220  C  CG  . ASP A 1 34  ? -6.223  4.365   10.096  1.00 17.62 ? 71   ASP A CG  1 
ATOM   221  O  OD1 . ASP A 1 34  ? -5.439  4.973   9.400   1.00 17.82 ? 71   ASP A OD1 1 
ATOM   222  O  OD2 . ASP A 1 34  ? -5.910  3.974   11.280  1.00 20.46 ? 71   ASP A OD2 1 
ATOM   223  N  N   . GLY A 1 35  ? -7.213  6.777   7.351   1.00 16.42 ? 72   GLY A N   1 
ATOM   224  C  CA  . GLY A 1 35  ? -7.157  8.232   7.295   1.00 18.39 ? 72   GLY A CA  1 
ATOM   225  C  C   . GLY A 1 35  ? -6.191  8.787   8.267   1.00 19.77 ? 72   GLY A C   1 
ATOM   226  O  O   . GLY A 1 35  ? -6.240  10.034  8.552   1.00 22.59 ? 72   GLY A O   1 
ATOM   227  N  N   . ASN A 1 36  ? -5.192  8.013   8.715   1.00 17.93 ? 73   ASN A N   1 
ATOM   228  C  CA  . ASN A 1 36  ? -4.185  8.490   9.662   1.00 17.05 ? 73   ASN A CA  1 
ATOM   229  C  C   . ASN A 1 36  ? -2.834  8.026   9.224   1.00 17.77 ? 73   ASN A C   1 
ATOM   230  O  O   . ASN A 1 36  ? -2.566  6.756   9.235   1.00 17.72 ? 73   ASN A O   1 
ATOM   231  C  CB  . ASN A 1 36  ? -4.557  7.881   11.033  1.00 17.69 ? 73   ASN A CB  1 
ATOM   232  C  CG  . ASN A 1 36  ? -3.642  8.415   12.144  1.00 17.56 ? 73   ASN A CG  1 
ATOM   233  O  OD1 . ASN A 1 36  ? -2.625  9.043   11.885  1.00 18.43 ? 73   ASN A OD1 1 
ATOM   234  N  ND2 . ASN A 1 36  ? -4.034  8.056   13.408  1.00 20.32 ? 73   ASN A ND2 1 
ATOM   235  N  N   . VAL A 1 37  ? -1.953  8.920   8.798   1.00 17.00 ? 74   VAL A N   1 
ATOM   236  C  CA  . VAL A 1 37  ? -0.610  8.552   8.329   1.00 16.35 ? 74   VAL A CA  1 
ATOM   237  C  C   . VAL A 1 37  ? 0.459   8.393   9.432   1.00 17.38 ? 74   VAL A C   1 
ATOM   238  O  O   . VAL A 1 37  ? 1.616   8.176   9.136   1.00 19.54 ? 74   VAL A O   1 
ATOM   239  C  CB  . VAL A 1 37  ? -0.081  9.505   7.245   1.00 17.56 ? 74   VAL A CB  1 
ATOM   240  C  CG1 . VAL A 1 37  ? -1.094  9.571   6.094   1.00 20.12 ? 74   VAL A CG1 1 
ATOM   241  C  CG2 . VAL A 1 37  ? 0.160   10.961  7.861   1.00 18.89 ? 74   VAL A CG2 1 
ATOM   242  N  N   . ASP A 1 38  ? 0.024   8.582   10.699  1.00 17.92 ? 75   ASP A N   1 
ATOM   243  C  CA  . ASP A 1 38  ? 0.994   8.422   11.828  1.00 19.29 ? 75   ASP A CA  1 
ATOM   244  C  C   . ASP A 1 38  ? 1.761   7.128   11.725  1.00 18.23 ? 75   ASP A C   1 
ATOM   245  O  O   . ASP A 1 38  ? 1.140   6.058   11.697  1.00 18.89 ? 75   ASP A O   1 
ATOM   246  C  CB  . ASP A 1 38  ? 0.203   8.490   13.167  1.00 19.44 ? 75   ASP A CB  1 
ATOM   247  C  CG  . ASP A 1 38  ? 1.116   8.622   14.362  1.00 20.04 ? 75   ASP A CG  1 
ATOM   248  O  OD1 . ASP A 1 38  ? 0.626   9.223   15.379  1.00 22.78 ? 75   ASP A OD1 1 
ATOM   249  O  OD2 . ASP A 1 38  ? 2.240   8.125   14.377  1.00 21.97 ? 75   ASP A OD2 1 
ATOM   250  N  N   . SER A 1 39  ? 3.093   7.248   11.619  1.00 19.64 ? 76   SER A N   1 
ATOM   251  C  CA  . SER A 1 39  ? 3.907   6.102   11.329  1.00 17.29 ? 76   SER A CA  1 
ATOM   252  C  C   . SER A 1 39  ? 4.472   5.321   12.505  1.00 17.41 ? 76   SER A C   1 
ATOM   253  O  O   . SER A 1 39  ? 5.237   4.357   12.349  1.00 20.03 ? 76   SER A O   1 
ATOM   254  C  CB  . SER A 1 39  ? 5.005   6.531   10.371  1.00 21.08 ? 76   SER A CB  1 
ATOM   255  O  OG  . SER A 1 39  ? 5.918   7.378   11.101  1.00 23.09 ? 76   SER A OG  1 
ATOM   256  N  N   . ASP A 1 40  ? 4.062   5.750   13.711  1.00 17.82 ? 77   ASP A N   1 
ATOM   257  C  CA  . ASP A 1 40  ? 4.588   5.080   14.906  1.00 18.96 ? 77   ASP A CA  1 
ATOM   258  C  C   . ASP A 1 40  ? 3.662   3.924   15.236  1.00 16.82 ? 77   ASP A C   1 
ATOM   259  O  O   . ASP A 1 40  ? 2.476   4.093   15.517  1.00 18.25 ? 77   ASP A O   1 
ATOM   260  C  CB  . ASP A 1 40  ? 4.549   6.100   16.083  1.00 20.40 ? 77   ASP A CB  1 
ATOM   261  C  CG  . ASP A 1 40  ? 5.191   5.545   17.371  1.00 25.00 ? 77   ASP A CG  1 
ATOM   262  O  OD1 . ASP A 1 40  ? 5.892   6.414   18.096  1.00 23.50 ? 77   ASP A OD1 1 
ATOM   263  O  OD2 . ASP A 1 40  ? 5.049   4.390   17.682  1.00 23.61 ? 77   ASP A OD2 1 
ATOM   264  N  N   . TYR A 1 41  ? 4.236   2.698   15.210  1.00 18.13 ? 78   TYR A N   1 
ATOM   265  C  CA  . TYR A 1 41  ? 3.404   1.485   15.414  1.00 17.47 ? 78   TYR A CA  1 
ATOM   266  C  C   . TYR A 1 41  ? 2.586   1.541   16.705  1.00 19.18 ? 78   TYR A C   1 
ATOM   267  O  O   . TYR A 1 41  ? 1.505   1.048   16.812  1.00 18.64 ? 78   TYR A O   1 
ATOM   268  C  CB  . TYR A 1 41  ? 4.329   0.219   15.430  1.00 17.62 ? 78   TYR A CB  1 
ATOM   269  C  CG  . TYR A 1 41  ? 3.476   -1.016  15.263  1.00 17.09 ? 78   TYR A CG  1 
ATOM   270  C  CD1 . TYR A 1 41  ? 3.022   -1.769  16.307  1.00 18.48 ? 78   TYR A CD1 1 
ATOM   271  C  CD2 . TYR A 1 41  ? 3.087   -1.375  13.981  1.00 18.23 ? 78   TYR A CD2 1 
ATOM   272  C  CE1 . TYR A 1 41  ? 2.165   -2.888  16.129  1.00 18.06 ? 78   TYR A CE1 1 
ATOM   273  C  CE2 . TYR A 1 41  ? 2.207   -2.436  13.745  1.00 17.94 ? 78   TYR A CE2 1 
ATOM   274  C  CZ  . TYR A 1 41  ? 1.743   -3.186  14.804  1.00 18.63 ? 78   TYR A CZ  1 
ATOM   275  O  OH  . TYR A 1 41  ? 0.885   -4.235  14.609  1.00 19.15 ? 78   TYR A OH  1 
ATOM   276  N  N   . GLY A 1 42  ? 3.202   2.189   17.727  1.00 18.70 ? 79   GLY A N   1 
ATOM   277  C  CA  . GLY A 1 42  ? 2.534   2.264   19.061  1.00 20.46 ? 79   GLY A CA  1 
ATOM   278  C  C   . GLY A 1 42  ? 1.296   3.157   19.082  1.00 19.48 ? 79   GLY A C   1 
ATOM   279  O  O   . GLY A 1 42  ? 0.522   3.130   20.091  1.00 22.15 ? 79   GLY A O   1 
ATOM   280  N  N   . HIS A 1 43  ? 1.076   3.961   18.018  1.00 19.24 ? 80   HIS A N   1 
ATOM   281  C  CA  . HIS A 1 43  ? -0.113  4.770   17.887  1.00 18.50 ? 80   HIS A CA  1 
ATOM   282  C  C   . HIS A 1 43  ? -1.276  4.101   17.104  1.00 17.87 ? 80   HIS A C   1 
ATOM   283  O  O   . HIS A 1 43  ? -2.338  4.688   16.871  1.00 18.72 ? 80   HIS A O   1 
ATOM   284  C  CB  . HIS A 1 43  ? 0.249   6.105   17.265  1.00 18.45 ? 80   HIS A CB  1 
ATOM   285  C  CG  . HIS A 1 43  ? 1.271   6.875   18.062  1.00 19.93 ? 80   HIS A CG  1 
ATOM   286  N  ND1 . HIS A 1 43  ? 1.791   8.011   17.555  1.00 19.63 ? 80   HIS A ND1 1 
ATOM   287  C  CD2 . HIS A 1 43  ? 1.803   6.690   19.322  1.00 21.56 ? 80   HIS A CD2 1 
ATOM   288  C  CE1 . HIS A 1 43  ? 2.739   8.516   18.446  1.00 20.06 ? 80   HIS A CE1 1 
ATOM   289  N  NE2 . HIS A 1 43  ? 2.712   7.718   19.540  1.00 19.95 ? 80   HIS A NE2 1 
ATOM   290  N  N   . HIS A 1 44  ? -1.018  2.790   16.753  1.00 17.42 ? 81   HIS A N   1 
ATOM   291  C  CA  . HIS A 1 44  ? -2.109  1.893   16.291  1.00 18.15 ? 81   HIS A CA  1 
ATOM   292  C  C   . HIS A 1 44  ? -2.617  2.138   14.881  1.00 17.03 ? 81   HIS A C   1 
ATOM   293  O  O   . HIS A 1 44  ? -3.730  1.692   14.598  1.00 18.82 ? 81   HIS A O   1 
ATOM   294  C  CB  . HIS A 1 44  ? -3.325  1.879   17.267  1.00 19.68 ? 81   HIS A CB  1 
ATOM   295  C  CG  . HIS A 1 44  ? -2.931  1.600   18.692  1.00 21.64 ? 81   HIS A CG  1 
ATOM   296  N  ND1 . HIS A 1 44  ? -2.253  0.510   19.031  1.00 24.72 ? 81   HIS A ND1 1 
ATOM   297  C  CD2 . HIS A 1 44  ? -3.221  2.300   19.874  1.00 29.27 ? 81   HIS A CD2 1 
ATOM   298  C  CE1 . HIS A 1 44  ? -2.095  0.481   20.400  1.00 29.95 ? 81   HIS A CE1 1 
ATOM   299  N  NE2 . HIS A 1 44  ? -2.685  1.565   20.909  1.00 27.49 ? 81   HIS A NE2 1 
ATOM   300  N  N   . SER A 1 45  ? -1.870  2.859   14.057  1.00 16.75 ? 82   SER A N   1 
ATOM   301  C  CA  . SER A 1 45  ? -2.405  3.156   12.706  1.00 17.03 ? 82   SER A CA  1 
ATOM   302  C  C   . SER A 1 45  ? -1.471  2.543   11.642  1.00 16.64 ? 82   SER A C   1 
ATOM   303  O  O   . SER A 1 45  ? -1.515  2.988   10.478  1.00 17.06 ? 82   SER A O   1 
ATOM   304  C  CB  . SER A 1 45  ? -2.573  4.693   12.514  1.00 18.32 ? 82   SER A CB  1 
ATOM   305  O  OG  . SER A 1 45  ? -3.471  4.887   11.367  1.00 17.62 ? 82   SER A OG  1 
ATOM   306  N  N   . VAL A 1 46  ? -0.689  1.510   12.033  1.00 15.60 ? 83   VAL A N   1 
ATOM   307  C  CA  . VAL A 1 46  ? 0.244   0.875   11.074  1.00 15.33 ? 83   VAL A CA  1 
ATOM   308  C  C   . VAL A 1 46  ? -0.088  -0.611  11.049  1.00 15.20 ? 83   VAL A C   1 
ATOM   309  O  O   . VAL A 1 46  ? -0.348  -1.245  12.086  1.00 16.43 ? 83   VAL A O   1 
ATOM   310  C  CB  . VAL A 1 46  ? 1.727   1.070   11.535  1.00 16.99 ? 83   VAL A CB  1 
ATOM   311  C  CG1 . VAL A 1 46  ? 2.709   0.361   10.591  1.00 18.48 ? 83   VAL A CG1 1 
ATOM   312  C  CG2 . VAL A 1 46  ? 2.087   2.609   11.706  1.00 17.17 ? 83   VAL A CG2 1 
ATOM   313  N  N   . THR A 1 47  ? -0.059  -1.173  9.823   1.00 14.86 ? 84   THR A N   1 
ATOM   314  C  CA  . THR A 1 47  ? -0.423  -2.615  9.700   1.00 14.09 ? 84   THR A CA  1 
ATOM   315  C  C   . THR A 1 47  ? 0.818   -3.483  10.009  1.00 15.74 ? 84   THR A C   1 
ATOM   316  O  O   . THR A 1 47  ? 1.948   -2.966  10.151  1.00 15.60 ? 84   THR A O   1 
ATOM   317  C  CB  . THR A 1 47  ? -0.781  -2.940  8.243   1.00 15.04 ? 84   THR A CB  1 
ATOM   318  O  OG1 . THR A 1 47  ? 0.361   -2.780  7.358   1.00 16.37 ? 84   THR A OG1 1 
ATOM   319  C  CG2 . THR A 1 47  ? -1.859  -1.989  7.631   1.00 15.29 ? 84   THR A CG2 1 
ATOM   320  N  N   . HIS A 1 48  ? 0.558   -4.810  10.079  1.00 15.91 ? 85   HIS A N   1 
ATOM   321  C  CA  . HIS A 1 48  ? 1.731   -5.744  10.278  1.00 17.00 ? 85   HIS A CA  1 
ATOM   322  C  C   . HIS A 1 48  ? 1.290   -7.124  9.927   1.00 17.40 ? 85   HIS A C   1 
ATOM   323  O  O   . HIS A 1 48  ? 0.270   -7.621  10.449  1.00 16.60 ? 85   HIS A O   1 
ATOM   324  C  CB  . HIS A 1 48  ? 2.095   -5.715  11.819  1.00 16.26 ? 85   HIS A CB  1 
ATOM   325  C  CG  . HIS A 1 48  ? 3.503   -6.096  12.128  1.00 19.15 ? 85   HIS A CG  1 
ATOM   326  N  ND1 . HIS A 1 48  ? 4.104   -7.273  11.708  1.00 18.75 ? 85   HIS A ND1 1 
ATOM   327  C  CD2 . HIS A 1 48  ? 4.419   -5.416  12.925  1.00 20.67 ? 85   HIS A CD2 1 
ATOM   328  C  CE1 . HIS A 1 48  ? 5.380   -7.294  12.218  1.00 18.81 ? 85   HIS A CE1 1 
ATOM   329  N  NE2 . HIS A 1 48  ? 5.578   -6.163  12.944  1.00 20.23 ? 85   HIS A NE2 1 
ATOM   330  N  N   . THR A 1 49  ? 2.035   -7.754  9.000   1.00 16.99 ? 86   THR A N   1 
ATOM   331  C  CA  . THR A 1 49  ? 1.765   -9.172  8.730   1.00 16.47 ? 86   THR A CA  1 
ATOM   332  C  C   . THR A 1 49  ? 2.748   -10.055 9.558   1.00 17.75 ? 86   THR A C   1 
ATOM   333  O  O   . THR A 1 49  ? 3.607   -9.526  10.287  1.00 18.27 ? 86   THR A O   1 
ATOM   334  C  CB  . THR A 1 49  ? 1.997   -9.534  7.275   1.00 17.34 ? 86   THR A CB  1 
ATOM   335  O  OG1 . THR A 1 49  ? 3.385   -9.373  6.928   1.00 19.01 ? 86   THR A OG1 1 
ATOM   336  C  CG2 . THR A 1 49  ? 1.237   -8.562  6.263   1.00 17.24 ? 86   THR A CG2 1 
ATOM   337  N  N   . ASN A 1 50  ? 2.553   -11.372 9.410   1.00 18.83 ? 87   ASN A N   1 
ATOM   338  C  CA  . ASN A 1 50  ? 3.592   -12.226 9.987   1.00 18.22 ? 87   ASN A CA  1 
ATOM   339  C  C   . ASN A 1 50  ? 4.900   -11.971 9.239   1.00 20.75 ? 87   ASN A C   1 
ATOM   340  O  O   . ASN A 1 50  ? 4.961   -11.467 8.142   1.00 20.75 ? 87   ASN A O   1 
ATOM   341  C  CB  . ASN A 1 50  ? 3.175   -13.660 9.755   1.00 17.22 ? 87   ASN A CB  1 
ATOM   342  C  CG  . ASN A 1 50  ? 1.932   -14.069 10.542  1.00 19.52 ? 87   ASN A CG  1 
ATOM   343  O  OD1 . ASN A 1 50  ? 1.642   -13.503 11.592  1.00 22.65 ? 87   ASN A OD1 1 
ATOM   344  N  ND2 . ASN A 1 50  ? 1.320   -15.183 10.125  1.00 21.43 ? 87   ASN A ND2 1 
ATOM   345  N  N   . PHE A 1 51  ? 5.982   -12.438 9.874   1.00 20.08 ? 88   PHE A N   1 
ATOM   346  C  CA  . PHE A 1 51  ? 7.250   -12.600 9.142   1.00 21.92 ? 88   PHE A CA  1 
ATOM   347  C  C   . PHE A 1 51  ? 7.027   -13.784 8.248   1.00 23.50 ? 88   PHE A C   1 
ATOM   348  O  O   . PHE A 1 51  ? 6.728   -14.931 8.730   1.00 26.88 ? 88   PHE A O   1 
ATOM   349  C  CB  . PHE A 1 51  ? 8.396   -12.960 10.114  1.00 21.10 ? 88   PHE A CB  1 
ATOM   350  C  CG  . PHE A 1 51  ? 8.956   -11.838 10.889  1.00 24.65 ? 88   PHE A CG  1 
ATOM   351  C  CD1 . PHE A 1 51  ? 10.287  -11.311 10.620  1.00 26.80 ? 88   PHE A CD1 1 
ATOM   352  C  CD2 . PHE A 1 51  ? 8.231   -11.291 11.935  1.00 27.82 ? 88   PHE A CD2 1 
ATOM   353  C  CE1 . PHE A 1 51  ? 10.762  -10.253 11.369  1.00 28.08 ? 88   PHE A CE1 1 
ATOM   354  C  CE2 . PHE A 1 51  ? 8.697   -10.194 12.631  1.00 31.06 ? 88   PHE A CE2 1 
ATOM   355  C  CZ  . PHE A 1 51  ? 9.985   -9.673  12.377  1.00 31.11 ? 88   PHE A CZ  1 
ATOM   356  N  N   . GLU A 1 52  ? 7.051   -13.587 6.936   1.00 21.22 ? 89   GLU A N   1 
ATOM   357  C  CA  . GLU A 1 52  ? 6.696   -14.651 5.998   1.00 20.94 ? 89   GLU A CA  1 
ATOM   358  C  C   . GLU A 1 52  ? 7.302   -14.293 4.668   1.00 23.60 ? 89   GLU A C   1 
ATOM   359  O  O   . GLU A 1 52  ? 7.827   -13.160 4.481   1.00 25.61 ? 89   GLU A O   1 
ATOM   360  C  CB  . GLU A 1 52  ? 5.192   -14.854 5.895   1.00 21.74 ? 89   GLU A CB  1 
ATOM   361  C  CG  . GLU A 1 52  ? 4.451   -13.587 5.282   1.00 23.00 ? 89   GLU A CG  1 
ATOM   362  C  CD  . GLU A 1 52  ? 2.965   -13.815 5.310   1.00 31.47 ? 89   GLU A CD  1 
ATOM   363  O  OE1 . GLU A 1 52  ? 2.438   -14.963 5.132   1.00 34.55 ? 89   GLU A OE1 1 
ATOM   364  O  OE2 . GLU A 1 52  ? 2.284   -12.801 5.544   1.00 33.32 ? 89   GLU A OE2 1 
ATOM   365  N  N   . ASP A 1 53  ? 7.260   -15.251 3.744   1.00 25.26 ? 90   ASP A N   1 
ATOM   366  C  CA  . ASP A 1 53  ? 7.701   -14.934 2.383   1.00 26.62 ? 90   ASP A CA  1 
ATOM   367  C  C   . ASP A 1 53  ? 6.626   -14.255 1.558   1.00 24.85 ? 90   ASP A C   1 
ATOM   368  O  O   . ASP A 1 53  ? 5.453   -14.626 1.607   1.00 23.64 ? 90   ASP A O   1 
ATOM   369  C  CB  . ASP A 1 53  ? 8.074   -16.246 1.676   1.00 29.38 ? 90   ASP A CB  1 
ATOM   370  C  CG  . ASP A 1 53  ? 9.300   -16.940 2.359   1.00 31.09 ? 90   ASP A CG  1 
ATOM   371  O  OD1 . ASP A 1 53  ? 9.990   -16.395 3.266   1.00 29.96 ? 90   ASP A OD1 1 
ATOM   372  O  OD2 . ASP A 1 53  ? 9.504   -18.120 1.971   1.00 37.62 ? 90   ASP A OD2 1 
ATOM   373  N  N   . ASN A 1 54  ? 7.070   -13.222 0.816   1.00 27.13 ? 91   ASN A N   1 
ATOM   374  C  CA  . ASN A 1 54  ? 6.160   -12.576 -0.131  1.00 23.79 ? 91   ASN A CA  1 
ATOM   375  C  C   . ASN A 1 54  ? 4.853   -12.064 0.557   1.00 21.66 ? 91   ASN A C   1 
ATOM   376  O  O   . ASN A 1 54  ? 3.775   -12.256 0.044   1.00 25.13 ? 91   ASN A O   1 
ATOM   377  C  CB  . ASN A 1 54  ? 5.756   -13.558 -1.277  1.00 27.68 ? 91   ASN A CB  1 
ATOM   378  C  CG  . ASN A 1 54  ? 6.997   -14.037 -2.044  1.00 36.18 ? 91   ASN A CG  1 
ATOM   379  O  OD1 . ASN A 1 54  ? 7.951   -13.295 -2.277  1.00 37.71 ? 91   ASN A OD1 1 
ATOM   380  N  ND2 . ASN A 1 54  ? 7.053   -15.321 -2.247  1.00 42.36 ? 91   ASN A ND2 1 
ATOM   381  N  N   . ALA A 1 55  ? 5.061   -11.366 1.664   1.00 20.94 ? 92   ALA A N   1 
ATOM   382  C  CA  . ALA A 1 55  ? 3.870   -10.758 2.372   1.00 19.38 ? 92   ALA A CA  1 
ATOM   383  C  C   . ALA A 1 55  ? 3.223   -9.726  1.402   1.00 19.14 ? 92   ALA A C   1 
ATOM   384  O  O   . ALA A 1 55  ? 3.902   -9.103  0.569   1.00 20.82 ? 92   ALA A O   1 
ATOM   385  C  CB  . ALA A 1 55  ? 4.405   -10.035 3.593   1.00 20.09 ? 92   ALA A CB  1 
ATOM   386  N  N   . TRP A 1 56  ? 1.923   -9.545  1.603   1.00 17.27 ? 93   TRP A N   1 
ATOM   387  C  CA  . TRP A 1 56  ? 1.251   -8.563  0.750   1.00 16.66 ? 93   TRP A CA  1 
ATOM   388  C  C   . TRP A 1 56  ? 0.069   -7.914  1.526   1.00 16.00 ? 93   TRP A C   1 
ATOM   389  O  O   . TRP A 1 56  ? -0.406  -8.451  2.516   1.00 18.02 ? 93   TRP A O   1 
ATOM   390  C  CB  . TRP A 1 56  ? 0.762   -9.192  -0.620  1.00 18.58 ? 93   TRP A CB  1 
ATOM   391  C  CG  . TRP A 1 56  ? -0.203  -10.365 -0.426  1.00 20.58 ? 93   TRP A CG  1 
ATOM   392  C  CD1 . TRP A 1 56  ? 0.138   -11.749 -0.384  1.00 21.76 ? 93   TRP A CD1 1 
ATOM   393  C  CD2 . TRP A 1 56  ? -1.611  -10.319 -0.059  1.00 19.82 ? 93   TRP A CD2 1 
ATOM   394  N  NE1 . TRP A 1 56  ? -0.996  -12.513 -0.147  1.00 22.34 ? 93   TRP A NE1 1 
ATOM   395  C  CE2 . TRP A 1 56  ? -2.077  -11.716 0.066   1.00 20.90 ? 93   TRP A CE2 1 
ATOM   396  C  CE3 . TRP A 1 56  ? -2.573  -9.285  0.035   1.00 18.51 ? 93   TRP A CE3 1 
ATOM   397  C  CZ2 . TRP A 1 56  ? -3.408  -12.034 0.455   1.00 22.82 ? 93   TRP A CZ2 1 
ATOM   398  C  CZ3 . TRP A 1 56  ? -3.883  -9.607  0.399   1.00 19.60 ? 93   TRP A CZ3 1 
ATOM   399  C  CH2 . TRP A 1 56  ? -4.299  -10.968 0.612   1.00 21.38 ? 93   TRP A CH2 1 
ATOM   400  N  N   . TRP A 1 57  ? -0.372  -6.784  0.968   1.00 15.74 ? 94   TRP A N   1 
ATOM   401  C  CA  . TRP A 1 57  ? -1.547  -6.048  1.515   1.00 16.83 ? 94   TRP A CA  1 
ATOM   402  C  C   . TRP A 1 57  ? -2.317  -5.557  0.307   1.00 16.84 ? 94   TRP A C   1 
ATOM   403  O  O   . TRP A 1 57  ? -1.715  -5.252  -0.759  1.00 17.10 ? 94   TRP A O   1 
ATOM   404  C  CB  . TRP A 1 57  ? -0.941  -4.868  2.314   1.00 15.92 ? 94   TRP A CB  1 
ATOM   405  C  CG  . TRP A 1 57  ? -2.034  -3.923  2.781   1.00 15.32 ? 94   TRP A CG  1 
ATOM   406  C  CD1 . TRP A 1 57  ? -2.679  -3.926  4.076   1.00 15.93 ? 94   TRP A CD1 1 
ATOM   407  C  CD2 . TRP A 1 57  ? -2.611  -2.821  2.044   1.00 15.94 ? 94   TRP A CD2 1 
ATOM   408  N  NE1 . TRP A 1 57  ? -3.649  -2.884  4.109   1.00 15.72 ? 94   TRP A NE1 1 
ATOM   409  C  CE2 . TRP A 1 57  ? -3.604  -2.220  2.937   1.00 15.46 ? 94   TRP A CE2 1 
ATOM   410  C  CE3 . TRP A 1 57  ? -2.396  -2.283  0.753   1.00 16.80 ? 94   TRP A CE3 1 
ATOM   411  C  CZ2 . TRP A 1 57  ? -4.411  -1.169  2.524   1.00 16.78 ? 94   TRP A CZ2 1 
ATOM   412  C  CZ3 . TRP A 1 57  ? -3.196  -1.216  0.336   1.00 16.88 ? 94   TRP A CZ3 1 
ATOM   413  C  CH2 . TRP A 1 57  ? -4.136  -0.630  1.251   1.00 16.36 ? 94   TRP A CH2 1 
ATOM   414  N  N   . GLN A 1 58  ? -3.656  -5.458  0.398   1.00 16.44 ? 95   GLN A N   1 
ATOM   415  C  CA  . GLN A 1 58  ? -4.466  -5.048  -0.751  1.00 15.94 ? 95   GLN A CA  1 
ATOM   416  C  C   . GLN A 1 58  ? -5.632  -4.198  -0.269  1.00 18.53 ? 95   GLN A C   1 
ATOM   417  O  O   . GLN A 1 58  ? -6.171  -4.440  0.840   1.00 19.49 ? 95   GLN A O   1 
ATOM   418  C  CB  . GLN A 1 58  ? -5.025  -6.324  -1.392  1.00 21.00 ? 95   GLN A CB  1 
ATOM   419  C  CG  . GLN A 1 58  ? -5.929  -6.017  -2.599  1.00 24.28 ? 95   GLN A CG  1 
ATOM   420  C  CD  . GLN A 1 58  ? -6.329  -7.367  -3.168  1.00 29.24 ? 95   GLN A CD  1 
ATOM   421  O  OE1 . GLN A 1 58  ? -7.335  -7.943  -2.737  1.00 34.70 ? 95   GLN A OE1 1 
ATOM   422  N  NE2 . GLN A 1 58  ? -5.475  -7.858  -4.024  1.00 31.67 ? 95   GLN A NE2 1 
ATOM   423  N  N   . VAL A 1 59  ? -6.024  -3.202  -1.090  1.00 16.51 ? 96   VAL A N   1 
ATOM   424  C  CA  . VAL A 1 59  ? -7.319  -2.541  -0.842  1.00 17.37 ? 96   VAL A CA  1 
ATOM   425  C  C   . VAL A 1 59  ? -8.204  -2.778  -2.091  1.00 19.04 ? 96   VAL A C   1 
ATOM   426  O  O   . VAL A 1 59  ? -7.743  -2.744  -3.251  1.00 17.96 ? 96   VAL A O   1 
ATOM   427  C  CB  . VAL A 1 59  ? -7.099  -1.051  -0.577  1.00 16.56 ? 96   VAL A CB  1 
ATOM   428  C  CG1 . VAL A 1 59  ? -6.269  -0.360  -1.704  1.00 17.08 ? 96   VAL A CG1 1 
ATOM   429  C  CG2 . VAL A 1 59  ? -8.498  -0.335  -0.284  1.00 17.45 ? 96   VAL A CG2 1 
ATOM   430  N  N   . ASP A 1 60  ? -9.489  -3.010  -1.792  1.00 18.93 ? 97   ASP A N   1 
ATOM   431  C  CA  . ASP A 1 60  ? -10.572 -3.127  -2.855  1.00 16.77 ? 97   ASP A CA  1 
ATOM   432  C  C   . ASP A 1 60  ? -11.203 -1.778  -2.946  1.00 19.78 ? 97   ASP A C   1 
ATOM   433  O  O   . ASP A 1 60  ? -11.923 -1.331  -1.978  1.00 21.63 ? 97   ASP A O   1 
ATOM   434  C  CB  . ASP A 1 60  ? -11.529 -4.211  -2.411  1.00 18.46 ? 97   ASP A CB  1 
ATOM   435  C  CG  . ASP A 1 60  ? -12.630 -4.428  -3.401  1.00 19.73 ? 97   ASP A CG  1 
ATOM   436  O  OD1 . ASP A 1 60  ? -12.696 -3.684  -4.358  1.00 21.98 ? 97   ASP A OD1 1 
ATOM   437  O  OD2 . ASP A 1 60  ? -13.443 -5.324  -3.074  1.00 22.74 ? 97   ASP A OD2 1 
ATOM   438  N  N   . LEU A 1 61  ? -11.042 -1.089  -4.051  1.00 19.23 ? 98   LEU A N   1 
ATOM   439  C  CA  . LEU A 1 61  ? -11.676 0.246   -4.239  1.00 19.59 ? 98   LEU A CA  1 
ATOM   440  C  C   . LEU A 1 61  ? -13.183 0.139   -4.401  1.00 20.05 ? 98   LEU A C   1 
ATOM   441  O  O   . LEU A 1 61  ? -13.852 1.227   -4.407  1.00 25.10 ? 98   LEU A O   1 
ATOM   442  C  CB  . LEU A 1 61  ? -11.061 0.979   -5.432  1.00 19.54 ? 98   LEU A CB  1 
ATOM   443  C  CG  . LEU A 1 61  ? -9.547  1.184   -5.373  1.00 18.62 ? 98   LEU A CG  1 
ATOM   444  C  CD1 . LEU A 1 61  ? -9.004  1.799   -6.633  1.00 21.65 ? 98   LEU A CD1 1 
ATOM   445  C  CD2 . LEU A 1 61  ? -9.140  2.071   -4.154  1.00 20.76 ? 98   LEU A CD2 1 
ATOM   446  N  N   . GLY A 1 62  ? -13.680 -1.078  -4.640  1.00 19.59 ? 99   GLY A N   1 
ATOM   447  C  CA  . GLY A 1 62  ? -15.101 -1.367  -4.659  1.00 22.43 ? 99   GLY A CA  1 
ATOM   448  C  C   . GLY A 1 62  ? -15.754 -1.233  -6.029  1.00 25.52 ? 99   GLY A C   1 
ATOM   449  O  O   . GLY A 1 62  ? -16.887 -1.724  -6.204  1.00 26.12 ? 99   GLY A O   1 
ATOM   450  N  N   . LYS A 1 63  ? -15.031 -0.635  -6.961  1.00 23.47 ? 100  LYS A N   1 
ATOM   451  C  CA  . LYS A 1 63  ? -15.447 -0.453  -8.354  1.00 23.77 ? 100  LYS A CA  1 
ATOM   452  C  C   . LYS A 1 63  ? -14.190 -0.190  -9.114  1.00 23.09 ? 100  LYS A C   1 
ATOM   453  O  O   . LYS A 1 63  ? -13.152 0.075   -8.497  1.00 23.06 ? 100  LYS A O   1 
ATOM   454  C  CB  . LYS A 1 63  ? -16.473 0.699   -8.496  1.00 25.68 ? 100  LYS A CB  1 
ATOM   455  C  CG  . LYS A 1 63  ? -16.040 2.050   -7.991  1.00 32.11 ? 100  LYS A CG  1 
ATOM   456  C  CD  . LYS A 1 63  ? -17.139 3.164   -8.059  1.00 42.13 ? 100  LYS A CD  1 
ATOM   457  C  CE  . LYS A 1 63  ? -17.733 3.413   -9.473  1.00 55.28 ? 100  LYS A CE  1 
ATOM   458  N  NZ  . LYS A 1 63  ? -16.845 3.357   -10.699 1.00 54.51 ? 100  LYS A NZ  1 
ATOM   459  N  N   . THR A 1 64  ? -14.208 -0.270  -10.450 1.00 21.67 ? 101  THR A N   1 
ATOM   460  C  CA  . THR A 1 64  ? -13.040 0.084   -11.232 1.00 21.01 ? 101  THR A CA  1 
ATOM   461  C  C   . THR A 1 64  ? -12.889 1.589   -11.360 1.00 19.61 ? 101  THR A C   1 
ATOM   462  O  O   . THR A 1 64  ? -13.860 2.311   -11.739 1.00 22.58 ? 101  THR A O   1 
ATOM   463  C  CB  . THR A 1 64  ? -13.139 -0.586  -12.645 1.00 20.78 ? 101  THR A CB  1 
ATOM   464  O  OG1 . THR A 1 64  ? -13.207 -1.989  -12.410 1.00 23.02 ? 101  THR A OG1 1 
ATOM   465  C  CG2 . THR A 1 64  ? -11.928 -0.262  -13.500 1.00 23.53 ? 101  THR A CG2 1 
ATOM   466  N  N   . GLU A 1 65  ? -11.715 2.103   -11.024 1.00 20.62 ? 102  GLU A N   1 
ATOM   467  C  CA  . GLU A 1 65  ? -11.475 3.515   -11.082 1.00 22.85 ? 102  GLU A CA  1 
ATOM   468  C  C   . GLU A 1 65  ? -10.269 3.771   -11.993 1.00 22.75 ? 102  GLU A C   1 
ATOM   469  O  O   . GLU A 1 65  ? -9.365  2.928   -12.099 1.00 20.97 ? 102  GLU A O   1 
ATOM   470  C  CB  . GLU A 1 65  ? -11.078 3.979   -9.657  1.00 22.42 ? 102  GLU A CB  1 
ATOM   471  C  CG  . GLU A 1 65  ? -12.189 3.775   -8.656  1.00 24.44 ? 102  GLU A CG  1 
ATOM   472  C  CD  . GLU A 1 65  ? -13.215 4.874   -8.693  1.00 32.30 ? 102  GLU A CD  1 
ATOM   473  O  OE1 . GLU A 1 65  ? -14.080 4.863   -7.767  1.00 34.76 ? 102  GLU A OE1 1 
ATOM   474  O  OE2 . GLU A 1 65  ? -13.159 5.750   -9.601  1.00 32.54 ? 102  GLU A OE2 1 
ATOM   475  N  N   . ASN A 1 66  ? -10.154 5.001   -12.501 1.00 21.75 ? 103  ASN A N   1 
ATOM   476  C  CA  . ASN A 1 66  ? -8.996  5.350   -13.270 1.00 20.65 ? 103  ASN A CA  1 
ATOM   477  C  C   . ASN A 1 66  ? -7.921  5.943   -12.361 1.00 24.43 ? 103  ASN A C   1 
ATOM   478  O  O   . ASN A 1 66  ? -8.061  7.087   -11.885 1.00 24.61 ? 103  ASN A O   1 
ATOM   479  C  CB  . ASN A 1 66  ? -9.375  6.332   -14.377 1.00 23.71 ? 103  ASN A CB  1 
ATOM   480  C  CG  . ASN A 1 66  ? -8.316  6.412   -15.428 1.00 30.14 ? 103  ASN A CG  1 
ATOM   481  O  OD1 . ASN A 1 66  ? -7.338  7.084   -15.241 1.00 31.63 ? 103  ASN A OD1 1 
ATOM   482  N  ND2 . ASN A 1 66  ? -8.386  5.548   -16.483 1.00 29.05 ? 103  ASN A ND2 1 
ATOM   483  N  N   . VAL A 1 67  ? -6.936  5.094   -12.067 1.00 21.78 ? 104  VAL A N   1 
ATOM   484  C  CA  . VAL A 1 67  ? -5.947  5.407   -10.985 1.00 22.31 ? 104  VAL A CA  1 
ATOM   485  C  C   . VAL A 1 67  ? -4.800  6.118   -11.582 1.00 23.51 ? 104  VAL A C   1 
ATOM   486  O  O   . VAL A 1 67  ? -4.155  5.674   -12.611 1.00 24.20 ? 104  VAL A O   1 
ATOM   487  C  CB  . VAL A 1 67  ? -5.495  4.089   -10.341 1.00 22.63 ? 104  VAL A CB  1 
ATOM   488  C  CG1 . VAL A 1 67  ? -4.347  4.374   -9.307  1.00 21.43 ? 104  VAL A CG1 1 
ATOM   489  C  CG2 . VAL A 1 67  ? -6.697  3.396   -9.630  1.00 22.55 ? 104  VAL A CG2 1 
ATOM   490  N  N   . GLY A 1 68  ? -4.431  7.242   -10.962 1.00 21.68 ? 105  GLY A N   1 
ATOM   491  C  CA  . GLY A 1 68  ? -3.288  7.959   -11.367 1.00 22.45 ? 105  GLY A CA  1 
ATOM   492  C  C   . GLY A 1 68  ? -2.100  8.028   -10.383 1.00 20.37 ? 105  GLY A C   1 
ATOM   493  O  O   . GLY A 1 68  ? -0.950  8.282   -10.808 1.00 22.09 ? 105  GLY A O   1 
ATOM   494  N  N   . LYS A 1 69  ? -2.441  7.832   -9.088  1.00 21.50 ? 106  LYS A N   1 
ATOM   495  C  CA  . LYS A 1 69  ? -1.353  7.944   -8.073  1.00 20.63 ? 106  LYS A CA  1 
ATOM   496  C  C   . LYS A 1 69  ? -1.673  7.049   -6.901  1.00 17.74 ? 106  LYS A C   1 
ATOM   497  O  O   . LYS A 1 69  ? -2.845  6.985   -6.460  1.00 20.66 ? 106  LYS A O   1 
ATOM   498  C  CB  . LYS A 1 69  ? -1.159  9.418   -7.585  1.00 20.78 ? 106  LYS A CB  1 
ATOM   499  C  CG  . LYS A 1 69  ? -0.001  9.596   -6.570  1.00 23.62 ? 106  LYS A CG  1 
ATOM   500  C  CD  . LYS A 1 69  ? -0.080  11.097  -6.151  1.00 25.90 ? 106  LYS A CD  1 
ATOM   501  C  CE  . LYS A 1 69  ? 0.952   11.563  -5.188  1.00 37.36 ? 106  LYS A CE  1 
ATOM   502  N  NZ  . LYS A 1 69  ? 0.627   13.033  -5.011  1.00 37.27 ? 106  LYS A NZ  1 
ATOM   503  N  N   . VAL A 1 70  ? -0.645  6.375   -6.445  1.00 18.02 ? 107  VAL A N   1 
ATOM   504  C  CA  . VAL A 1 70  ? -0.771  5.590   -5.166  1.00 19.76 ? 107  VAL A CA  1 
ATOM   505  C  C   . VAL A 1 70  ? 0.380   6.102   -4.284  1.00 19.19 ? 107  VAL A C   1 
ATOM   506  O  O   . VAL A 1 70  ? 1.506   6.191   -4.699  1.00 20.66 ? 107  VAL A O   1 
ATOM   507  C  CB  . VAL A 1 70  ? -0.556  4.087   -5.416  1.00 18.61 ? 107  VAL A CB  1 
ATOM   508  C  CG1 . VAL A 1 70  ? -0.534  3.289   -4.050  1.00 19.58 ? 107  VAL A CG1 1 
ATOM   509  C  CG2 . VAL A 1 70  ? -1.734  3.568   -6.303  1.00 19.52 ? 107  VAL A CG2 1 
ATOM   510  N  N   . LYS A 1 71  ? 0.029   6.498   -3.018  1.00 19.01 ? 108  LYS A N   1 
ATOM   511  C  CA  . LYS A 1 71  ? 1.073   7.044   -2.122  1.00 18.50 ? 108  LYS A CA  1 
ATOM   512  C  C   . LYS A 1 71  ? 1.188   6.081   -0.919  1.00 18.15 ? 108  LYS A C   1 
ATOM   513  O  O   . LYS A 1 71  ? 0.164   5.760   -0.345  1.00 20.20 ? 108  LYS A O   1 
ATOM   514  C  CB  . LYS A 1 71  ? 0.625   8.425   -1.600  1.00 22.40 ? 108  LYS A CB  1 
ATOM   515  C  CG  . LYS A 1 71  ? 1.773   9.127   -0.940  1.00 26.41 ? 108  LYS A CG  1 
ATOM   516  C  CD  . LYS A 1 71  ? 1.439   10.660  -0.891  1.00 27.46 ? 108  LYS A CD  1 
ATOM   517  C  CE  . LYS A 1 71  ? 2.548   11.285  -0.032  1.00 32.50 ? 108  LYS A CE  1 
ATOM   518  N  NZ  . LYS A 1 71  ? 2.052   12.683  0.254   1.00 37.75 ? 108  LYS A NZ  1 
ATOM   519  N  N   . LEU A 1 72  ? 2.392   5.623   -0.667  1.00 17.68 ? 109  LEU A N   1 
ATOM   520  C  CA  . LEU A 1 72  ? 2.613   4.666   0.439   1.00 17.74 ? 109  LEU A CA  1 
ATOM   521  C  C   . LEU A 1 72  ? 3.293   5.545   1.553   1.00 18.94 ? 109  LEU A C   1 
ATOM   522  O  O   . LEU A 1 72  ? 4.253   6.256   1.308   1.00 21.30 ? 109  LEU A O   1 
ATOM   523  C  CB  . LEU A 1 72  ? 3.638   3.594   0.075   1.00 19.23 ? 109  LEU A CB  1 
ATOM   524  C  CG  . LEU A 1 72  ? 3.248   2.718   -1.140  1.00 26.39 ? 109  LEU A CG  1 
ATOM   525  C  CD1 . LEU A 1 72  ? 4.206   1.533   -1.116  1.00 24.92 ? 109  LEU A CD1 1 
ATOM   526  C  CD2 . LEU A 1 72  ? 1.803   2.234   -1.235  1.00 26.53 ? 109  LEU A CD2 1 
ATOM   527  N  N   . TYR A 1 73  ? 2.881   5.259   2.771   1.00 17.27 ? 110  TYR A N   1 
ATOM   528  C  CA  . TYR A 1 73  ? 3.546   5.875   3.958   1.00 17.90 ? 110  TYR A CA  1 
ATOM   529  C  C   . TYR A 1 73  ? 4.089   4.768   4.783   1.00 19.53 ? 110  TYR A C   1 
ATOM   530  O  O   . TYR A 1 73  ? 3.345   3.849   5.190   1.00 19.29 ? 110  TYR A O   1 
ATOM   531  C  CB  . TYR A 1 73  ? 2.525   6.658   4.775   1.00 18.59 ? 110  TYR A CB  1 
ATOM   532  C  CG  . TYR A 1 73  ? 1.911   7.847   4.067   1.00 18.08 ? 110  TYR A CG  1 
ATOM   533  C  CD1 . TYR A 1 73  ? 2.321   9.128   4.436   1.00 21.04 ? 110  TYR A CD1 1 
ATOM   534  C  CD2 . TYR A 1 73  ? 0.945   7.696   3.045   1.00 19.37 ? 110  TYR A CD2 1 
ATOM   535  C  CE1 . TYR A 1 73  ? 1.750   10.217  3.809   1.00 23.28 ? 110  TYR A CE1 1 
ATOM   536  C  CE2 . TYR A 1 73  ? 0.389   8.805   2.398   1.00 20.66 ? 110  TYR A CE2 1 
ATOM   537  C  CZ  . TYR A 1 73  ? 0.820   10.050  2.811   1.00 21.89 ? 110  TYR A CZ  1 
ATOM   538  O  OH  . TYR A 1 73  ? 0.233   11.154  2.252   1.00 23.86 ? 110  TYR A OH  1 
ATOM   539  N  N   . ASN A 1 74  ? 5.403   4.784   5.002   1.00 18.29 ? 111  ASN A N   1 
ATOM   540  C  CA  . ASN A 1 74  ? 6.098   3.699   5.676   1.00 19.22 ? 111  ASN A CA  1 
ATOM   541  C  C   . ASN A 1 74  ? 5.947   3.746   7.191   1.00 20.10 ? 111  ASN A C   1 
ATOM   542  O  O   . ASN A 1 74  ? 5.641   4.805   7.726   1.00 21.33 ? 111  ASN A O   1 
ATOM   543  C  CB  . ASN A 1 74  ? 7.615   3.754   5.296   1.00 19.89 ? 111  ASN A CB  1 
ATOM   544  C  CG  . ASN A 1 74  ? 8.310   2.434   5.482   1.00 21.19 ? 111  ASN A CG  1 
ATOM   545  O  OD1 . ASN A 1 74  ? 7.744   1.421   5.902   1.00 22.23 ? 111  ASN A OD1 1 
ATOM   546  N  ND2 . ASN A 1 74  ? 9.639   2.464   5.225   1.00 22.16 ? 111  ASN A ND2 1 
ATOM   547  N  N   . ARG A 1 75  ? 6.188   2.603   7.850   1.00 19.57 ? 112  ARG A N   1 
ATOM   548  C  CA  . ARG A 1 75  ? 6.387   2.643   9.319   1.00 18.17 ? 112  ARG A CA  1 
ATOM   549  C  C   . ARG A 1 75  ? 7.628   3.468   9.631   1.00 23.35 ? 112  ARG A C   1 
ATOM   550  O  O   . ARG A 1 75  ? 8.618   3.386   8.905   1.00 25.61 ? 112  ARG A O   1 
ATOM   551  C  CB  . ARG A 1 75  ? 6.548   1.217   9.765   1.00 18.08 ? 112  ARG A CB  1 
ATOM   552  C  CG  . ARG A 1 75  ? 6.681   1.160   11.292  1.00 19.38 ? 112  ARG A CG  1 
ATOM   553  C  CD  . ARG A 1 75  ? 6.813   -0.292  11.733  1.00 19.28 ? 112  ARG A CD  1 
ATOM   554  N  NE  . ARG A 1 75  ? 7.035   -0.321  13.207  1.00 19.72 ? 112  ARG A NE  1 
ATOM   555  C  CZ  . ARG A 1 75  ? 7.199   -1.439  13.933  1.00 19.76 ? 112  ARG A CZ  1 
ATOM   556  N  NH1 . ARG A 1 75  ? 7.131   -2.684  13.385  1.00 20.24 ? 112  ARG A NH1 1 
ATOM   557  N  NH2 . ARG A 1 75  ? 7.398   -1.276  15.274  1.00 22.78 ? 112  ARG A NH2 1 
ATOM   558  N  N   . GLY A 1 76  ? 7.537   4.168   10.758  1.00 22.40 ? 113  GLY A N   1 
ATOM   559  C  CA  . GLY A 1 76  ? 8.663   5.120   11.142  1.00 25.53 ? 113  GLY A CA  1 
ATOM   560  C  C   . GLY A 1 76  ? 9.416   4.805   12.426  1.00 34.04 ? 113  GLY A C   1 
ATOM   561  O  O   . GLY A 1 76  ? 10.494  5.336   12.617  1.00 37.11 ? 113  GLY A O   1 
ATOM   562  N  N   . ASP A 1 77  ? 8.856   4.016   13.315  1.00 28.98 ? 114  ASP A N   1 
ATOM   563  C  CA  . ASP A 1 77  ? 9.485   3.790   14.634  1.00 33.05 ? 114  ASP A CA  1 
ATOM   564  C  C   . ASP A 1 77  ? 10.301  2.503   14.580  1.00 34.14 ? 114  ASP A C   1 
ATOM   565  O  O   . ASP A 1 77  ? 10.178  1.662   13.632  1.00 34.65 ? 114  ASP A O   1 
ATOM   566  C  CB  . ASP A 1 77  ? 8.431   3.642   15.757  1.00 30.03 ? 114  ASP A CB  1 
ATOM   567  C  CG  . ASP A 1 77  ? 7.621   2.338   15.617  1.00 32.95 ? 114  ASP A CG  1 
ATOM   568  O  OD1 . ASP A 1 77  ? 7.702   1.411   16.507  1.00 33.05 ? 114  ASP A OD1 1 
ATOM   569  O  OD2 . ASP A 1 77  ? 6.932   2.218   14.545  1.00 24.39 ? 114  ASP A OD2 1 
ATOM   570  N  N   . GLY A 1 78  ? 11.181  2.323   15.586  1.00 37.03 ? 115  GLY A N   1 
ATOM   571  C  CA  . GLY A 1 78  ? 11.816  0.991   15.809  1.00 35.59 ? 115  GLY A CA  1 
ATOM   572  C  C   . GLY A 1 78  ? 13.018  0.628   14.870  1.00 36.75 ? 115  GLY A C   1 
ATOM   573  O  O   . GLY A 1 78  ? 13.500  -0.492  14.919  1.00 38.53 ? 115  GLY A O   1 
ATOM   574  N  N   . ASN A 1 79  ? 13.458  1.531   13.990  1.00 37.51 ? 116  ASN A N   1 
ATOM   575  C  CA  . ASN A 1 79  ? 14.572  1.263   13.039  1.00 40.25 ? 116  ASN A CA  1 
ATOM   576  C  C   . ASN A 1 79  ? 14.344  0.015   12.156  1.00 43.52 ? 116  ASN A C   1 
ATOM   577  O  O   . ASN A 1 79  ? 15.274  -0.783  11.923  1.00 39.85 ? 116  ASN A O   1 
ATOM   578  C  CB  . ASN A 1 79  ? 15.924  1.025   13.796  1.00 49.76 ? 116  ASN A CB  1 
ATOM   579  C  CG  . ASN A 1 79  ? 16.331  2.192   14.706  1.00 61.85 ? 116  ASN A CG  1 
ATOM   580  O  OD1 . ASN A 1 79  ? 16.788  1.978   15.834  1.00 72.29 ? 116  ASN A OD1 1 
ATOM   581  N  ND2 . ASN A 1 79  ? 16.193  3.428   14.209  1.00 62.61 ? 116  ASN A ND2 1 
ATOM   582  N  N   . VAL A 1 80  ? 13.096  -0.168  11.719  1.00 31.23 ? 117  VAL A N   1 
ATOM   583  C  CA  . VAL A 1 80  ? 12.670  -1.303  10.898  1.00 28.15 ? 117  VAL A CA  1 
ATOM   584  C  C   . VAL A 1 80  ? 11.990  -0.788  9.607   1.00 26.62 ? 117  VAL A C   1 
ATOM   585  O  O   . VAL A 1 80  ? 11.313  -1.593  8.898   1.00 25.65 ? 117  VAL A O   1 
ATOM   586  C  CB  . VAL A 1 80  ? 11.702  -2.205  11.673  1.00 32.45 ? 117  VAL A CB  1 
ATOM   587  C  CG1 . VAL A 1 80  ? 12.433  -2.924  12.827  1.00 34.50 ? 117  VAL A CG1 1 
ATOM   588  C  CG2 . VAL A 1 80  ? 10.508  -1.408  12.236  1.00 30.62 ? 117  VAL A CG2 1 
ATOM   589  N  N   . ALA A 1 81  ? 12.228  0.481   9.269   1.00 29.29 ? 118  ALA A N   1 
ATOM   590  C  CA  . ALA A 1 81  ? 11.631  1.064   8.036   1.00 26.88 ? 118  ALA A CA  1 
ATOM   591  C  C   . ALA A 1 81  ? 12.126  0.308   6.803   1.00 27.25 ? 118  ALA A C   1 
ATOM   592  O  O   . ALA A 1 81  ? 11.412  0.233   5.778   1.00 25.62 ? 118  ALA A O   1 
ATOM   593  C  CB  . ALA A 1 81  ? 11.941  2.576   7.921   1.00 32.01 ? 118  ALA A CB  1 
ATOM   594  N  N   . ASN A 1 82  ? 13.333  -0.275  6.830   1.00 26.50 ? 119  ASN A N   1 
ATOM   595  C  CA  . ASN A 1 82  ? 13.853  -1.017  5.697   1.00 28.16 ? 119  ASN A CA  1 
ATOM   596  C  C   . ASN A 1 82  ? 13.147  -2.274  5.338   1.00 27.31 ? 119  ASN A C   1 
ATOM   597  O  O   . ASN A 1 82  ? 13.455  -2.839  4.316   1.00 28.75 ? 119  ASN A O   1 
ATOM   598  C  CB  . ASN A 1 82  ? 15.395  -1.264  5.848   1.00 34.82 ? 119  ASN A CB  1 
ATOM   599  C  CG  . ASN A 1 82  ? 15.747  -2.242  6.997   1.00 55.20 ? 119  ASN A CG  1 
ATOM   600  O  OD1 . ASN A 1 82  ? 16.751  -2.952  6.910   1.00 69.76 ? 119  ASN A OD1 1 
ATOM   601  N  ND2 . ASN A 1 82  ? 14.937  -2.275  8.075   1.00 56.00 ? 119  ASN A ND2 1 
ATOM   602  N  N   . ARG A 1 83  ? 12.161  -2.721  6.139   1.00 22.91 ? 120  ARG A N   1 
ATOM   603  C  CA  . ARG A 1 83  ? 11.380  -3.864  5.747   1.00 20.93 ? 120  ARG A CA  1 
ATOM   604  C  C   . ARG A 1 83  ? 10.554  -3.553  4.488   1.00 22.13 ? 120  ARG A C   1 
ATOM   605  O  O   . ARG A 1 83  ? 10.188  -4.503  3.745   1.00 24.73 ? 120  ARG A O   1 
ATOM   606  C  CB  . ARG A 1 83  ? 10.421  -4.287  6.881   1.00 21.98 ? 120  ARG A CB  1 
ATOM   607  C  CG  . ARG A 1 83  ? 11.150  -4.901  8.100   1.00 22.08 ? 120  ARG A CG  1 
ATOM   608  C  CD  . ARG A 1 83  ? 10.204  -4.959  9.286   1.00 23.12 ? 120  ARG A CD  1 
ATOM   609  N  NE  . ARG A 1 83  ? 10.988  -5.608  10.385  1.00 26.39 ? 120  ARG A NE  1 
ATOM   610  C  CZ  . ARG A 1 83  ? 10.497  -5.817  11.624  1.00 26.91 ? 120  ARG A CZ  1 
ATOM   611  N  NH1 . ARG A 1 83  ? 9.213   -5.468  11.984  1.00 23.75 ? 120  ARG A NH1 1 
ATOM   612  N  NH2 . ARG A 1 83  ? 11.319  -6.437  12.521  1.00 28.61 ? 120  ARG A NH2 1 
ATOM   613  N  N   . LEU A 1 84  ? 10.255  -2.287  4.280   1.00 22.49 ? 121  LEU A N   1 
ATOM   614  C  CA  . LEU A 1 84  ? 9.550   -1.910  3.047   1.00 22.94 ? 121  LEU A CA  1 
ATOM   615  C  C   . LEU A 1 84  ? 10.627  -1.615  1.955   1.00 22.27 ? 121  LEU A C   1 
ATOM   616  O  O   . LEU A 1 84  ? 11.040  -0.456  1.709   1.00 24.05 ? 121  LEU A O   1 
ATOM   617  C  CB  . LEU A 1 84  ? 8.603   -0.704  3.255   1.00 20.86 ? 121  LEU A CB  1 
ATOM   618  C  CG  . LEU A 1 84  ? 7.803   -0.324  1.993   1.00 20.21 ? 121  LEU A CG  1 
ATOM   619  C  CD1 . LEU A 1 84  ? 6.839   -1.481  1.620   1.00 22.39 ? 121  LEU A CD1 1 
ATOM   620  C  CD2 . LEU A 1 84  ? 6.940   0.876   2.373   1.00 21.30 ? 121  LEU A CD2 1 
ATOM   621  N  N   . SER A 1 85  ? 11.075  -2.707  1.389   1.00 23.55 ? 122  SER A N   1 
ATOM   622  C  CA  . SER A 1 85  ? 12.139  -2.676  0.353   1.00 24.47 ? 122  SER A CA  1 
ATOM   623  C  C   . SER A 1 85  ? 11.905  -3.889  -0.507  1.00 23.34 ? 122  SER A C   1 
ATOM   624  O  O   . SER A 1 85  ? 11.305  -4.893  -0.100  1.00 25.85 ? 122  SER A O   1 
ATOM   625  C  CB  . SER A 1 85  ? 13.544  -2.617  1.034   1.00 29.60 ? 122  SER A CB  1 
ATOM   626  O  OG  . SER A 1 85  ? 13.698  -3.837  1.665   1.00 35.54 ? 122  SER A OG  1 
ATOM   627  N  N   . ASN A 1 86  ? 12.394  -3.805  -1.766  1.00 22.60 ? 123  ASN A N   1 
ATOM   628  C  CA  . ASN A 1 86  ? 12.247  -4.840  -2.759  1.00 22.91 ? 123  ASN A CA  1 
ATOM   629  C  C   . ASN A 1 86  ? 10.807  -5.328  -2.864  1.00 22.84 ? 123  ASN A C   1 
ATOM   630  O  O   . ASN A 1 86  ? 10.462  -6.446  -2.499  1.00 23.55 ? 123  ASN A O   1 
ATOM   631  C  CB  . ASN A 1 86  ? 13.190  -5.999  -2.416  1.00 25.93 ? 123  ASN A CB  1 
ATOM   632  C  CG  . ASN A 1 86  ? 13.296  -7.028  -3.553  1.00 29.95 ? 123  ASN A CG  1 
ATOM   633  O  OD1 . ASN A 1 86  ? 12.861  -6.843  -4.657  1.00 30.58 ? 123  ASN A OD1 1 
ATOM   634  N  ND2 . ASN A 1 86  ? 13.833  -8.198  -3.212  1.00 33.66 ? 123  ASN A ND2 1 
ATOM   635  N  N   . PHE A 1 87  ? 9.992   -4.427  -3.375  1.00 21.97 ? 124  PHE A N   1 
ATOM   636  C  CA  . PHE A 1 87  ? 8.571   -4.698  -3.419  1.00 20.80 ? 124  PHE A CA  1 
ATOM   637  C  C   . PHE A 1 87  ? 7.959   -4.178  -4.697  1.00 21.94 ? 124  PHE A C   1 
ATOM   638  O  O   . PHE A 1 87  ? 8.513   -3.297  -5.375  1.00 21.76 ? 124  PHE A O   1 
ATOM   639  C  CB  . PHE A 1 87  ? 7.816   -4.051  -2.204  1.00 21.01 ? 124  PHE A CB  1 
ATOM   640  C  CG  . PHE A 1 87  ? 7.895   -2.548  -2.147  1.00 19.98 ? 124  PHE A CG  1 
ATOM   641  C  CD1 . PHE A 1 87  ? 8.971   -1.892  -1.573  1.00 21.47 ? 124  PHE A CD1 1 
ATOM   642  C  CD2 . PHE A 1 87  ? 6.878   -1.766  -2.736  1.00 21.47 ? 124  PHE A CD2 1 
ATOM   643  C  CE1 . PHE A 1 87  ? 9.079   -0.508  -1.535  1.00 21.78 ? 124  PHE A CE1 1 
ATOM   644  C  CE2 . PHE A 1 87  ? 6.983   -0.418  -2.693  1.00 20.64 ? 124  PHE A CE2 1 
ATOM   645  C  CZ  . PHE A 1 87  ? 7.997   0.243   -2.070  1.00 22.01 ? 124  PHE A CZ  1 
ATOM   646  N  N   . ASP A 1 88  ? 6.780   -4.698  -5.006  1.00 20.87 ? 125  ASP A N   1 
ATOM   647  C  CA  . ASP A 1 88  ? 6.011   -4.199  -6.165  1.00 21.02 ? 125  ASP A CA  1 
ATOM   648  C  C   . ASP A 1 88  ? 4.742   -3.512  -5.680  1.00 19.29 ? 125  ASP A C   1 
ATOM   649  O  O   . ASP A 1 88  ? 4.166   -3.854  -4.613  1.00 20.51 ? 125  ASP A O   1 
ATOM   650  C  CB  . ASP A 1 88  ? 5.511   -5.344  -7.069  1.00 21.55 ? 125  ASP A CB  1 
ATOM   651  C  CG  . ASP A 1 88  ? 6.640   -6.078  -7.868  1.00 25.92 ? 125  ASP A CG  1 
ATOM   652  O  OD1 . ASP A 1 88  ? 6.391   -7.261  -8.248  1.00 29.88 ? 125  ASP A OD1 1 
ATOM   653  O  OD2 . ASP A 1 88  ? 7.698   -5.533  -8.030  1.00 29.11 ? 125  ASP A OD2 1 
ATOM   654  N  N   . VAL A 1 89  ? 4.299   -2.532  -6.429  1.00 18.31 ? 126  VAL A N   1 
ATOM   655  C  CA  . VAL A 1 89  ? 2.901   -1.945  -6.297  1.00 17.45 ? 126  VAL A CA  1 
ATOM   656  C  C   . VAL A 1 89  ? 2.171   -2.397  -7.539  1.00 19.60 ? 126  VAL A C   1 
ATOM   657  O  O   . VAL A 1 89  ? 2.647   -2.161  -8.691  1.00 20.27 ? 126  VAL A O   1 
ATOM   658  C  CB  . VAL A 1 89  ? 2.964   -0.427  -6.179  1.00 19.08 ? 126  VAL A CB  1 
ATOM   659  C  CG1 . VAL A 1 89  ? 1.550   0.190   -6.017  1.00 19.46 ? 126  VAL A CG1 1 
ATOM   660  C  CG2 . VAL A 1 89  ? 3.835   -0.030  -4.956  1.00 19.66 ? 126  VAL A CG2 1 
ATOM   661  N  N   . VAL A 1 90  ? 1.020   -3.000  -7.347  1.00 19.33 ? 127  VAL A N   1 
ATOM   662  C  CA  . VAL A 1 90  ? 0.307   -3.702  -8.422  1.00 19.06 ? 127  VAL A CA  1 
ATOM   663  C  C   . VAL A 1 90  ? -1.098  -3.169  -8.467  1.00 20.48 ? 127  VAL A C   1 
ATOM   664  O  O   . VAL A 1 90  ? -1.781  -2.908  -7.435  1.00 21.44 ? 127  VAL A O   1 
ATOM   665  C  CB  . VAL A 1 90  ? 0.215   -5.211  -8.109  1.00 19.60 ? 127  VAL A CB  1 
ATOM   666  C  CG1 . VAL A 1 90  ? -0.263  -5.965  -9.347  1.00 22.29 ? 127  VAL A CG1 1 
ATOM   667  C  CG2 . VAL A 1 90  ? 1.596   -5.751  -7.726  1.00 22.45 ? 127  VAL A CG2 1 
ATOM   668  N  N   . LEU A 1 91  ? -1.588  -2.954  -9.697  1.00 17.72 ? 128  LEU A N   1 
ATOM   669  C  CA  . LEU A 1 91  ? -2.990  -2.637  -9.897  1.00 18.30 ? 128  LEU A CA  1 
ATOM   670  C  C   . LEU A 1 91  ? -3.680  -3.839  -10.547 1.00 19.20 ? 128  LEU A C   1 
ATOM   671  O  O   . LEU A 1 91  ? -3.104  -4.398  -11.480 1.00 18.26 ? 128  LEU A O   1 
ATOM   672  C  CB  . LEU A 1 91  ? -3.167  -1.429  -10.802 1.00 18.32 ? 128  LEU A CB  1 
ATOM   673  C  CG  . LEU A 1 91  ? -2.524  -0.068  -10.360 1.00 18.22 ? 128  LEU A CG  1 
ATOM   674  C  CD1 . LEU A 1 91  ? -2.889  1.031   -11.338 1.00 20.38 ? 128  LEU A CD1 1 
ATOM   675  C  CD2 . LEU A 1 91  ? -3.025  0.204   -8.922  1.00 20.71 ? 128  LEU A CD2 1 
ATOM   676  N  N   . LEU A 1 92  ? -4.836  -4.213  -10.068 1.00 18.76 ? 129  LEU A N   1 
ATOM   677  C  CA  . LEU A 1 92  ? -5.573  -5.375  -10.620 1.00 18.40 ? 129  LEU A CA  1 
ATOM   678  C  C   . LEU A 1 92  ? -6.934  -4.892  -11.086 1.00 23.15 ? 129  LEU A C   1 
ATOM   679  O  O   . LEU A 1 92  ? -7.577  -4.021  -10.499 1.00 19.85 ? 129  LEU A O   1 
ATOM   680  C  CB  . LEU A 1 92  ? -5.835  -6.468  -9.572  1.00 20.13 ? 129  LEU A CB  1 
ATOM   681  C  CG  . LEU A 1 92  ? -4.653  -6.891  -8.757  1.00 21.69 ? 129  LEU A CG  1 
ATOM   682  C  CD1 . LEU A 1 92  ? -5.253  -8.015  -7.867  1.00 23.60 ? 129  LEU A CD1 1 
ATOM   683  C  CD2 . LEU A 1 92  ? -3.593  -7.472  -9.629  1.00 23.45 ? 129  LEU A CD2 1 
ATOM   684  N  N   . ASN A 1 93  ? -7.412  -5.511  -12.183 1.00 18.56 ? 130  ASN A N   1 
ATOM   685  C  CA  . ASN A 1 93  ? -8.782  -5.246  -12.613 1.00 17.90 ? 130  ASN A CA  1 
ATOM   686  C  C   . ASN A 1 93  ? -9.837  -6.005  -11.762 1.00 21.12 ? 130  ASN A C   1 
ATOM   687  O  O   . ASN A 1 93  ? -9.518  -6.692  -10.757 1.00 20.69 ? 130  ASN A O   1 
ATOM   688  C  CB  . ASN A 1 93  ? -8.915  -5.548  -14.165 1.00 16.98 ? 130  ASN A CB  1 
ATOM   689  C  CG  . ASN A 1 93  ? -8.881  -7.042  -14.487 1.00 20.49 ? 130  ASN A CG  1 
ATOM   690  O  OD1 . ASN A 1 93  ? -8.739  -7.390  -15.750 1.00 21.45 ? 130  ASN A OD1 1 
ATOM   691  N  ND2 . ASN A 1 93  ? -8.855  -7.928  -13.564 1.00 15.95 ? 130  ASN A ND2 1 
ATOM   692  N  N   . GLU A 1 94  ? -11.114 -5.906  -12.128 1.00 21.04 ? 131  GLU A N   1 
ATOM   693  C  CA  . GLU A 1 94  ? -12.173 -6.513  -11.350 1.00 21.67 ? 131  GLU A CA  1 
ATOM   694  C  C   . GLU A 1 94  ? -12.112 -7.995  -11.267 1.00 23.96 ? 131  GLU A C   1 
ATOM   695  O  O   . GLU A 1 94  ? -12.579 -8.640  -10.333 1.00 26.78 ? 131  GLU A O   1 
ATOM   696  C  CB  . GLU A 1 94  ? -13.543 -6.025  -11.914 1.00 25.86 ? 131  GLU A CB  1 
ATOM   697  C  CG  . GLU A 1 94  ? -14.725 -6.546  -11.075 1.00 35.99 ? 131  GLU A CG  1 
ATOM   698  C  CD  . GLU A 1 94  ? -15.452 -7.758  -11.655 1.00 62.52 ? 131  GLU A CD  1 
ATOM   699  O  OE1 . GLU A 1 94  ? -14.872 -8.543  -12.480 1.00 60.60 ? 131  GLU A OE1 1 
ATOM   700  O  OE2 . GLU A 1 94  ? -16.638 -7.926  -11.250 1.00 70.16 ? 131  GLU A OE2 1 
ATOM   701  N  N   . ALA A 1 95  ? -11.497 -8.611  -12.287 1.00 22.09 ? 132  ALA A N   1 
ATOM   702  C  CA  . ALA A 1 95  ? -11.274 -10.034 -12.372 1.00 21.61 ? 132  ALA A CA  1 
ATOM   703  C  C   . ALA A 1 95  ? -9.979  -10.468 -11.728 1.00 21.00 ? 132  ALA A C   1 
ATOM   704  O  O   . ALA A 1 95  ? -9.495  -11.623 -11.762 1.00 24.14 ? 132  ALA A O   1 
ATOM   705  C  CB  . ALA A 1 95  ? -11.212 -10.418 -13.892 1.00 22.34 ? 132  ALA A CB  1 
ATOM   706  N  N   . LYS A 1 96  ? -9.331  -9.485  -11.020 1.00 22.76 ? 133  LYS A N   1 
ATOM   707  C  CA  . LYS A 1 96  ? -8.061  -9.739  -10.271 1.00 22.11 ? 133  LYS A CA  1 
ATOM   708  C  C   . LYS A 1 96  ? -6.846  -10.079 -11.139 1.00 21.89 ? 133  LYS A C   1 
ATOM   709  O  O   . LYS A 1 96  ? -5.858  -10.670 -10.703 1.00 25.69 ? 133  LYS A O   1 
ATOM   710  C  CB  . LYS A 1 96  ? -8.275  -10.728 -9.124  1.00 27.41 ? 133  LYS A CB  1 
ATOM   711  C  CG  . LYS A 1 96  ? -9.235  -10.120 -8.106  1.00 33.75 ? 133  LYS A CG  1 
ATOM   712  C  CD  . LYS A 1 96  ? -9.088  -10.832 -6.741  1.00 40.25 ? 133  LYS A CD  1 
ATOM   713  C  CE  . LYS A 1 96  ? -10.381 -10.714 -5.956  1.00 49.12 ? 133  LYS A CE  1 
ATOM   714  N  NZ  . LYS A 1 96  ? -10.096 -11.228 -4.579  1.00 50.91 ? 133  LYS A NZ  1 
ATOM   715  N  N   . GLN A 1 97  ? -6.911  -9.639  -12.424 1.00 21.68 ? 134  GLN A N   1 
ATOM   716  C  CA  . GLN A 1 97  ? -5.745  -9.727  -13.277 1.00 19.92 ? 134  GLN A CA  1 
ATOM   717  C  C   . GLN A 1 97  ? -4.932  -8.469  -13.157 1.00 18.89 ? 134  GLN A C   1 
ATOM   718  O  O   . GLN A 1 97  ? -5.489  -7.356  -13.103 1.00 20.23 ? 134  GLN A O   1 
ATOM   719  C  CB  . GLN A 1 97  ? -6.236  -9.765  -14.773 1.00 19.09 ? 134  GLN A CB  1 
ATOM   720  C  CG  . GLN A 1 97  ? -7.123  -10.992 -15.018 1.00 20.12 ? 134  GLN A CG  1 
ATOM   721  C  CD  . GLN A 1 97  ? -7.624  -10.970 -16.482 1.00 22.20 ? 134  GLN A CD  1 
ATOM   722  O  OE1 . GLN A 1 97  ? -8.315  -10.038 -16.863 1.00 19.65 ? 134  GLN A OE1 1 
ATOM   723  N  NE2 . GLN A 1 97  ? -7.258  -12.041 -17.288 1.00 22.52 ? 134  GLN A NE2 1 
ATOM   724  N  N   . GLU A 1 98  ? -3.611  -8.621  -13.309 1.00 20.33 ? 135  GLU A N   1 
ATOM   725  C  CA  . GLU A 1 98  ? -2.714  -7.450  -13.274 1.00 20.72 ? 135  GLU A CA  1 
ATOM   726  C  C   . GLU A 1 98  ? -2.887  -6.532  -14.458 1.00 22.87 ? 135  GLU A C   1 
ATOM   727  O  O   . GLU A 1 98  ? -2.881  -6.986  -15.660 1.00 24.09 ? 135  GLU A O   1 
ATOM   728  C  CB  . GLU A 1 98  ? -1.300  -7.989  -13.235 1.00 25.60 ? 135  GLU A CB  1 
ATOM   729  C  CG  . GLU A 1 98  ? -0.243  -6.967  -13.315 1.00 29.52 ? 135  GLU A CG  1 
ATOM   730  C  CD  . GLU A 1 98  ? 1.198   -7.636  -13.425 1.00 33.02 ? 135  GLU A CD  1 
ATOM   731  O  OE1 . GLU A 1 98  ? 1.431   -8.661  -12.815 1.00 41.59 ? 135  GLU A OE1 1 
ATOM   732  O  OE2 . GLU A 1 98  ? 2.019   -7.068  -14.141 1.00 41.19 ? 135  GLU A OE2 1 
ATOM   733  N  N   . VAL A 1 99  ? -3.092  -5.243  -14.204 1.00 20.31 ? 136  VAL A N   1 
ATOM   734  C  CA  . VAL A 1 99  ? -3.069  -4.258  -15.272 1.00 20.66 ? 136  VAL A CA  1 
ATOM   735  C  C   . VAL A 1 99  ? -1.881  -3.306  -15.194 1.00 21.06 ? 136  VAL A C   1 
ATOM   736  O  O   . VAL A 1 99  ? -1.585  -2.605  -16.205 1.00 22.70 ? 136  VAL A O   1 
ATOM   737  C  CB  . VAL A 1 99  ? -4.386  -3.467  -15.383 1.00 24.23 ? 136  VAL A CB  1 
ATOM   738  C  CG1 . VAL A 1 99  ? -5.621  -4.370  -15.564 1.00 27.10 ? 136  VAL A CG1 1 
ATOM   739  C  CG2 . VAL A 1 99  ? -4.681  -2.626  -14.153 1.00 23.82 ? 136  VAL A CG2 1 
ATOM   740  N  N   . ALA A 1 100 ? -1.189  -3.279  -14.024 1.00 20.23 ? 137  ALA A N   1 
ATOM   741  C  CA  . ALA A 1 100 ? 0.053   -2.491  -14.000 1.00 20.25 ? 137  ALA A CA  1 
ATOM   742  C  C   . ALA A 1 100 ? 0.875   -2.955  -12.837 1.00 18.65 ? 137  ALA A C   1 
ATOM   743  O  O   . ALA A 1 100 ? 0.302   -3.480  -11.901 1.00 20.80 ? 137  ALA A O   1 
ATOM   744  C  CB  . ALA A 1 100 ? -0.276  -0.967  -13.868 1.00 23.02 ? 137  ALA A CB  1 
ATOM   745  N  N   . ARG A 1 101 ? 2.178   -2.767  -12.892 1.00 20.34 ? 138  ARG A N   1 
ATOM   746  C  CA  . ARG A 1 101 ? 3.085   -3.232  -11.834 1.00 19.39 ? 138  ARG A CA  1 
ATOM   747  C  C   . ARG A 1 101 ? 4.322   -2.381  -11.897 1.00 22.26 ? 138  ARG A C   1 
ATOM   748  O  O   . ARG A 1 101 ? 4.876   -2.172  -12.978 1.00 24.27 ? 138  ARG A O   1 
ATOM   749  C  CB  . ARG A 1 101 ? 3.425   -4.744  -12.032 1.00 22.04 ? 138  ARG A CB  1 
ATOM   750  C  CG  . ARG A 1 101 ? 4.421   -5.263  -11.022 1.00 26.54 ? 138  ARG A CG  1 
ATOM   751  C  CD  . ARG A 1 101 ? 4.755   -6.768  -11.262 1.00 26.28 ? 138  ARG A CD  1 
ATOM   752  N  NE  . ARG A 1 101 ? 3.583   -7.579  -11.195 1.00 27.97 ? 138  ARG A NE  1 
ATOM   753  C  CZ  . ARG A 1 101 ? 3.151   -8.259  -10.111 1.00 27.61 ? 138  ARG A CZ  1 
ATOM   754  N  NH1 . ARG A 1 101 ? 3.836   -8.214  -8.969  1.00 26.92 ? 138  ARG A NH1 1 
ATOM   755  N  NH2 . ARG A 1 101 ? 2.000   -8.973  -10.199 1.00 30.68 ? 138  ARG A NH2 1 
ATOM   756  N  N   . GLN A 1 102 ? 4.766   -1.834  -10.741 1.00 20.26 ? 139  GLN A N   1 
ATOM   757  C  CA  . GLN A 1 102 ? 6.051   -1.119  -10.654 1.00 20.87 ? 139  GLN A CA  1 
ATOM   758  C  C   . GLN A 1 102 ? 6.818   -1.683  -9.504  1.00 22.81 ? 139  GLN A C   1 
ATOM   759  O  O   . GLN A 1 102 ? 6.252   -1.972  -8.439  1.00 22.17 ? 139  GLN A O   1 
ATOM   760  C  CB  . GLN A 1 102 ? 5.825   0.347   -10.395 1.00 19.20 ? 139  GLN A CB  1 
ATOM   761  C  CG  . GLN A 1 102 ? 5.306   1.027   -11.661 1.00 22.81 ? 139  GLN A CG  1 
ATOM   762  C  CD  . GLN A 1 102 ? 5.028   2.515   -11.502 1.00 21.13 ? 139  GLN A CD  1 
ATOM   763  O  OE1 . GLN A 1 102 ? 5.855   3.243   -10.935 1.00 23.45 ? 139  GLN A OE1 1 
ATOM   764  N  NE2 . GLN A 1 102 ? 3.882   2.994   -12.084 1.00 20.52 ? 139  GLN A NE2 1 
ATOM   765  N  N   . HIS A 1 103 ? 8.103   -1.874  -9.698  1.00 22.28 ? 140  HIS A N   1 
ATOM   766  C  CA  . HIS A 1 103 ? 8.993   -2.393  -8.691  1.00 23.36 ? 140  HIS A CA  1 
ATOM   767  C  C   . HIS A 1 103 ? 9.849   -1.297  -8.076  1.00 21.63 ? 140  HIS A C   1 
ATOM   768  O  O   . HIS A 1 103 ? 10.296  -0.359  -8.767  1.00 22.85 ? 140  HIS A O   1 
ATOM   769  C  CB  . HIS A 1 103 ? 9.917   -3.409  -9.367  1.00 23.71 ? 140  HIS A CB  1 
ATOM   770  C  CG  . HIS A 1 103 ? 10.981  -3.934  -8.416  1.00 26.84 ? 140  HIS A CG  1 
ATOM   771  N  ND1 . HIS A 1 103 ? 10.691  -4.835  -7.451  1.00 31.89 ? 140  HIS A ND1 1 
ATOM   772  C  CD2 . HIS A 1 103 ? 12.321  -3.570  -8.256  1.00 34.13 ? 140  HIS A CD2 1 
ATOM   773  C  CE1 . HIS A 1 103 ? 11.842  -5.084  -6.723  1.00 30.86 ? 140  HIS A CE1 1 
ATOM   774  N  NE2 . HIS A 1 103 ? 12.812  -4.283  -7.195  1.00 36.44 ? 140  HIS A NE2 1 
ATOM   775  N  N   . PHE A 1 104 ? 10.104  -1.413  -6.768  1.00 21.74 ? 141  PHE A N   1 
ATOM   776  C  CA  . PHE A 1 104 ? 10.940  -0.458  -6.017  1.00 22.59 ? 141  PHE A CA  1 
ATOM   777  C  C   . PHE A 1 104 ? 11.942  -1.124  -5.151  1.00 25.77 ? 141  PHE A C   1 
ATOM   778  O  O   . PHE A 1 104 ? 11.642  -2.061  -4.443  1.00 23.58 ? 141  PHE A O   1 
ATOM   779  C  CB  . PHE A 1 104 ? 10.083  0.468   -5.106  1.00 23.46 ? 141  PHE A CB  1 
ATOM   780  C  CG  . PHE A 1 104 ? 9.093   1.254   -5.907  1.00 23.63 ? 141  PHE A CG  1 
ATOM   781  C  CD1 . PHE A 1 104 ? 9.491   2.468   -6.474  1.00 23.12 ? 141  PHE A CD1 1 
ATOM   782  C  CD2 . PHE A 1 104 ? 7.827   0.687   -6.239  1.00 21.25 ? 141  PHE A CD2 1 
ATOM   783  C  CE1 . PHE A 1 104 ? 8.640   3.181   -7.364  1.00 24.40 ? 141  PHE A CE1 1 
ATOM   784  C  CE2 . PHE A 1 104 ? 7.015   1.417   -7.098  1.00 23.00 ? 141  PHE A CE2 1 
ATOM   785  C  CZ  . PHE A 1 104 ? 7.390   2.626   -7.631  1.00 23.38 ? 141  PHE A CZ  1 
ATOM   786  N  N   . ASP A 1 105 ? 13.185  -0.650  -5.202  1.00 26.97 ? 142  ASP A N   1 
ATOM   787  C  CA  . ASP A 1 105 ? 14.182  -1.251  -4.335  1.00 28.28 ? 142  ASP A CA  1 
ATOM   788  C  C   . ASP A 1 105 ? 14.060  -0.721  -2.922  1.00 26.67 ? 142  ASP A C   1 
ATOM   789  O  O   . ASP A 1 105 ? 14.194  -1.500  -2.006  1.00 29.69 ? 142  ASP A O   1 
ATOM   790  C  CB  . ASP A 1 105 ? 15.588  -0.835  -4.826  1.00 32.08 ? 142  ASP A CB  1 
ATOM   791  C  CG  . ASP A 1 105 ? 15.970  -1.485  -6.139  1.00 44.76 ? 142  ASP A CG  1 
ATOM   792  O  OD1 . ASP A 1 105 ? 15.493  -2.612  -6.457  1.00 43.56 ? 142  ASP A OD1 1 
ATOM   793  O  OD2 . ASP A 1 105 ? 16.810  -0.853  -6.832  1.00 49.83 ? 142  ASP A OD2 1 
ATOM   794  N  N   . SER A 1 106 ? 13.814  0.566   -2.732  1.00 30.06 ? 143  SER A N   1 
ATOM   795  C  CA  . SER A 1 106 ? 13.881  1.203   -1.423  1.00 37.06 ? 143  SER A CA  1 
ATOM   796  C  C   . SER A 1 106 ? 13.005  2.416   -1.451  1.00 36.94 ? 143  SER A C   1 
ATOM   797  O  O   . SER A 1 106 ? 12.619  2.847   -2.517  1.00 35.30 ? 143  SER A O   1 
ATOM   798  C  CB  . SER A 1 106 ? 15.311  1.769   -1.215  1.00 36.86 ? 143  SER A CB  1 
ATOM   799  O  OG  . SER A 1 106 ? 15.622  1.780   0.127   1.00 57.28 ? 143  SER A OG  1 
ATOM   800  N  N   . LEU A 1 107 ? 12.718  2.973   -0.266  1.00 32.04 ? 144  LEU A N   1 
ATOM   801  C  CA  . LEU A 1 107 ? 12.183  4.312   -0.181  1.00 32.18 ? 144  LEU A CA  1 
ATOM   802  C  C   . LEU A 1 107 ? 13.348  5.326   0.093   1.00 42.17 ? 144  LEU A C   1 
ATOM   803  O  O   . LEU A 1 107 ? 13.091  6.553   0.191   1.00 41.08 ? 144  LEU A O   1 
ATOM   804  C  CB  . LEU A 1 107 ? 11.214  4.393   0.998   1.00 31.77 ? 144  LEU A CB  1 
ATOM   805  C  CG  . LEU A 1 107 ? 9.756   4.278   0.580   1.00 31.00 ? 144  LEU A CG  1 
ATOM   806  C  CD1 . LEU A 1 107 ? 9.533   2.895   -0.013  1.00 31.47 ? 144  LEU A CD1 1 
ATOM   807  C  CD2 . LEU A 1 107 ? 8.802   4.535   1.753   1.00 27.99 ? 144  LEU A CD2 1 
ATOM   808  N  N   . ASN A 1 108 ? 14.547  4.761   0.353   1.00 50.09 ? 145  ASN A N   1 
ATOM   809  C  CA  . ASN A 1 108 ? 15.813  5.519   0.637   1.00 55.98 ? 145  ASN A CA  1 
ATOM   810  C  C   . ASN A 1 108 ? 15.739  6.321   1.929   1.00 52.48 ? 145  ASN A C   1 
ATOM   811  O  O   . ASN A 1 108 ? 16.147  7.483   1.962   1.00 60.79 ? 145  ASN A O   1 
ATOM   812  C  CB  . ASN A 1 108 ? 16.089  6.519   -0.505  1.00 56.76 ? 145  ASN A CB  1 
ATOM   813  C  CG  . ASN A 1 108 ? 16.611  5.852   -1.767  1.00 66.34 ? 145  ASN A CG  1 
ATOM   814  O  OD1 . ASN A 1 108 ? 17.329  4.838   -1.717  1.00 72.43 ? 145  ASN A OD1 1 
ATOM   815  N  ND2 . ASN A 1 108 ? 16.264  6.431   -2.914  1.00 72.47 ? 145  ASN A ND2 1 
ATOM   816  N  N   . GLY A 1 109 ? 15.146  5.749   2.965   1.00 47.02 ? 146  GLY A N   1 
ATOM   817  C  CA  . GLY A 1 109 ? 14.854  6.507   4.178   1.00 43.40 ? 146  GLY A CA  1 
ATOM   818  C  C   . GLY A 1 109 ? 13.765  7.573   4.121   1.00 42.12 ? 146  GLY A C   1 
ATOM   819  O  O   . GLY A 1 109 ? 13.473  8.142   5.174   1.00 42.39 ? 146  GLY A O   1 
ATOM   820  N  N   . LYS A 1 110 ? 13.159  7.857   2.941   1.00 35.43 ? 147  LYS A N   1 
ATOM   821  C  CA  . LYS A 1 110 ? 11.985  8.765   2.947   1.00 33.65 ? 147  LYS A CA  1 
ATOM   822  C  C   . LYS A 1 110 ? 10.764  8.149   3.649   1.00 30.00 ? 147  LYS A C   1 
ATOM   823  O  O   . LYS A 1 110 ? 10.578  6.938   3.630   1.00 35.49 ? 147  LYS A O   1 
ATOM   824  C  CB  . LYS A 1 110 ? 11.594  9.185   1.522   1.00 36.94 ? 147  LYS A CB  1 
ATOM   825  C  CG  . LYS A 1 110 ? 12.784  9.911   0.856   1.00 50.26 ? 147  LYS A CG  1 
ATOM   826  C  CD  . LYS A 1 110 ? 12.352  10.764  -0.338  1.00 61.42 ? 147  LYS A CD  1 
ATOM   827  C  CE  . LYS A 1 110 ? 13.562  11.343  -1.063  1.00 69.64 ? 147  LYS A CE  1 
ATOM   828  N  NZ  . LYS A 1 110 ? 14.322  12.281  -0.184  1.00 75.20 ? 147  LYS A NZ  1 
ATOM   829  N  N   . ALA A 1 111 ? 9.948   8.980   4.212   1.00 26.17 ? 148  ALA A N   1 
ATOM   830  C  CA  . ALA A 1 111 ? 8.757   8.528   4.985   1.00 27.45 ? 148  ALA A CA  1 
ATOM   831  C  C   . ALA A 1 111 ? 7.668   8.065   3.983   1.00 26.50 ? 148  ALA A C   1 
ATOM   832  O  O   . ALA A 1 111 ? 6.734   7.324   4.396   1.00 24.29 ? 148  ALA A O   1 
ATOM   833  C  CB  . ALA A 1 111 ? 8.179   9.654   5.792   1.00 28.45 ? 148  ALA A CB  1 
ATOM   834  N  N   . GLU A 1 112 ? 7.730   8.544   2.730   1.00 24.41 ? 149  GLU A N   1 
ATOM   835  C  CA  . GLU A 1 112 ? 6.600   8.258   1.836   1.00 22.70 ? 149  GLU A CA  1 
ATOM   836  C  C   . GLU A 1 112 ? 7.167   7.957   0.450   1.00 25.04 ? 149  GLU A C   1 
ATOM   837  O  O   . GLU A 1 112 ? 8.320   8.286   0.105   1.00 24.93 ? 149  GLU A O   1 
ATOM   838  C  CB  . GLU A 1 112 ? 5.633   9.380   1.770   1.00 27.59 ? 149  GLU A CB  1 
ATOM   839  C  CG  . GLU A 1 112 ? 6.270   10.650  1.332   1.00 41.24 ? 149  GLU A CG  1 
ATOM   840  C  CD  . GLU A 1 112 ? 5.364   11.873  1.552   1.00 53.74 ? 149  GLU A CD  1 
ATOM   841  O  OE1 . GLU A 1 112 ? 4.861   12.073  2.702   1.00 53.16 ? 149  GLU A OE1 1 
ATOM   842  O  OE2 . GLU A 1 112 ? 5.196   12.626  0.545   1.00 67.18 ? 149  GLU A OE2 1 
ATOM   843  N  N   . LEU A 1 113 ? 6.348   7.276   -0.366  1.00 21.62 ? 150  LEU A N   1 
ATOM   844  C  CA  . LEU A 1 113 ? 6.710   6.987   -1.806  1.00 23.04 ? 150  LEU A CA  1 
ATOM   845  C  C   . LEU A 1 113 ? 5.501   7.357   -2.605  1.00 21.56 ? 150  LEU A C   1 
ATOM   846  O  O   . LEU A 1 113 ? 4.367   6.886   -2.350  1.00 20.06 ? 150  LEU A O   1 
ATOM   847  C  CB  . LEU A 1 113 ? 7.058   5.500   -2.015  1.00 23.14 ? 150  LEU A CB  1 
ATOM   848  C  CG  . LEU A 1 113 ? 7.195   5.120   -3.511  1.00 24.40 ? 150  LEU A CG  1 
ATOM   849  C  CD1 . LEU A 1 113 ? 8.377   5.872   -4.130  1.00 28.63 ? 150  LEU A CD1 1 
ATOM   850  C  CD2 . LEU A 1 113 ? 7.335   3.575   -3.629  1.00 23.84 ? 150  LEU A CD2 1 
ATOM   851  N  N   . GLU A 1 114 ? 5.656   8.185   -3.646  1.00 21.48 ? 151  GLU A N   1 
ATOM   852  C  CA  . GLU A 1 114 ? 4.544   8.468   -4.538  1.00 19.57 ? 151  GLU A CA  1 
ATOM   853  C  C   . GLU A 1 114 ? 4.737   7.675   -5.840  1.00 21.62 ? 151  GLU A C   1 
ATOM   854  O  O   . GLU A 1 114 ? 5.825   7.739   -6.498  1.00 25.94 ? 151  GLU A O   1 
ATOM   855  C  CB  . GLU A 1 114 ? 4.541   9.973   -4.977  1.00 25.09 ? 151  GLU A CB  1 
ATOM   856  C  CG  . GLU A 1 114 ? 4.110   10.867  -3.768  1.00 30.70 ? 151  GLU A CG  1 
ATOM   857  C  CD  . GLU A 1 114 ? 3.983   12.343  -4.115  1.00 37.76 ? 151  GLU A CD  1 
ATOM   858  O  OE1 . GLU A 1 114 ? 4.556   12.788  -5.124  1.00 39.86 ? 151  GLU A OE1 1 
ATOM   859  O  OE2 . GLU A 1 114 ? 3.293   13.035  -3.345  1.00 47.06 ? 151  GLU A OE2 1 
ATOM   860  N  N   . VAL A 1 115 ? 3.727   6.861   -6.150  1.00 20.14 ? 152  VAL A N   1 
ATOM   861  C  CA  . VAL A 1 115 ? 3.837   5.988   -7.374  1.00 19.33 ? 152  VAL A CA  1 
ATOM   862  C  C   . VAL A 1 115 ? 2.808   6.515   -8.351  1.00 18.80 ? 152  VAL A C   1 
ATOM   863  O  O   . VAL A 1 115 ? 1.615   6.676   -8.064  1.00 20.30 ? 152  VAL A O   1 
ATOM   864  C  CB  . VAL A 1 115 ? 3.465   4.562   -6.953  1.00 18.88 ? 152  VAL A CB  1 
ATOM   865  C  CG1 . VAL A 1 115 ? 3.668   3.657   -8.208  1.00 19.72 ? 152  VAL A CG1 1 
ATOM   866  C  CG2 . VAL A 1 115 ? 4.323   4.056   -5.802  1.00 21.68 ? 152  VAL A CG2 1 
ATOM   867  N  N   . PHE A 1 116 ? 3.247   6.827   -9.575  1.00 19.55 ? 153  PHE A N   1 
ATOM   868  C  CA  . PHE A 1 116 ? 2.335   7.370   -10.581 1.00 19.94 ? 153  PHE A CA  1 
ATOM   869  C  C   . PHE A 1 116 ? 1.983   6.335   -11.658 1.00 18.56 ? 153  PHE A C   1 
ATOM   870  O  O   . PHE A 1 116 ? 2.926   5.650   -12.091 1.00 22.13 ? 153  PHE A O   1 
ATOM   871  C  CB  . PHE A 1 116 ? 2.997   8.601   -11.241 1.00 21.43 ? 153  PHE A CB  1 
ATOM   872  C  CG  . PHE A 1 116 ? 3.102   9.779   -10.255 1.00 24.39 ? 153  PHE A CG  1 
ATOM   873  C  CD1 . PHE A 1 116 ? 2.019   10.610  -10.153 1.00 31.61 ? 153  PHE A CD1 1 
ATOM   874  C  CD2 . PHE A 1 116 ? 4.279   9.966   -9.534  1.00 29.92 ? 153  PHE A CD2 1 
ATOM   875  C  CE1 . PHE A 1 116 ? 2.061   11.704  -9.254  1.00 38.50 ? 153  PHE A CE1 1 
ATOM   876  C  CE2 . PHE A 1 116 ? 4.317   11.085  -8.612  1.00 27.19 ? 153  PHE A CE2 1 
ATOM   877  C  CZ  . PHE A 1 116 ? 3.201   11.893  -8.519  1.00 30.31 ? 153  PHE A CZ  1 
ATOM   878  N  N   . PHE A 1 117 ? 0.680   6.205   -11.938 1.00 19.81 ? 154  PHE A N   1 
ATOM   879  C  CA  . PHE A 1 117 ? 0.245   5.271   -12.995 1.00 19.30 ? 154  PHE A CA  1 
ATOM   880  C  C   . PHE A 1 117 ? -0.350  6.009   -14.139 1.00 19.99 ? 154  PHE A C   1 
ATOM   881  O  O   . PHE A 1 117 ? -0.898  7.087   -13.968 1.00 23.27 ? 154  PHE A O   1 
ATOM   882  C  CB  . PHE A 1 117 ? -0.772  4.337   -12.401 1.00 20.38 ? 154  PHE A CB  1 
ATOM   883  C  CG  . PHE A 1 117 ? -0.146  3.271   -11.502 1.00 20.31 ? 154  PHE A CG  1 
ATOM   884  C  CD1 . PHE A 1 117 ? 0.479   2.167   -11.974 1.00 19.65 ? 154  PHE A CD1 1 
ATOM   885  C  CD2 . PHE A 1 117 ? -0.163  3.449   -10.085 1.00 21.59 ? 154  PHE A CD2 1 
ATOM   886  C  CE1 . PHE A 1 117 ? 1.050   1.160   -11.174 1.00 22.46 ? 154  PHE A CE1 1 
ATOM   887  C  CE2 . PHE A 1 117 ? 0.385   2.447   -9.290  1.00 21.96 ? 154  PHE A CE2 1 
ATOM   888  C  CZ  . PHE A 1 117 ? 1.028   1.328   -9.780  1.00 22.11 ? 154  PHE A CZ  1 
ATOM   889  N  N   . THR A 1 118 ? -0.192  5.409   -15.363 1.00 20.52 ? 155  THR A N   1 
ATOM   890  C  CA  . THR A 1 118 ? -0.631  6.161   -16.578 1.00 20.70 ? 155  THR A CA  1 
ATOM   891  C  C   . THR A 1 118 ? -2.072  5.840   -16.890 1.00 21.32 ? 155  THR A C   1 
ATOM   892  O  O   . THR A 1 118 ? -2.388  4.900   -17.666 1.00 23.42 ? 155  THR A O   1 
ATOM   893  C  CB  . THR A 1 118 ? 0.256   5.797   -17.745 1.00 19.21 ? 155  THR A CB  1 
ATOM   894  O  OG1 . THR A 1 118 ? 1.653   5.958   -17.372 1.00 22.77 ? 155  THR A OG1 1 
ATOM   895  C  CG2 . THR A 1 118 ? -0.017  6.737   -18.908 1.00 22.11 ? 155  THR A CG2 1 
ATOM   896  N  N   . ALA A 1 119 ? -2.955  6.445   -16.100 1.00 21.14 ? 156  ALA A N   1 
ATOM   897  C  CA  . ALA A 1 119 ? -4.444  6.397   -16.254 1.00 22.50 ? 156  ALA A CA  1 
ATOM   898  C  C   . ALA A 1 119 ? -4.953  4.977   -16.351 1.00 22.60 ? 156  ALA A C   1 
ATOM   899  O  O   . ALA A 1 119 ? -5.538  4.562   -17.389 1.00 24.87 ? 156  ALA A O   1 
ATOM   900  C  CB  . ALA A 1 119 ? -4.854  7.211   -17.491 1.00 25.69 ? 156  ALA A CB  1 
ATOM   901  N  N   . LYS A 1 120 ? -4.697  4.176   -15.305 1.00 21.15 ? 157  LYS A N   1 
ATOM   902  C  CA  . LYS A 1 120 ? -4.999  2.790   -15.357 1.00 19.92 ? 157  LYS A CA  1 
ATOM   903  C  C   . LYS A 1 120 ? -6.320  2.439   -14.733 1.00 24.18 ? 157  LYS A C   1 
ATOM   904  O  O   . LYS A 1 120 ? -6.567  2.786   -13.547 1.00 22.57 ? 157  LYS A O   1 
ATOM   905  C  CB  . LYS A 1 120 ? -3.890  2.002   -14.611 1.00 20.47 ? 157  LYS A CB  1 
ATOM   906  C  CG  . LYS A 1 120 ? -2.480  2.056   -15.240 1.00 21.00 ? 157  LYS A CG  1 
ATOM   907  C  CD  . LYS A 1 120 ? -2.504  1.281   -16.610 1.00 23.21 ? 157  LYS A CD  1 
ATOM   908  C  CE  . LYS A 1 120 ? -1.168  1.628   -17.298 1.00 25.09 ? 157  LYS A CE  1 
ATOM   909  N  NZ  . LYS A 1 120 ? -1.269  1.016   -18.694 1.00 25.98 ? 157  LYS A NZ  1 
ATOM   910  N  N   . ASP A 1 121 ? -7.164  1.661   -15.406 1.00 20.75 ? 158  ASP A N   1 
ATOM   911  C  CA  . ASP A 1 121 ? -8.450  1.284   -14.848 1.00 19.23 ? 158  ASP A CA  1 
ATOM   912  C  C   . ASP A 1 121 ? -8.362  0.058   -13.988 1.00 20.66 ? 158  ASP A C   1 
ATOM   913  O  O   . ASP A 1 121 ? -8.050  -1.033  -14.521 1.00 22.13 ? 158  ASP A O   1 
ATOM   914  C  CB  . ASP A 1 121 ? -9.485  1.117   -15.961 1.00 19.60 ? 158  ASP A CB  1 
ATOM   915  C  CG  . ASP A 1 121 ? -9.686  2.424   -16.722 1.00 22.02 ? 158  ASP A CG  1 
ATOM   916  O  OD1 . ASP A 1 121 ? -10.266 3.411   -16.140 1.00 22.87 ? 158  ASP A OD1 1 
ATOM   917  O  OD2 . ASP A 1 121 ? -9.198  2.536   -17.917 1.00 21.85 ? 158  ASP A OD2 1 
ATOM   918  N  N   . ALA A 1 122 ? -8.510  0.199   -12.655 1.00 19.55 ? 159  ALA A N   1 
ATOM   919  C  CA  . ALA A 1 122 ? -8.253  -0.892  -11.763 1.00 18.89 ? 159  ALA A CA  1 
ATOM   920  C  C   . ALA A 1 122 ? -9.223  -0.864  -10.619 1.00 20.35 ? 159  ALA A C   1 
ATOM   921  O  O   . ALA A 1 122 ? -9.690  0.239   -10.266 1.00 20.51 ? 159  ALA A O   1 
ATOM   922  C  CB  . ALA A 1 122 ? -6.854  -0.718  -11.199 1.00 21.33 ? 159  ALA A CB  1 
ATOM   923  N  N   . ARG A 1 123 ? -9.457  -2.036  -10.055 1.00 17.89 ? 160  ARG A N   1 
ATOM   924  C  CA  . ARG A 1 123 ? -10.320 -2.102  -8.869  1.00 17.74 ? 160  ARG A CA  1 
ATOM   925  C  C   . ARG A 1 123 ? -9.494  -2.354  -7.618  1.00 19.48 ? 160  ARG A C   1 
ATOM   926  O  O   . ARG A 1 123 ? -9.938  -1.922  -6.488  1.00 20.90 ? 160  ARG A O   1 
ATOM   927  C  CB  . ARG A 1 123 ? -11.374 -3.200  -9.046  1.00 19.37 ? 160  ARG A CB  1 
ATOM   928  C  CG  . ARG A 1 123 ? -12.280 -3.289  -7.777  1.00 23.04 ? 160  ARG A CG  1 
ATOM   929  C  CD  . ARG A 1 123 ? -13.534 -4.042  -8.004  1.00 26.09 ? 160  ARG A CD  1 
ATOM   930  N  NE  . ARG A 1 123 ? -14.090 -4.421  -6.655  1.00 25.13 ? 160  ARG A NE  1 
ATOM   931  C  CZ  . ARG A 1 123 ? -15.254 -5.016  -6.486  1.00 29.64 ? 160  ARG A CZ  1 
ATOM   932  N  NH1 . ARG A 1 123 ? -16.082 -5.219  -7.570  1.00 29.26 ? 160  ARG A NH1 1 
ATOM   933  N  NH2 . ARG A 1 123 ? -15.565 -5.397  -5.242  1.00 28.78 ? 160  ARG A NH2 1 
ATOM   934  N  N   . TYR A 1 124 ? -8.373  -3.039  -7.694  1.00 18.34 ? 161  TYR A N   1 
ATOM   935  C  CA  . TYR A 1 124 ? -7.567  -3.386  -6.493  1.00 18.27 ? 161  TYR A CA  1 
ATOM   936  C  C   . TYR A 1 124 ? -6.220  -2.764  -6.579  1.00 19.62 ? 161  TYR A C   1 
ATOM   937  O  O   . TYR A 1 124 ? -5.583  -2.686  -7.677  1.00 18.81 ? 161  TYR A O   1 
ATOM   938  C  CB  . TYR A 1 124 ? -7.413  -4.914  -6.374  1.00 19.07 ? 161  TYR A CB  1 
ATOM   939  C  CG  . TYR A 1 124 ? -8.717  -5.684  -6.247  1.00 19.53 ? 161  TYR A CG  1 
ATOM   940  C  CD1 . TYR A 1 124 ? -9.439  -6.090  -7.426  1.00 19.71 ? 161  TYR A CD1 1 
ATOM   941  C  CD2 . TYR A 1 124 ? -9.327  -5.897  -5.005  1.00 18.46 ? 161  TYR A CD2 1 
ATOM   942  C  CE1 . TYR A 1 124 ? -10.636 -6.777  -7.348  1.00 21.03 ? 161  TYR A CE1 1 
ATOM   943  C  CE2 . TYR A 1 124 ? -10.513 -6.650  -4.905  1.00 21.15 ? 161  TYR A CE2 1 
ATOM   944  C  CZ  . TYR A 1 124 ? -11.149 -7.099  -6.062  1.00 23.14 ? 161  TYR A CZ  1 
ATOM   945  O  OH  . TYR A 1 124 ? -12.389 -7.703  -5.958  1.00 24.37 ? 161  TYR A OH  1 
ATOM   946  N  N   . VAL A 1 125 ? -5.643  -2.355  -5.404  1.00 17.03 ? 162  VAL A N   1 
ATOM   947  C  CA  . VAL A 1 125 ? -4.280  -1.848  -5.321  1.00 16.48 ? 162  VAL A CA  1 
ATOM   948  C  C   . VAL A 1 125 ? -3.552  -2.774  -4.352  1.00 17.14 ? 162  VAL A C   1 
ATOM   949  O  O   . VAL A 1 125 ? -4.099  -2.976  -3.196  1.00 18.00 ? 162  VAL A O   1 
ATOM   950  C  CB  . VAL A 1 125 ? -4.252  -0.392  -4.814  1.00 17.08 ? 162  VAL A CB  1 
ATOM   951  C  CG1 . VAL A 1 125 ? -2.769  0.052   -4.659  1.00 21.01 ? 162  VAL A CG1 1 
ATOM   952  C  CG2 . VAL A 1 125 ? -5.024  0.506   -5.779  1.00 19.12 ? 162  VAL A CG2 1 
ATOM   953  N  N   . LYS A 1 126 ? -2.423  -3.330  -4.741  1.00 17.26 ? 163  LYS A N   1 
ATOM   954  C  CA  . LYS A 1 126 ? -1.764  -4.310  -3.863  1.00 17.86 ? 163  LYS A CA  1 
ATOM   955  C  C   . LYS A 1 126 ? -0.306  -3.882  -3.691  1.00 21.16 ? 163  LYS A C   1 
ATOM   956  O  O   . LYS A 1 126 ? 0.310   -3.373  -4.629  1.00 21.98 ? 163  LYS A O   1 
ATOM   957  C  CB  . LYS A 1 126 ? -1.916  -5.667  -4.566  1.00 21.35 ? 163  LYS A CB  1 
ATOM   958  C  CG  . LYS A 1 126 ? -1.437  -6.813  -3.813  1.00 27.03 ? 163  LYS A CG  1 
ATOM   959  C  CD  . LYS A 1 126 ? -1.985  -8.077  -4.598  1.00 27.18 ? 163  LYS A CD  1 
ATOM   960  C  CE  . LYS A 1 126 ? -1.539  -9.200  -3.686  1.00 33.79 ? 163  LYS A CE  1 
ATOM   961  N  NZ  . LYS A 1 126 ? -1.396  -10.350 -4.602  1.00 36.79 ? 163  LYS A NZ  1 
ATOM   962  N  N   . VAL A 1 127 ? 0.246   -4.125  -2.488  1.00 17.12 ? 164  VAL A N   1 
ATOM   963  C  CA  . VAL A 1 127 ? 1.686   -3.920  -2.224  1.00 17.33 ? 164  VAL A CA  1 
ATOM   964  C  C   . VAL A 1 127 ? 2.159   -5.341  -1.939  1.00 18.69 ? 164  VAL A C   1 
ATOM   965  O  O   . VAL A 1 127 ? 1.642   -6.010  -1.062  1.00 18.79 ? 164  VAL A O   1 
ATOM   966  C  CB  . VAL A 1 127 ? 1.947   -2.967  -1.024  1.00 18.51 ? 164  VAL A CB  1 
ATOM   967  C  CG1 . VAL A 1 127 ? 3.469   -2.886  -0.723  1.00 19.39 ? 164  VAL A CG1 1 
ATOM   968  C  CG2 . VAL A 1 127 ? 1.293   -1.609  -1.319  1.00 20.71 ? 164  VAL A CG2 1 
ATOM   969  N  N   . GLU A 1 128 ? 3.230   -5.743  -2.639  1.00 20.38 ? 165  GLU A N   1 
ATOM   970  C  CA  . GLU A 1 128 ? 3.734   -7.174  -2.493  1.00 19.63 ? 165  GLU A CA  1 
ATOM   971  C  C   . GLU A 1 128 ? 5.223   -7.090  -2.200  1.00 19.56 ? 165  GLU A C   1 
ATOM   972  O  O   . GLU A 1 128 ? 6.000   -6.601  -3.029  1.00 20.97 ? 165  GLU A O   1 
ATOM   973  C  CB  . GLU A 1 128 ? 3.613   -7.909  -3.839  1.00 23.24 ? 165  GLU A CB  1 
ATOM   974  C  CG  . GLU A 1 128 ? 2.199   -8.154  -4.232  1.00 26.43 ? 165  GLU A CG  1 
ATOM   975  C  CD  . GLU A 1 128 ? 2.035   -8.940  -5.568  1.00 35.19 ? 165  GLU A CD  1 
ATOM   976  O  OE1 . GLU A 1 128 ? 3.021   -9.073  -6.314  1.00 30.96 ? 165  GLU A OE1 1 
ATOM   977  O  OE2 . GLU A 1 128 ? 0.879   -9.368  -5.837  1.00 36.22 ? 165  GLU A OE2 1 
ATOM   978  N  N   . LEU A 1 129 ? 5.623   -7.632  -1.042  1.00 18.11 ? 166  LEU A N   1 
ATOM   979  C  CA  . LEU A 1 129 ? 7.072   -7.767  -0.779  1.00 20.50 ? 166  LEU A CA  1 
ATOM   980  C  C   . LEU A 1 129 ? 7.617   -8.948  -1.571  1.00 22.54 ? 166  LEU A C   1 
ATOM   981  O  O   . LEU A 1 129 ? 6.904   -9.893  -1.769  1.00 23.89 ? 166  LEU A O   1 
ATOM   982  C  CB  . LEU A 1 129 ? 7.394   -7.978  0.692   1.00 21.20 ? 166  LEU A CB  1 
ATOM   983  C  CG  . LEU A 1 129 ? 7.060   -6.827  1.630   1.00 21.16 ? 166  LEU A CG  1 
ATOM   984  C  CD1 . LEU A 1 129 ? 7.549   -7.139  3.057   1.00 20.72 ? 166  LEU A CD1 1 
ATOM   985  C  CD2 . LEU A 1 129 ? 7.559   -5.476  1.119   1.00 22.07 ? 166  LEU A CD2 1 
ATOM   986  N  N   . LYS A 1 130 ? 8.895   -8.802  -2.005  1.00 22.94 ? 167  LYS A N   1 
ATOM   987  C  CA  . LYS A 1 130 ? 9.502   -9.914  -2.780  1.00 25.01 ? 167  LYS A CA  1 
ATOM   988  C  C   . LYS A 1 130 ? 10.572  -10.615 -1.954  1.00 32.46 ? 167  LYS A C   1 
ATOM   989  O  O   . LYS A 1 130 ? 11.284  -11.495 -2.475  1.00 33.14 ? 167  LYS A O   1 
ATOM   990  C  CB  . LYS A 1 130 ? 10.078  -9.386  -4.087  1.00 25.46 ? 167  LYS A CB  1 
ATOM   991  C  CG  . LYS A 1 130 ? 8.852   -9.043  -4.986  1.00 27.56 ? 167  LYS A CG  1 
ATOM   992  C  CD  . LYS A 1 130 ? 9.282   -8.148  -6.139  1.00 38.86 ? 167  LYS A CD  1 
ATOM   993  C  CE  . LYS A 1 130 ? 10.516  -8.658  -6.862  1.00 59.55 ? 167  LYS A CE  1 
ATOM   994  N  NZ  . LYS A 1 130 ? 10.176  -9.709  -7.872  1.00 63.89 ? 167  LYS A NZ  1 
ATOM   995  N  N   . THR A 1 131 ? 10.685  -10.288 -0.685  1.00 27.21 ? 168  THR A N   1 
ATOM   996  C  CA  . THR A 1 131 ? 11.740  -10.793 0.200   1.00 29.99 ? 168  THR A CA  1 
ATOM   997  C  C   . THR A 1 131 ? 11.228  -11.938 1.111   1.00 31.17 ? 168  THR A C   1 
ATOM   998  O  O   . THR A 1 131 ? 10.016  -12.172 1.330   1.00 30.23 ? 168  THR A O   1 
ATOM   999  C  CB  . THR A 1 131 ? 12.234  -9.660  1.072   1.00 29.61 ? 168  THR A CB  1 
ATOM   1000 O  OG1 . THR A 1 131 ? 11.015  -9.134  1.752   1.00 32.66 ? 168  THR A OG1 1 
ATOM   1001 C  CG2 . THR A 1 131 ? 12.984  -8.585  0.238   1.00 32.03 ? 168  THR A CG2 1 
ATOM   1002 N  N   . LYS A 1 132 ? 12.164  -12.790 1.560   1.00 28.80 ? 169  LYS A N   1 
ATOM   1003 C  CA  . LYS A 1 132 ? 11.839  -13.859 2.441   1.00 29.16 ? 169  LYS A CA  1 
ATOM   1004 C  C   . LYS A 1 132 ? 11.790  -13.381 3.858   1.00 23.63 ? 169  LYS A C   1 
ATOM   1005 O  O   . LYS A 1 132 ? 12.520  -12.464 4.230   1.00 28.18 ? 169  LYS A O   1 
ATOM   1006 C  CB  . LYS A 1 132 ? 12.962  -14.961 2.332   1.00 34.36 ? 169  LYS A CB  1 
ATOM   1007 C  CG  . LYS A 1 132 ? 12.883  -15.703 1.016   1.00 42.12 ? 169  LYS A CG  1 
ATOM   1008 C  CD  . LYS A 1 132 ? 14.180  -16.504 0.811   1.00 54.73 ? 169  LYS A CD  1 
ATOM   1009 C  CE  . LYS A 1 132 ? 14.183  -17.188 -0.552  1.00 63.22 ? 169  LYS A CE  1 
ATOM   1010 N  NZ  . LYS A 1 132 ? 12.810  -17.700 -0.854  1.00 74.84 ? 169  LYS A NZ  1 
ATOM   1011 N  N   . ASN A 1 133 ? 10.872  -14.036 4.593   1.00 26.61 ? 170  ASN A N   1 
ATOM   1012 C  CA  . ASN A 1 133 ? 10.797  -13.944 6.041   1.00 27.70 ? 170  ASN A CA  1 
ATOM   1013 C  C   . ASN A 1 133 ? 10.831  -12.515 6.561   1.00 25.46 ? 170  ASN A C   1 
ATOM   1014 O  O   . ASN A 1 133 ? 11.586  -12.122 7.433   1.00 28.86 ? 170  ASN A O   1 
ATOM   1015 C  CB  . ASN A 1 133 ? 11.999  -14.790 6.616   1.00 31.89 ? 170  ASN A CB  1 
ATOM   1016 C  CG  . ASN A 1 133 ? 11.927  -14.903 8.109   1.00 34.71 ? 170  ASN A CG  1 
ATOM   1017 O  OD1 . ASN A 1 133 ? 12.915  -14.609 8.819   1.00 43.82 ? 170  ASN A OD1 1 
ATOM   1018 N  ND2 . ASN A 1 133 ? 10.736  -15.230 8.607   1.00 40.05 ? 170  ASN A ND2 1 
ATOM   1019 N  N   . THR A 1 134 ? 9.949   -11.669 5.936   1.00 24.98 ? 171  THR A N   1 
ATOM   1020 C  CA  . THR A 1 134 ? 9.909   -10.218 6.238   1.00 22.98 ? 171  THR A CA  1 
ATOM   1021 C  C   . THR A 1 134 ? 8.397   -9.821  6.371   1.00 21.39 ? 171  THR A C   1 
ATOM   1022 O  O   . THR A 1 134 ? 7.595   -10.255 5.599   1.00 23.86 ? 171  THR A O   1 
ATOM   1023 C  CB  . THR A 1 134 ? 10.518  -9.354  5.109   1.00 25.58 ? 171  THR A CB  1 
ATOM   1024 O  OG1 . THR A 1 134 ? 11.910  -9.798  4.939   1.00 31.35 ? 171  THR A OG1 1 
ATOM   1025 C  CG2 . THR A 1 134 ? 10.575  -7.871  5.432   1.00 26.03 ? 171  THR A CG2 1 
ATOM   1026 N  N   . PRO A 1 135 ? 8.080   -9.051  7.395   1.00 20.25 ? 172  PRO A N   1 
ATOM   1027 C  CA  . PRO A 1 135 ? 6.647   -8.612  7.536   1.00 18.51 ? 172  PRO A CA  1 
ATOM   1028 C  C   . PRO A 1 135 ? 6.447   -7.326  6.768   1.00 18.70 ? 172  PRO A C   1 
ATOM   1029 O  O   . PRO A 1 135 ? 7.356   -6.524  6.614   1.00 20.08 ? 172  PRO A O   1 
ATOM   1030 C  CB  . PRO A 1 135 ? 6.471   -8.315  9.044   1.00 19.36 ? 172  PRO A CB  1 
ATOM   1031 C  CG  . PRO A 1 135 ? 7.871   -8.031  9.544   1.00 23.96 ? 172  PRO A CG  1 
ATOM   1032 C  CD  . PRO A 1 135 ? 8.894   -8.581  8.547   1.00 21.94 ? 172  PRO A CD  1 
ATOM   1033 N  N   . LEU A 1 136 ? 5.207   -7.174  6.265   1.00 17.50 ? 173  LEU A N   1 
ATOM   1034 C  CA  . LEU A 1 136 ? 4.827   -5.911  5.573   1.00 17.53 ? 173  LEU A CA  1 
ATOM   1035 C  C   . LEU A 1 136 ? 4.043   -5.057  6.619   1.00 17.05 ? 173  LEU A C   1 
ATOM   1036 O  O   . LEU A 1 136 ? 3.026   -5.486  7.146   1.00 17.48 ? 173  LEU A O   1 
ATOM   1037 C  CB  . LEU A 1 136 ? 3.984   -6.255  4.333   1.00 17.83 ? 173  LEU A CB  1 
ATOM   1038 C  CG  . LEU A 1 136 ? 3.376   -5.005  3.619   1.00 17.12 ? 173  LEU A CG  1 
ATOM   1039 C  CD1 . LEU A 1 136 ? 4.480   -4.052  3.133   1.00 19.14 ? 173  LEU A CD1 1 
ATOM   1040 C  CD2 . LEU A 1 136 ? 2.519   -5.598  2.445   1.00 17.83 ? 173  LEU A CD2 1 
ATOM   1041 N  N   . SER A 1 137 ? 4.545   -3.824  6.766   1.00 16.42 ? 174  SER A N   1 
ATOM   1042 C  CA  . SER A 1 137 ? 3.895   -2.790  7.609   1.00 17.19 ? 174  SER A CA  1 
ATOM   1043 C  C   . SER A 1 137 ? 3.741   -1.501  6.834   1.00 17.64 ? 174  SER A C   1 
ATOM   1044 O  O   . SER A 1 137 ? 4.741   -0.967  6.388   1.00 18.72 ? 174  SER A O   1 
ATOM   1045 C  CB  . SER A 1 137 ? 4.736   -2.519  8.879   1.00 17.27 ? 174  SER A CB  1 
ATOM   1046 O  OG  . SER A 1 137 ? 4.666   -3.671  9.757   1.00 19.11 ? 174  SER A OG  1 
ATOM   1047 N  N   . LEU A 1 138 ? 2.518   -1.012  6.749   1.00 15.93 ? 175  LEU A N   1 
ATOM   1048 C  CA  . LEU A 1 138 ? 2.289   0.269   6.068   1.00 16.20 ? 175  LEU A CA  1 
ATOM   1049 C  C   . LEU A 1 138 ? 1.516   1.186   7.019   1.00 16.63 ? 175  LEU A C   1 
ATOM   1050 O  O   . LEU A 1 138 ? 0.510   0.738   7.663   1.00 17.03 ? 175  LEU A O   1 
ATOM   1051 C  CB  . LEU A 1 138 ? 1.382   0.001   4.828   1.00 17.28 ? 175  LEU A CB  1 
ATOM   1052 C  CG  . LEU A 1 138 ? 2.128   -0.837  3.810   1.00 17.00 ? 175  LEU A CG  1 
ATOM   1053 C  CD1 . LEU A 1 138 ? 1.063   -1.518  2.884   1.00 18.93 ? 175  LEU A CD1 1 
ATOM   1054 C  CD2 . LEU A 1 138 ? 3.008   0.081   2.960   1.00 19.47 ? 175  LEU A CD2 1 
ATOM   1055 N  N   . ALA A 1 139 ? 1.972   2.456   7.138   1.00 16.32 ? 176  ALA A N   1 
ATOM   1056 C  CA  . ALA A 1 139 ? 1.144   3.325   7.963   1.00 16.85 ? 176  ALA A CA  1 
ATOM   1057 C  C   . ALA A 1 139 ? -0.112  3.807   7.246   1.00 16.50 ? 176  ALA A C   1 
ATOM   1058 O  O   . ALA A 1 139 ? -1.106  4.088   7.816   1.00 17.23 ? 176  ALA A O   1 
ATOM   1059 C  CB  . ALA A 1 139 ? 2.030   4.574   8.271   1.00 15.76 ? 176  ALA A CB  1 
ATOM   1060 N  N   . GLU A 1 140 ? -0.030  3.915   5.902   1.00 15.81 ? 177  GLU A N   1 
ATOM   1061 C  CA  . GLU A 1 140 ? -1.232  4.350   5.128   1.00 15.47 ? 177  GLU A CA  1 
ATOM   1062 C  C   . GLU A 1 140 ? -0.900  4.107   3.645   1.00 16.43 ? 177  GLU A C   1 
ATOM   1063 O  O   . GLU A 1 140 ? 0.260   4.193   3.238   1.00 17.05 ? 177  GLU A O   1 
ATOM   1064 C  CB  . GLU A 1 140 ? -1.442  5.900   5.342   1.00 16.77 ? 177  GLU A CB  1 
ATOM   1065 C  CG  . GLU A 1 140 ? -2.874  6.307   4.908   1.00 17.60 ? 177  GLU A CG  1 
ATOM   1066 C  CD  . GLU A 1 140 ? -4.006  5.950   5.889   1.00 18.45 ? 177  GLU A CD  1 
ATOM   1067 O  OE1 . GLU A 1 140 ? -3.844  5.271   6.925   1.00 18.36 ? 177  GLU A OE1 1 
ATOM   1068 O  OE2 . GLU A 1 140 ? -5.170  6.284   5.544   1.00 18.49 ? 177  GLU A OE2 1 
ATOM   1069 N  N   . VAL A 1 141 ? -1.986  3.769   2.913   1.00 16.03 ? 178  VAL A N   1 
ATOM   1070 C  CA  . VAL A 1 141 ? -1.873  3.791   1.427   1.00 15.38 ? 178  VAL A CA  1 
ATOM   1071 C  C   . VAL A 1 141 ? -3.039  4.663   0.955   1.00 14.96 ? 178  VAL A C   1 
ATOM   1072 O  O   . VAL A 1 141 ? -4.221  4.454   1.339   1.00 18.76 ? 178  VAL A O   1 
ATOM   1073 C  CB  . VAL A 1 141 ? -2.101  2.340   0.921   1.00 15.72 ? 178  VAL A CB  1 
ATOM   1074 C  CG1 . VAL A 1 141 ? -2.134  2.377   -0.625  1.00 19.88 ? 178  VAL A CG1 1 
ATOM   1075 C  CG2 . VAL A 1 141 ? -0.942  1.433   1.353   1.00 17.34 ? 178  VAL A CG2 1 
ATOM   1076 N  N   . GLU A 1 142 ? -2.672  5.670   0.186   1.00 15.90 ? 179  GLU A N   1 
ATOM   1077 C  CA  . GLU A 1 142 ? -3.713  6.608   -0.354  1.00 17.10 ? 179  GLU A CA  1 
ATOM   1078 C  C   . GLU A 1 142 ? -3.737  6.444   -1.868  1.00 16.77 ? 179  GLU A C   1 
ATOM   1079 O  O   . GLU A 1 142 ? -2.681  6.151   -2.485  1.00 18.50 ? 179  GLU A O   1 
ATOM   1080 C  CB  . GLU A 1 142 ? -3.312  8.074   -0.040  1.00 18.67 ? 179  GLU A CB  1 
ATOM   1081 C  CG  . GLU A 1 142 ? -3.372  8.291   1.494   1.00 20.30 ? 179  GLU A CG  1 
ATOM   1082 C  CD  . GLU A 1 142 ? -2.880  9.695   1.844   1.00 25.58 ? 179  GLU A CD  1 
ATOM   1083 O  OE1 . GLU A 1 142 ? -2.202  10.397  1.046   1.00 24.77 ? 179  GLU A OE1 1 
ATOM   1084 O  OE2 . GLU A 1 142 ? -3.181  10.075  3.034   1.00 25.35 ? 179  GLU A OE2 1 
ATOM   1085 N  N   . VAL A 1 143 ? -4.932  6.550   -2.433  1.00 16.80 ? 180  VAL A N   1 
ATOM   1086 C  CA  . VAL A 1 143 ? -5.032  6.291   -3.928  1.00 17.45 ? 180  VAL A CA  1 
ATOM   1087 C  C   . VAL A 1 143 ? -5.848  7.446   -4.531  1.00 18.31 ? 180  VAL A C   1 
ATOM   1088 O  O   . VAL A 1 143 ? -6.862  7.857   -3.935  1.00 18.95 ? 180  VAL A O   1 
ATOM   1089 C  CB  . VAL A 1 143 ? -5.816  5.001   -4.145  1.00 18.18 ? 180  VAL A CB  1 
ATOM   1090 C  CG1 . VAL A 1 143 ? -6.033  4.761   -5.680  1.00 19.48 ? 180  VAL A CG1 1 
ATOM   1091 C  CG2 . VAL A 1 143 ? -5.053  3.796   -3.519  1.00 17.41 ? 180  VAL A CG2 1 
ATOM   1092 N  N   . PHE A 1 144 ? -5.389  7.958   -5.685  1.00 18.49 ? 181  PHE A N   1 
ATOM   1093 C  CA  . PHE A 1 144 ? -6.038  9.149   -6.280  1.00 20.31 ? 181  PHE A CA  1 
ATOM   1094 C  C   . PHE A 1 144 ? -6.374  8.882   -7.740  1.00 20.57 ? 181  PHE A C   1 
ATOM   1095 O  O   . PHE A 1 144 ? -5.534  8.251   -8.414  1.00 21.01 ? 181  PHE A O   1 
ATOM   1096 C  CB  . PHE A 1 144 ? -5.097  10.313  -6.205  1.00 21.00 ? 181  PHE A CB  1 
ATOM   1097 C  CG  . PHE A 1 144 ? -4.674  10.616  -4.756  1.00 22.25 ? 181  PHE A CG  1 
ATOM   1098 C  CD1 . PHE A 1 144 ? -5.494  11.417  -3.905  1.00 22.90 ? 181  PHE A CD1 1 
ATOM   1099 C  CD2 . PHE A 1 144 ? -3.501  10.028  -4.251  1.00 22.73 ? 181  PHE A CD2 1 
ATOM   1100 C  CE1 . PHE A 1 144 ? -5.069  11.624  -2.556  1.00 22.49 ? 181  PHE A CE1 1 
ATOM   1101 C  CE2 . PHE A 1 144 ? -3.062  10.265  -2.904  1.00 22.11 ? 181  PHE A CE2 1 
ATOM   1102 C  CZ  . PHE A 1 144 ? -3.905  11.011  -2.083  1.00 21.20 ? 181  PHE A CZ  1 
ATOM   1103 N  N   . ARG A 1 145 ? -7.562  9.346   -8.156  1.00 20.65 ? 182  ARG A N   1 
ATOM   1104 C  CA  . ARG A 1 145 ? -7.884  9.197   -9.593  1.00 23.19 ? 182  ARG A CA  1 
ATOM   1105 C  C   . ARG A 1 145 ? -7.094  10.140  -10.473 1.00 25.52 ? 182  ARG A C   1 
ATOM   1106 O  O   . ARG A 1 145 ? -6.711  11.218  -10.093 1.00 24.36 ? 182  ARG A O   1 
ATOM   1107 C  CB  . ARG A 1 145 ? -9.332  9.494   -9.803  1.00 24.28 ? 182  ARG A CB  1 
ATOM   1108 C  CG  . ARG A 1 145 ? -10.296 8.644   -9.066  1.00 28.64 ? 182  ARG A CG  1 
ATOM   1109 C  CD  . ARG A 1 145 ? -11.753 9.127   -9.378  1.00 33.13 ? 182  ARG A CD  1 
ATOM   1110 N  NE  . ARG A 1 145 ? -12.744 8.349   -8.678  1.00 32.16 ? 182  ARG A NE  1 
ATOM   1111 C  CZ  . ARG A 1 145 ? -13.448 8.744   -7.612  1.00 32.82 ? 182  ARG A CZ  1 
ATOM   1112 N  NH1 . ARG A 1 145 ? -14.321 7.882   -7.019  1.00 31.85 ? 182  ARG A NH1 1 
ATOM   1113 N  NH2 . ARG A 1 145 ? -13.257 9.972   -7.059  1.00 34.29 ? 182  ARG A NH2 1 
ATOM   1114 N  N   . SER A 1 146 ? -6.850  9.726   -11.708 1.00 23.37 ? 183  SER A N   1 
ATOM   1115 C  CA  . SER A 1 146 ? -6.357  10.648  -12.768 1.00 28.41 ? 183  SER A CA  1 
ATOM   1116 C  C   . SER A 1 146 ? -7.345  11.779  -12.951 1.00 28.26 ? 183  SER A C   1 
ATOM   1117 O  O   . SER A 1 146 ? -8.515  11.604  -12.822 1.00 31.77 ? 183  SER A O   1 
ATOM   1118 C  CB  . SER A 1 146 ? -6.396  9.889   -14.127 1.00 33.33 ? 183  SER A CB  1 
ATOM   1119 O  OG  . SER A 1 146 ? -5.575  8.801   -14.037 1.00 35.87 ? 183  SER A OG  1 
ATOM   1120 N  N   . ALA A 1 147 ? -6.796  12.961  -13.197 1.00 34.07 ? 184  ALA A N   1 
ATOM   1121 C  CA  . ALA A 1 147 ? -7.689  14.147  -13.363 1.00 44.34 ? 184  ALA A CA  1 
ATOM   1122 C  C   . ALA A 1 147 ? -8.353  14.246  -14.743 1.00 52.01 ? 184  ALA A C   1 
ATOM   1123 O  O   . ALA A 1 147 ? -7.961  13.497  -15.651 1.00 51.20 ? 184  ALA A O   1 
ATOM   1124 C  CB  . ALA A 1 147 ? -6.900  15.390  -13.069 1.00 43.59 ? 184  ALA A CB  1 
HETATM 1125 C  C1  . NAG B 2 .   ? 4.935   -7.030  22.015  1.00 65.81 ? 1    NAG B C1  1 
HETATM 1126 C  C2  . NAG B 2 .   ? 4.896   -5.561  22.431  1.00 65.73 ? 1    NAG B C2  1 
HETATM 1127 C  C3  . NAG B 2 .   ? 5.415   -4.602  21.405  1.00 54.61 ? 1    NAG B C3  1 
HETATM 1128 C  C4  . NAG B 2 .   ? 6.771   -5.123  21.161  1.00 51.82 ? 1    NAG B C4  1 
HETATM 1129 C  C5  . NAG B 2 .   ? 6.608   -6.480  20.596  1.00 56.99 ? 1    NAG B C5  1 
HETATM 1130 C  C6  . NAG B 2 .   ? 8.063   -6.617  20.385  1.00 58.77 ? 1    NAG B C6  1 
HETATM 1131 C  C7  . NAG B 2 .   ? 3.064   -5.166  23.900  1.00 87.05 ? 1    NAG B C7  1 
HETATM 1132 C  C8  . NAG B 2 .   ? 4.124   -5.442  24.962  1.00 74.86 ? 1    NAG B C8  1 
HETATM 1133 N  N2  . NAG B 2 .   ? 3.525   -5.212  22.675  1.00 80.51 ? 1    NAG B N2  1 
HETATM 1134 O  O1  . NAG B 2 .   ? 4.677   -7.673  23.242  1.00 71.24 ? 1    NAG B O1  1 
HETATM 1135 O  O3  . NAG B 2 .   ? 5.512   -3.447  22.137  1.00 53.57 ? 1    NAG B O3  1 
HETATM 1136 O  O4  . NAG B 2 .   ? 7.479   -4.389  20.189  1.00 50.59 ? 1    NAG B O4  1 
HETATM 1137 O  O5  . NAG B 2 .   ? 6.188   -7.411  21.555  1.00 58.59 ? 1    NAG B O5  1 
HETATM 1138 O  O6  . NAG B 2 .   ? 8.367   -7.945  20.050  1.00 62.85 ? 1    NAG B O6  1 
HETATM 1139 O  O7  . NAG B 2 .   ? 1.904   -4.874  24.177  1.00 82.73 ? 1    NAG B O7  1 
HETATM 1140 C  C1  . GAL B 2 .   ? 8.775   -3.991  20.478  1.00 41.54 ? 2    GAL B C1  1 
HETATM 1141 C  C2  . GAL B 2 .   ? 9.220   -3.243  19.240  1.00 37.17 ? 2    GAL B C2  1 
HETATM 1142 C  C3  . GAL B 2 .   ? 10.493  -2.466  19.551  1.00 42.67 ? 2    GAL B C3  1 
HETATM 1143 C  C4  . GAL B 2 .   ? 10.358  -1.661  20.822  1.00 46.31 ? 2    GAL B C4  1 
HETATM 1144 C  C5  . GAL B 2 .   ? 9.884   -2.571  21.922  1.00 51.68 ? 2    GAL B C5  1 
HETATM 1145 C  C6  . GAL B 2 .   ? 9.683   -1.813  23.180  1.00 55.27 ? 2    GAL B C6  1 
HETATM 1146 O  O2  . GAL B 2 .   ? 9.524   -4.188  18.288  1.00 33.78 ? 2    GAL B O2  1 
HETATM 1147 O  O3  . GAL B 2 .   ? 10.828  -1.584  18.512  1.00 46.31 ? 2    GAL B O3  1 
HETATM 1148 O  O4  . GAL B 2 .   ? 9.412   -0.660  20.640  1.00 43.36 ? 2    GAL B O4  1 
HETATM 1149 O  O5  . GAL B 2 .   ? 8.654   -3.167  21.581  1.00 48.83 ? 2    GAL B O5  1 
HETATM 1150 O  O6  . GAL B 2 .   ? 9.420   -2.773  24.158  1.00 56.84 ? 2    GAL B O6  1 
HETATM 1151 C  C1  . FUC B 2 .   ? 9.266   -3.750  16.955  1.00 35.86 ? 3    FUC B C1  1 
HETATM 1152 C  C2  . FUC B 2 .   ? 9.879   -4.737  15.979  1.00 32.30 ? 3    FUC B C2  1 
HETATM 1153 C  C3  . FUC B 2 .   ? 9.185   -6.063  16.040  1.00 28.49 ? 3    FUC B C3  1 
HETATM 1154 C  C4  . FUC B 2 .   ? 7.722   -5.841  15.717  1.00 27.87 ? 3    FUC B C4  1 
HETATM 1155 C  C5  . FUC B 2 .   ? 7.193   -4.848  16.730  1.00 29.73 ? 3    FUC B C5  1 
HETATM 1156 C  C6  . FUC B 2 .   ? 5.722   -4.569  16.533  1.00 27.42 ? 3    FUC B C6  1 
HETATM 1157 O  O2  . FUC B 2 .   ? 11.251  -4.904  16.299  1.00 36.06 ? 3    FUC B O2  1 
HETATM 1158 O  O3  . FUC B 2 .   ? 9.760   -6.905  15.125  1.00 29.16 ? 3    FUC B O3  1 
HETATM 1159 O  O4  . FUC B 2 .   ? 7.623   -5.361  14.403  1.00 24.88 ? 3    FUC B O4  1 
HETATM 1160 O  O5  . FUC B 2 .   ? 7.896   -3.642  16.674  1.00 28.38 ? 3    FUC B O5  1 
HETATM 1161 C  C1  . FUC B 2 .   ? 4.478   -2.541  21.920  1.00 54.50 ? 4    FUC B C1  1 
HETATM 1162 C  C2  . FUC B 2 .   ? 4.636   -1.473  22.996  1.00 61.48 ? 4    FUC B C2  1 
HETATM 1163 C  C3  . FUC B 2 .   ? 5.911   -0.678  22.774  1.00 56.55 ? 4    FUC B C3  1 
HETATM 1164 C  C4  . FUC B 2 .   ? 5.978   -0.162  21.348  1.00 52.29 ? 4    FUC B C4  1 
HETATM 1165 C  C5  . FUC B 2 .   ? 5.854   -1.349  20.427  1.00 49.78 ? 4    FUC B C5  1 
HETATM 1166 C  C6  . FUC B 2 .   ? 6.023   -0.871  19.007  1.00 41.25 ? 4    FUC B C6  1 
HETATM 1167 O  O2  . FUC B 2 .   ? 4.733   -2.086  24.277  1.00 60.88 ? 4    FUC B O2  1 
HETATM 1168 O  O3  . FUC B 2 .   ? 6.002   0.388   23.686  1.00 59.10 ? 4    FUC B O3  1 
HETATM 1169 O  O4  . FUC B 2 .   ? 4.920   0.724   21.098  1.00 49.73 ? 4    FUC B O4  1 
HETATM 1170 O  O5  . FUC B 2 .   ? 4.583   -1.915  20.640  1.00 50.13 ? 4    FUC B O5  1 
HETATM 1171 MG MG  . MG  C 3 .   ? 3.772   8.072   21.397  0.80 19.96 ? 201  MG  A MG  1 
HETATM 1172 C  C1  . GOL D 4 .   ? -15.816 -3.335  -11.075 1.00 47.54 ? 202  GOL A C1  1 
HETATM 1173 O  O1  . GOL D 4 .   ? -16.215 -4.413  -10.176 1.00 48.64 ? 202  GOL A O1  1 
HETATM 1174 C  C2  . GOL D 4 .   ? -17.077 -2.920  -11.819 1.00 63.05 ? 202  GOL A C2  1 
HETATM 1175 O  O2  . GOL D 4 .   ? -18.057 -2.461  -10.872 1.00 69.82 ? 202  GOL A O2  1 
HETATM 1176 C  C3  . GOL D 4 .   ? -16.697 -1.774  -12.729 1.00 59.81 ? 202  GOL A C3  1 
HETATM 1177 O  O3  . GOL D 4 .   ? -16.784 -0.648  -11.836 1.00 35.86 ? 202  GOL A O3  1 
HETATM 1178 MG MG  . MG  E 3 .   ? -13.715 -7.199  -1.996  1.00 38.79 ? 203  MG  A MG  1 
HETATM 1179 CA CA  . CA  F 5 .   ? -3.024  4.516   9.085   1.00 17.05 ? 204  CA  A CA  1 
HETATM 1180 O  O   . HOH G 6 .   ? 0.763   12.149  15.326  1.00 26.71 ? 1101 HOH A O   1 
HETATM 1181 O  O   . HOH G 6 .   ? 7.297   -3.654  10.691  1.00 20.87 ? 1102 HOH A O   1 
HETATM 1182 O  O   . HOH G 6 .   ? -2.889  -14.231 10.412  1.00 29.73 ? 1103 HOH A O   1 
HETATM 1183 O  O   . HOH G 6 .   ? 0.240   4.717   14.017  1.00 19.15 ? 1104 HOH A O   1 
HETATM 1184 O  O   . HOH G 6 .   ? 0.481   -5.001  5.891   1.00 16.74 ? 1105 HOH A O   1 
HETATM 1185 O  O   . HOH G 6 .   ? -6.578  -9.449  6.272   1.00 25.37 ? 1106 HOH A O   1 
HETATM 1186 O  O   . HOH G 6 .   ? 5.915   5.988   -10.384 1.00 24.34 ? 1107 HOH A O   1 
HETATM 1187 O  O   . HOH G 6 .   ? 14.998  -12.460 0.157   1.00 42.59 ? 1108 HOH A O   1 
HETATM 1188 O  O   . HOH G 6 .   ? 0.105   0.153   14.524  1.00 17.47 ? 1109 HOH A O   1 
HETATM 1189 O  O   . HOH G 6 .   ? -1.156  -16.351 11.532  1.00 25.63 ? 1110 HOH A O   1 
HETATM 1190 O  O   . HOH G 6 .   ? -16.690 1.707   -4.119  1.00 50.78 ? 1111 HOH A O   1 
HETATM 1191 O  O   . HOH G 6 .   ? 3.252   -10.971 -2.357  1.00 38.27 ? 1112 HOH A O   1 
HETATM 1192 O  O   . HOH G 6 .   ? -1.892  -15.579 0.331   1.00 48.83 ? 1113 HOH A O   1 
HETATM 1193 O  O   . HOH G 6 .   ? 9.120   -1.166  -12.428 1.00 42.51 ? 1114 HOH A O   1 
HETATM 1194 O  O   . HOH G 6 .   ? -9.085  10.974  -6.460  1.00 27.45 ? 1115 HOH A O   1 
HETATM 1195 O  O   . HOH G 6 .   ? -12.830 5.254   9.929   1.00 55.34 ? 1116 HOH A O   1 
HETATM 1196 O  O   . HOH G 6 .   ? -6.410  1.828   15.212  1.00 19.65 ? 1117 HOH A O   1 
HETATM 1197 O  O   . HOH G 6 .   ? 6.763   -18.254 6.961   1.00 41.75 ? 1118 HOH A O   1 
HETATM 1198 O  O   . HOH G 6 .   ? -13.749 3.859   -5.486  1.00 35.70 ? 1119 HOH A O   1 
HETATM 1199 O  O   . HOH G 6 .   ? 4.779   -17.431 8.461   1.00 40.51 ? 1120 HOH A O   1 
HETATM 1200 O  O   . HOH G 6 .   ? -6.959  -12.970 -20.301 1.00 21.45 ? 1121 HOH A O   1 
HETATM 1201 O  O   . HOH G 6 .   ? -7.919  -10.700 0.055   1.00 35.55 ? 1122 HOH A O   1 
HETATM 1202 O  O   . HOH G 6 .   ? -16.431 -0.097  -0.354  1.00 42.28 ? 1123 HOH A O   1 
HETATM 1203 O  O   . HOH G 6 .   ? 5.985   3.325   19.999  1.00 39.22 ? 1124 HOH A O   1 
HETATM 1204 O  O   . HOH G 6 .   ? 5.487   7.256   20.645  1.00 23.49 ? 1125 HOH A O   1 
HETATM 1205 O  O   . HOH G 6 .   ? -0.484  -1.295  17.571  1.00 30.17 ? 1126 HOH A O   1 
HETATM 1206 O  O   . HOH G 6 .   ? -14.200 -1.627  -0.533  1.00 23.75 ? 1127 HOH A O   1 
HETATM 1207 O  O   . HOH G 6 .   ? -8.544  -0.132  11.776  1.00 14.29 ? 1128 HOH A O   1 
HETATM 1208 O  O   . HOH G 6 .   ? -9.269  -6.783  -0.305  1.00 40.04 ? 1129 HOH A O   1 
HETATM 1209 O  O   . HOH G 6 .   ? -2.466  -10.160 15.506  1.00 17.89 ? 1130 HOH A O   1 
HETATM 1210 O  O   . HOH G 6 .   ? -14.268 -8.358  -15.050 1.00 41.06 ? 1131 HOH A O   1 
HETATM 1211 O  O   . HOH G 6 .   ? 8.498   -1.819  9.036   1.00 22.33 ? 1132 HOH A O   1 
HETATM 1212 O  O   . HOH G 6 .   ? -6.119  5.726   2.957   1.00 20.14 ? 1133 HOH A O   1 
HETATM 1213 O  O   . HOH G 6 .   ? 7.198   -3.672  5.567   1.00 20.74 ? 1134 HOH A O   1 
HETATM 1214 O  O   . HOH G 6 .   ? 10.487  -7.415  0.076   1.00 59.14 ? 1135 HOH A O   1 
HETATM 1215 O  O   . HOH G 6 .   ? -11.997 -7.102  -15.015 1.00 31.74 ? 1136 HOH A O   1 
HETATM 1216 O  O   . HOH G 6 .   ? -6.975  -0.825  14.385  1.00 18.62 ? 1137 HOH A O   1 
HETATM 1217 O  O   . HOH G 6 .   ? 10.549  11.968  4.165   1.00 49.67 ? 1138 HOH A O   1 
HETATM 1218 O  O   . HOH G 6 .   ? 5.677   7.449   7.000   1.00 22.98 ? 1139 HOH A O   1 
HETATM 1219 O  O   . HOH G 6 .   ? -8.311  -5.430  8.782   1.00 24.68 ? 1140 HOH A O   1 
HETATM 1220 O  O   . HOH G 6 .   ? 3.717   9.262   7.844   1.00 25.45 ? 1141 HOH A O   1 
HETATM 1221 O  O   . HOH G 6 .   ? 2.851   -1.588  -15.573 1.00 23.92 ? 1142 HOH A O   1 
HETATM 1222 O  O   . HOH G 6 .   ? -7.145  10.276  3.706   1.00 26.95 ? 1143 HOH A O   1 
HETATM 1223 O  O   . HOH G 6 .   ? -6.220  6.166   13.648  1.00 39.23 ? 1144 HOH A O   1 
HETATM 1224 O  O   . HOH G 6 .   ? -8.893  -2.641  -16.733 1.00 23.52 ? 1145 HOH A O   1 
HETATM 1225 O  O   . HOH G 6 .   ? 4.278   9.637   15.172  1.00 33.87 ? 1146 HOH A O   1 
HETATM 1226 O  O   . HOH G 6 .   ? 11.653  -6.273  2.408   1.00 32.06 ? 1147 HOH A O   1 
HETATM 1227 O  O   . HOH G 6 .   ? -11.710 -0.327  12.799  1.00 21.42 ? 1148 HOH A O   1 
HETATM 1228 O  O   . HOH G 6 .   ? 8.124   9.671   -3.889  1.00 31.52 ? 1149 HOH A O   1 
HETATM 1229 O  O   . HOH G 6 .   ? -13.931 -7.822  -8.118  1.00 28.93 ? 1150 HOH A O   1 
HETATM 1230 O  O   . HOH G 6 .   ? -9.926  1.816   7.911   1.00 24.90 ? 1151 HOH A O   1 
HETATM 1231 O  O   . HOH G 6 .   ? 12.874  4.209   13.626  1.00 38.04 ? 1152 HOH A O   1 
HETATM 1232 O  O   . HOH G 6 .   ? -11.599 0.357   6.057   1.00 32.80 ? 1153 HOH A O   1 
HETATM 1233 O  O   . HOH G 6 .   ? 1.352   -7.858  22.459  1.00 47.20 ? 1154 HOH A O   1 
HETATM 1234 O  O   . HOH G 6 .   ? 7.495   6.717   -8.271  1.00 34.23 ? 1155 HOH A O   1 
HETATM 1235 O  O   . HOH G 6 .   ? -4.803  -11.333 7.805   1.00 29.76 ? 1156 HOH A O   1 
HETATM 1236 O  O   . HOH G 6 .   ? -9.834  4.614   -19.466 1.00 31.45 ? 1157 HOH A O   1 
HETATM 1237 O  O   . HOH G 6 .   ? -2.663  -11.398 -13.796 1.00 39.41 ? 1158 HOH A O   1 
HETATM 1238 O  O   . HOH G 6 .   ? -4.522  -11.040 -3.530  1.00 58.69 ? 1159 HOH A O   1 
HETATM 1239 O  O   . HOH G 6 .   ? 6.358   8.971   17.309  1.00 31.61 ? 1160 HOH A O   1 
HETATM 1240 O  O   . HOH G 6 .   ? -15.280 -4.128  -1.121  1.00 34.22 ? 1161 HOH A O   1 
HETATM 1241 O  O   . HOH G 6 .   ? 11.284  4.897   4.940   1.00 29.39 ? 1162 HOH A O   1 
HETATM 1242 O  O   . HOH G 6 .   ? -12.627 6.139   -12.909 1.00 42.07 ? 1163 HOH A O   1 
HETATM 1243 O  O   . HOH G 6 .   ? 15.436  0.522   8.923   1.00 52.48 ? 1164 HOH A O   1 
HETATM 1244 O  O   . HOH G 6 .   ? -5.284  -14.084 -16.098 1.00 43.03 ? 1165 HOH A O   1 
HETATM 1245 O  O   . HOH G 6 .   ? -3.024  9.214   -14.903 1.00 33.74 ? 1166 HOH A O   1 
HETATM 1246 O  O   . HOH G 6 .   ? 1.005   1.352   22.124  1.00 35.97 ? 1167 HOH A O   1 
HETATM 1247 O  O   . HOH G 6 .   ? 9.515   -16.865 7.376   1.00 42.39 ? 1168 HOH A O   1 
HETATM 1248 O  O   . HOH G 6 .   ? 9.785   5.514   7.566   1.00 34.13 ? 1169 HOH A O   1 
HETATM 1249 O  O   . HOH G 6 .   ? 8.446   3.069   -11.456 1.00 30.12 ? 1170 HOH A O   1 
HETATM 1250 O  O   . HOH G 6 .   ? 12.877  1.350   2.200   1.00 36.69 ? 1171 HOH A O   1 
HETATM 1251 O  O   . HOH G 6 .   ? 7.515   8.197   8.939   1.00 35.29 ? 1172 HOH A O   1 
HETATM 1252 O  O   . HOH G 6 .   ? -2.455  -1.765  -18.641 1.00 34.95 ? 1173 HOH A O   1 
HETATM 1253 O  O   . HOH G 6 .   ? 0.826   14.637  -7.242  1.00 46.80 ? 1174 HOH A O   1 
HETATM 1254 O  O   . HOH G 6 .   ? -14.437 -8.983  -1.025  1.00 36.29 ? 1175 HOH A O   1 
HETATM 1255 O  O   . HOH G 6 .   ? 5.666   -11.126 -3.906  1.00 37.25 ? 1176 HOH A O   1 
HETATM 1256 O  O   . HOH G 6 .   ? -13.702 -8.410  -3.883  1.00 33.79 ? 1177 HOH A O   1 
HETATM 1257 O  O   . HOH G 6 .   ? 0.697   -10.397 -8.250  1.00 42.93 ? 1178 HOH A O   1 
HETATM 1258 O  O   . HOH G 6 .   ? 0.197   -15.826 4.406   1.00 34.81 ? 1179 HOH A O   1 
HETATM 1259 O  O   . HOH G 6 .   ? 6.769   7.911   13.725  1.00 38.30 ? 1180 HOH A O   1 
HETATM 1260 O  O   . HOH G 6 .   ? 12.602  -2.514  16.694  1.00 44.61 ? 1181 HOH A O   1 
HETATM 1261 O  O   . HOH G 6 .   ? -0.854  10.033  -12.949 1.00 35.33 ? 1182 HOH A O   1 
HETATM 1262 O  O   . HOH G 6 .   ? -12.703 6.686   0.104   1.00 33.53 ? 1183 HOH A O   1 
HETATM 1263 O  O   . HOH G 6 .   ? 8.685   -6.585  -10.328 1.00 46.17 ? 1184 HOH A O   1 
HETATM 1264 O  O   . HOH G 6 .   ? -11.153 15.127  -5.733  1.00 49.69 ? 1185 HOH A O   1 
HETATM 1265 O  O   . HOH G 6 .   ? -3.547  7.117   16.422  1.00 29.41 ? 1186 HOH A O   1 
HETATM 1266 O  O   . HOH G 6 .   ? 13.491  3.265   3.994   1.00 38.67 ? 1187 HOH A O   1 
HETATM 1267 O  O   . HOH G 6 .   ? -16.129 0.918   2.147   1.00 41.49 ? 1188 HOH A O   1 
HETATM 1268 O  O   . HOH G 6 .   ? -18.541 -2.420  -8.258  1.00 39.38 ? 1189 HOH A O   1 
HETATM 1269 O  O   . HOH G 6 .   ? -14.715 -1.301  4.620   1.00 42.10 ? 1190 HOH A O   1 
HETATM 1270 O  O   . HOH G 6 .   ? -11.466 5.589   -17.706 1.00 39.80 ? 1191 HOH A O   1 
HETATM 1271 O  O   . HOH G 6 .   ? -9.557  -6.651  6.779   1.00 39.12 ? 1192 HOH A O   1 
HETATM 1272 O  O   . HOH G 6 .   ? -11.950 -7.664  -1.634  1.00 36.47 ? 1193 HOH A O   1 
HETATM 1273 O  O   . HOH G 6 .   ? 13.532  -7.993  -7.002  1.00 46.32 ? 1194 HOH A O   1 
HETATM 1274 O  O   . HOH G 6 .   ? 3.841   15.019  -6.189  1.00 44.61 ? 1195 HOH A O   1 
HETATM 1275 O  O   . HOH G 6 .   ? -14.755 5.695   -3.655  1.00 36.06 ? 1196 HOH A O   1 
HETATM 1276 O  O   . HOH G 6 .   ? -2.822  -16.029 6.953   1.00 43.41 ? 1197 HOH A O   1 
HETATM 1277 O  O   . HOH G 6 .   ? 8.911   1.266   18.556  1.00 45.06 ? 1198 HOH A O   1 
HETATM 1278 O  O   . HOH G 6 .   ? -1.841  12.851  0.361   1.00 43.75 ? 1199 HOH A O   1 
HETATM 1279 O  O   . HOH G 6 .   ? -5.577  -13.064 3.494   1.00 48.26 ? 1200 HOH A O   1 
HETATM 1280 O  O   . HOH G 6 .   ? 11.739  4.839   17.247  1.00 52.90 ? 1201 HOH A O   1 
HETATM 1281 O  O   . HOH G 6 .   ? -1.813  -12.986 -3.369  1.00 51.36 ? 1202 HOH A O   1 
HETATM 1282 O  O   . HOH G 6 .   ? -16.454 -8.677  -7.794  1.00 46.60 ? 1203 HOH A O   1 
HETATM 1283 O  O   . HOH G 6 .   ? -17.287 1.017   -13.873 1.00 38.78 ? 1204 HOH A O   1 
HETATM 1284 O  O   . HOH G 6 .   ? 0.005   -5.765  -17.827 1.00 53.46 ? 1205 HOH A O   1 
HETATM 1285 O  O   . HOH G 6 .   ? 4.622   3.888   21.979  1.00 45.16 ? 1206 HOH A O   1 
HETATM 1286 O  O   . HOH G 6 .   ? 9.484   -13.220 -4.661  1.00 47.68 ? 1207 HOH A O   1 
HETATM 1287 O  O   . HOH G 6 .   ? -19.238 -0.226  -11.048 1.00 60.89 ? 1208 HOH A O   1 
HETATM 1288 O  O   . HOH G 6 .   ? 13.989  1.475   -7.220  1.00 41.59 ? 1209 HOH A O   1 
HETATM 1289 O  O   . HOH G 6 .   ? -0.727  13.547  4.628   1.00 55.67 ? 1210 HOH A O   1 
HETATM 1290 O  O   . HOH G 6 .   ? 4.826   8.499   23.173  1.00 26.29 ? 1211 HOH A O   1 
HETATM 1291 O  O   . HOH G 6 .   ? 4.111   11.634  6.739   1.00 40.96 ? 1212 HOH A O   1 
HETATM 1292 O  O   . HOH G 6 .   ? 2.084   9.036   22.240  1.00 25.60 ? 1213 HOH A O   1 
HETATM 1293 O  O   . HOH G 6 .   ? 4.374   9.925   20.675  1.00 24.48 ? 1214 HOH A O   1 
HETATM 1294 O  O   . HOH G 6 .   ? 3.185   6.319   22.135  1.00 27.00 ? 1215 HOH A O   1 
HETATM 1295 O  O   . HOH G 6 .   ? -9.401  12.805  0.655   1.00 36.49 ? 1216 HOH A O   1 
HETATM 1296 O  O   . HOH G 6 .   ? -2.803  12.717  3.648   1.00 36.20 ? 1217 HOH A O   1 
HETATM 1297 O  O   . HOH G 6 .   ? -3.980  13.866  1.651   1.00 57.74 ? 1218 HOH A O   1 
HETATM 1298 O  O   . HOH G 6 .   ? -9.756  4.204   12.814  1.00 38.99 ? 1219 HOH A O   1 
HETATM 1299 O  O   . HOH G 6 .   ? -6.792  1.160   -18.306 1.00 27.75 ? 1220 HOH A O   1 
HETATM 1300 O  O   . HOH G 6 .   ? 5.643   -9.598  -6.315  1.00 38.90 ? 1221 HOH A O   1 
HETATM 1301 O  O   . HOH G 6 .   ? -3.438  14.239  -4.651  1.00 46.63 ? 1222 HOH A O   1 
HETATM 1302 O  O   . HOH G 6 .   ? -9.828  17.090  -7.196  1.00 46.92 ? 1223 HOH A O   1 
HETATM 1303 O  O   . HOH G 6 .   ? -11.857 -4.897  5.402   1.00 35.60 ? 1224 HOH A O   1 
HETATM 1304 O  O   . HOH G 6 .   ? 7.126   -1.034  -14.396 1.00 42.96 ? 1225 HOH A O   1 
HETATM 1305 O  O   . HOH G 6 .   ? 3.083   1.020   -14.401 1.00 24.29 ? 1226 HOH A O   1 
HETATM 1306 O  O   . HOH G 6 .   ? 1.498   -5.138  -15.546 1.00 45.65 ? 1227 HOH A O   1 
HETATM 1307 O  O   . HOH G 6 .   ? 1.861   13.704  5.602   1.00 42.74 ? 1228 HOH A O   1 
HETATM 1308 O  O   . HOH G 6 .   ? 7.431   -1.190  6.671   1.00 21.52 ? 1229 HOH A O   1 
HETATM 1309 O  O   . HOH G 6 .   ? -0.330  -17.709 7.277   1.00 43.37 ? 1230 HOH A O   1 
HETATM 1310 O  O   . HOH G 6 .   ? -14.795 4.359   1.596   1.00 36.34 ? 1231 HOH A O   1 
HETATM 1311 O  O   . HOH G 6 .   ? -7.641  2.608   12.899  1.00 24.99 ? 1232 HOH A O   1 
HETATM 1312 O  O   . HOH G 6 .   ? -15.476 -6.599  -16.964 1.00 38.72 ? 1233 HOH A O   1 
HETATM 1313 O  O   . HOH G 6 .   ? 2.194   -16.382 7.523   1.00 33.43 ? 1234 HOH A O   1 
HETATM 1314 O  O   . HOH G 6 .   ? 7.722   -10.780 2.733   1.00 25.04 ? 1235 HOH A O   1 
HETATM 1315 O  O   . HOH G 6 .   ? 6.441   -17.947 4.365   1.00 33.93 ? 1236 HOH A O   1 
HETATM 1316 O  O   . HOH G 6 .   ? 8.658   6.174   18.281  1.00 47.23 ? 1237 HOH A O   1 
HETATM 1317 O  O   . HOH G 6 .   ? -3.125  -15.314 2.736   1.00 48.83 ? 1238 HOH A O   1 
HETATM 1318 O  O   . HOH G 6 .   ? 14.065  -6.546  10.398  1.00 46.86 ? 1239 HOH A O   1 
HETATM 1319 O  O   . HOH G 6 .   ? 8.267   -9.885  16.277  1.00 37.94 ? 1240 HOH A O   1 
# 
